data_3LTJ
# 
_entry.id   3LTJ 
# 
_audit_conform.dict_name       mmcif_pdbx.dic 
_audit_conform.dict_version    5.380 
_audit_conform.dict_location   http://mmcif.pdb.org/dictionaries/ascii/mmcif_pdbx.dic 
# 
loop_
_database_2.database_id 
_database_2.database_code 
_database_2.pdbx_database_accession 
_database_2.pdbx_DOI 
PDB   3LTJ         pdb_00003ltj 10.2210/pdb3ltj/pdb 
RCSB  RCSB057711   ?            ?                   
WWPDB D_1000057711 ?            ?                   
# 
_pdbx_database_related.db_name        PDB 
_pdbx_database_related.db_id          3LTM 
_pdbx_database_related.details        . 
_pdbx_database_related.content_type   unspecified 
# 
_pdbx_database_status.status_code                     REL 
_pdbx_database_status.entry_id                        3LTJ 
_pdbx_database_status.recvd_initial_deposition_date   2010-02-16 
_pdbx_database_status.deposit_site                    RCSB 
_pdbx_database_status.process_site                    PDBJ 
_pdbx_database_status.status_code_sf                  REL 
_pdbx_database_status.status_code_mr                  ? 
_pdbx_database_status.SG_entry                        ? 
_pdbx_database_status.status_code_cs                  ? 
_pdbx_database_status.pdb_format_compatible           Y 
_pdbx_database_status.status_code_nmr_data            ? 
_pdbx_database_status.methods_development_category    ? 
# 
loop_
_audit_author.name 
_audit_author.pdbx_ordinal 
'Urvoas, A.'        1 
'Guellouz, A.'      2 
'Graille, M.'       3 
'van Tilbeurgh, H.' 4 
'Desmadril, M.'     5 
'Minard, P.'        6 
# 
_citation.id                        primary 
_citation.title                     
;Design, production and molecular structure of a new family of artificial alpha-helicoidal repeat proteins ( alpha Rep) based on thermostable HEAT-like repeats
;
_citation.journal_abbrev            J.Mol.Biol. 
_citation.journal_volume            404 
_citation.page_first                307 
_citation.page_last                 327 
_citation.year                      2010 
_citation.journal_id_ASTM           JMOBAK 
_citation.country                   UK 
_citation.journal_id_ISSN           0022-2836 
_citation.journal_id_CSD            0070 
_citation.book_publisher            ? 
_citation.pdbx_database_id_PubMed   20887736 
_citation.pdbx_database_id_DOI      10.1016/j.jmb.2010.09.048 
# 
loop_
_citation_author.citation_id 
_citation_author.name 
_citation_author.ordinal 
_citation_author.identifier_ORCID 
primary 'Urvoas, A.'           1 ? 
primary 'Guellouz, A.'         2 ? 
primary 'Valerio-Lepiniec, M.' 3 ? 
primary 'Graille, M.'          4 ? 
primary 'Durand, D.'           5 ? 
primary 'Desravines, D.C.'     6 ? 
primary 'van Tilbeurgh, H.'    7 ? 
primary 'Desmadril, M.'        8 ? 
primary 'Minard, P.'           9 ? 
# 
_cell.entry_id           3LTJ 
_cell.length_a           64.630 
_cell.length_b           85.180 
_cell.length_c           34.230 
_cell.angle_alpha        90.00 
_cell.angle_beta         90.00 
_cell.angle_gamma        90.00 
_cell.Z_PDB              4 
_cell.pdbx_unique_axis   ? 
_cell.length_a_esd       ? 
_cell.length_b_esd       ? 
_cell.length_c_esd       ? 
_cell.angle_alpha_esd    ? 
_cell.angle_beta_esd     ? 
_cell.angle_gamma_esd    ? 
# 
_symmetry.entry_id                         3LTJ 
_symmetry.space_group_name_H-M             'P 21 21 2' 
_symmetry.pdbx_full_space_group_name_H-M   ? 
_symmetry.cell_setting                     ? 
_symmetry.Int_Tables_number                18 
_symmetry.space_group_name_Hall            ? 
# 
loop_
_entity.id 
_entity.type 
_entity.src_method 
_entity.pdbx_description 
_entity.formula_weight 
_entity.pdbx_number_of_molecules 
_entity.pdbx_ec 
_entity.pdbx_mutation 
_entity.pdbx_fragment 
_entity.details 
1 polymer man AlphaRep-4 22224.102 1   ? ? ? ? 
2 water   nat water      18.015    140 ? ? ? ? 
# 
_entity_poly.entity_id                      1 
_entity_poly.type                           'polypeptide(L)' 
_entity_poly.nstd_linkage                   no 
_entity_poly.nstd_monomer                   no 
_entity_poly.pdbx_seq_one_letter_code       
;MRGSHHHHHHTDPEKVEMYIKNLQDDSYYVRRAAAYALGKIGDERAVEPLIKALKDEDAWVRRAAADALGQIGDERAVEP
LIKALKDEDGWVRQSAAVALGQIGDERAVEPLIKALKDEDWFVRIAAAFALGEIGDERAVEPLIKALKDEDGWVRQSAAD
ALGEIGGERVRAAMEKLAETGTGFARKVAVNYLETHKSLIS
;
_entity_poly.pdbx_seq_one_letter_code_can   
;MRGSHHHHHHTDPEKVEMYIKNLQDDSYYVRRAAAYALGKIGDERAVEPLIKALKDEDAWVRRAAADALGQIGDERAVEP
LIKALKDEDGWVRQSAAVALGQIGDERAVEPLIKALKDEDWFVRIAAAFALGEIGDERAVEPLIKALKDEDGWVRQSAAD
ALGEIGGERVRAAMEKLAETGTGFARKVAVNYLETHKSLIS
;
_entity_poly.pdbx_strand_id                 A 
_entity_poly.pdbx_target_identifier         ? 
# 
loop_
_entity_poly_seq.entity_id 
_entity_poly_seq.num 
_entity_poly_seq.mon_id 
_entity_poly_seq.hetero 
1 1   MET n 
1 2   ARG n 
1 3   GLY n 
1 4   SER n 
1 5   HIS n 
1 6   HIS n 
1 7   HIS n 
1 8   HIS n 
1 9   HIS n 
1 10  HIS n 
1 11  THR n 
1 12  ASP n 
1 13  PRO n 
1 14  GLU n 
1 15  LYS n 
1 16  VAL n 
1 17  GLU n 
1 18  MET n 
1 19  TYR n 
1 20  ILE n 
1 21  LYS n 
1 22  ASN n 
1 23  LEU n 
1 24  GLN n 
1 25  ASP n 
1 26  ASP n 
1 27  SER n 
1 28  TYR n 
1 29  TYR n 
1 30  VAL n 
1 31  ARG n 
1 32  ARG n 
1 33  ALA n 
1 34  ALA n 
1 35  ALA n 
1 36  TYR n 
1 37  ALA n 
1 38  LEU n 
1 39  GLY n 
1 40  LYS n 
1 41  ILE n 
1 42  GLY n 
1 43  ASP n 
1 44  GLU n 
1 45  ARG n 
1 46  ALA n 
1 47  VAL n 
1 48  GLU n 
1 49  PRO n 
1 50  LEU n 
1 51  ILE n 
1 52  LYS n 
1 53  ALA n 
1 54  LEU n 
1 55  LYS n 
1 56  ASP n 
1 57  GLU n 
1 58  ASP n 
1 59  ALA n 
1 60  TRP n 
1 61  VAL n 
1 62  ARG n 
1 63  ARG n 
1 64  ALA n 
1 65  ALA n 
1 66  ALA n 
1 67  ASP n 
1 68  ALA n 
1 69  LEU n 
1 70  GLY n 
1 71  GLN n 
1 72  ILE n 
1 73  GLY n 
1 74  ASP n 
1 75  GLU n 
1 76  ARG n 
1 77  ALA n 
1 78  VAL n 
1 79  GLU n 
1 80  PRO n 
1 81  LEU n 
1 82  ILE n 
1 83  LYS n 
1 84  ALA n 
1 85  LEU n 
1 86  LYS n 
1 87  ASP n 
1 88  GLU n 
1 89  ASP n 
1 90  GLY n 
1 91  TRP n 
1 92  VAL n 
1 93  ARG n 
1 94  GLN n 
1 95  SER n 
1 96  ALA n 
1 97  ALA n 
1 98  VAL n 
1 99  ALA n 
1 100 LEU n 
1 101 GLY n 
1 102 GLN n 
1 103 ILE n 
1 104 GLY n 
1 105 ASP n 
1 106 GLU n 
1 107 ARG n 
1 108 ALA n 
1 109 VAL n 
1 110 GLU n 
1 111 PRO n 
1 112 LEU n 
1 113 ILE n 
1 114 LYS n 
1 115 ALA n 
1 116 LEU n 
1 117 LYS n 
1 118 ASP n 
1 119 GLU n 
1 120 ASP n 
1 121 TRP n 
1 122 PHE n 
1 123 VAL n 
1 124 ARG n 
1 125 ILE n 
1 126 ALA n 
1 127 ALA n 
1 128 ALA n 
1 129 PHE n 
1 130 ALA n 
1 131 LEU n 
1 132 GLY n 
1 133 GLU n 
1 134 ILE n 
1 135 GLY n 
1 136 ASP n 
1 137 GLU n 
1 138 ARG n 
1 139 ALA n 
1 140 VAL n 
1 141 GLU n 
1 142 PRO n 
1 143 LEU n 
1 144 ILE n 
1 145 LYS n 
1 146 ALA n 
1 147 LEU n 
1 148 LYS n 
1 149 ASP n 
1 150 GLU n 
1 151 ASP n 
1 152 GLY n 
1 153 TRP n 
1 154 VAL n 
1 155 ARG n 
1 156 GLN n 
1 157 SER n 
1 158 ALA n 
1 159 ALA n 
1 160 ASP n 
1 161 ALA n 
1 162 LEU n 
1 163 GLY n 
1 164 GLU n 
1 165 ILE n 
1 166 GLY n 
1 167 GLY n 
1 168 GLU n 
1 169 ARG n 
1 170 VAL n 
1 171 ARG n 
1 172 ALA n 
1 173 ALA n 
1 174 MET n 
1 175 GLU n 
1 176 LYS n 
1 177 LEU n 
1 178 ALA n 
1 179 GLU n 
1 180 THR n 
1 181 GLY n 
1 182 THR n 
1 183 GLY n 
1 184 PHE n 
1 185 ALA n 
1 186 ARG n 
1 187 LYS n 
1 188 VAL n 
1 189 ALA n 
1 190 VAL n 
1 191 ASN n 
1 192 TYR n 
1 193 LEU n 
1 194 GLU n 
1 195 THR n 
1 196 HIS n 
1 197 LYS n 
1 198 SER n 
1 199 LEU n 
1 200 ILE n 
1 201 SER n 
# 
_entity_src_gen.entity_id                          1 
_entity_src_gen.pdbx_src_id                        1 
_entity_src_gen.pdbx_alt_source_flag               sample 
_entity_src_gen.pdbx_seq_type                      ? 
_entity_src_gen.pdbx_beg_seq_num                   ? 
_entity_src_gen.pdbx_end_seq_num                   ? 
_entity_src_gen.gene_src_common_name               ? 
_entity_src_gen.gene_src_genus                     ? 
_entity_src_gen.pdbx_gene_src_gene                 ? 
_entity_src_gen.gene_src_species                   ? 
_entity_src_gen.gene_src_strain                    ? 
_entity_src_gen.gene_src_tissue                    ? 
_entity_src_gen.gene_src_tissue_fraction           ? 
_entity_src_gen.gene_src_details                   ? 
_entity_src_gen.pdbx_gene_src_fragment             ? 
_entity_src_gen.pdbx_gene_src_scientific_name      synthetic 
_entity_src_gen.pdbx_gene_src_ncbi_taxonomy_id     32630 
_entity_src_gen.pdbx_gene_src_variant              ? 
_entity_src_gen.pdbx_gene_src_cell_line            ? 
_entity_src_gen.pdbx_gene_src_atcc                 ? 
_entity_src_gen.pdbx_gene_src_organ                ? 
_entity_src_gen.pdbx_gene_src_organelle            ? 
_entity_src_gen.pdbx_gene_src_cell                 ? 
_entity_src_gen.pdbx_gene_src_cellular_location    ? 
_entity_src_gen.host_org_common_name               ? 
_entity_src_gen.pdbx_host_org_scientific_name      'Escherichia coli' 
_entity_src_gen.pdbx_host_org_ncbi_taxonomy_id     562 
_entity_src_gen.host_org_genus                     ? 
_entity_src_gen.pdbx_host_org_gene                 ? 
_entity_src_gen.pdbx_host_org_organ                ? 
_entity_src_gen.host_org_species                   ? 
_entity_src_gen.pdbx_host_org_tissue               ? 
_entity_src_gen.pdbx_host_org_tissue_fraction      ? 
_entity_src_gen.pdbx_host_org_strain               ? 
_entity_src_gen.pdbx_host_org_variant              ? 
_entity_src_gen.pdbx_host_org_cell_line            ? 
_entity_src_gen.pdbx_host_org_atcc                 ? 
_entity_src_gen.pdbx_host_org_culture_collection   ? 
_entity_src_gen.pdbx_host_org_cell                 ? 
_entity_src_gen.pdbx_host_org_organelle            ? 
_entity_src_gen.pdbx_host_org_cellular_location    ? 
_entity_src_gen.pdbx_host_org_vector_type          ? 
_entity_src_gen.pdbx_host_org_vector               ? 
_entity_src_gen.host_org_details                   ? 
_entity_src_gen.expression_system_id               ? 
_entity_src_gen.plasmid_name                       ? 
_entity_src_gen.plasmid_details                    ? 
_entity_src_gen.pdbx_description                   ? 
# 
_struct_ref.id                         1 
_struct_ref.db_name                    PDB 
_struct_ref.db_code                    3LTJ 
_struct_ref.pdbx_db_accession          3LTJ 
_struct_ref.entity_id                  1 
_struct_ref.pdbx_align_begin           ? 
_struct_ref.pdbx_seq_one_letter_code   ? 
_struct_ref.pdbx_db_isoform            ? 
# 
_struct_ref_seq.align_id                      1 
_struct_ref_seq.ref_id                        1 
_struct_ref_seq.pdbx_PDB_id_code              3LTJ 
_struct_ref_seq.pdbx_strand_id                A 
_struct_ref_seq.seq_align_beg                 1 
_struct_ref_seq.pdbx_seq_align_beg_ins_code   ? 
_struct_ref_seq.seq_align_end                 201 
_struct_ref_seq.pdbx_seq_align_end_ins_code   ? 
_struct_ref_seq.pdbx_db_accession             3LTJ 
_struct_ref_seq.db_align_beg                  6 
_struct_ref_seq.pdbx_db_align_beg_ins_code    ? 
_struct_ref_seq.db_align_end                  206 
_struct_ref_seq.pdbx_db_align_end_ins_code    ? 
_struct_ref_seq.pdbx_auth_seq_align_beg       6 
_struct_ref_seq.pdbx_auth_seq_align_end       206 
# 
loop_
_chem_comp.id 
_chem_comp.type 
_chem_comp.mon_nstd_flag 
_chem_comp.name 
_chem_comp.pdbx_synonyms 
_chem_comp.formula 
_chem_comp.formula_weight 
ALA 'L-peptide linking' y ALANINE         ? 'C3 H7 N O2'     89.093  
ARG 'L-peptide linking' y ARGININE        ? 'C6 H15 N4 O2 1' 175.209 
ASN 'L-peptide linking' y ASPARAGINE      ? 'C4 H8 N2 O3'    132.118 
ASP 'L-peptide linking' y 'ASPARTIC ACID' ? 'C4 H7 N O4'     133.103 
GLN 'L-peptide linking' y GLUTAMINE       ? 'C5 H10 N2 O3'   146.144 
GLU 'L-peptide linking' y 'GLUTAMIC ACID' ? 'C5 H9 N O4'     147.129 
GLY 'peptide linking'   y GLYCINE         ? 'C2 H5 N O2'     75.067  
HIS 'L-peptide linking' y HISTIDINE       ? 'C6 H10 N3 O2 1' 156.162 
HOH non-polymer         . WATER           ? 'H2 O'           18.015  
ILE 'L-peptide linking' y ISOLEUCINE      ? 'C6 H13 N O2'    131.173 
LEU 'L-peptide linking' y LEUCINE         ? 'C6 H13 N O2'    131.173 
LYS 'L-peptide linking' y LYSINE          ? 'C6 H15 N2 O2 1' 147.195 
MET 'L-peptide linking' y METHIONINE      ? 'C5 H11 N O2 S'  149.211 
PHE 'L-peptide linking' y PHENYLALANINE   ? 'C9 H11 N O2'    165.189 
PRO 'L-peptide linking' y PROLINE         ? 'C5 H9 N O2'     115.130 
SER 'L-peptide linking' y SERINE          ? 'C3 H7 N O3'     105.093 
THR 'L-peptide linking' y THREONINE       ? 'C4 H9 N O3'     119.119 
TRP 'L-peptide linking' y TRYPTOPHAN      ? 'C11 H12 N2 O2'  204.225 
TYR 'L-peptide linking' y TYROSINE        ? 'C9 H11 N O3'    181.189 
VAL 'L-peptide linking' y VALINE          ? 'C5 H11 N O2'    117.146 
# 
_exptl.entry_id          3LTJ 
_exptl.method            'X-RAY DIFFRACTION' 
_exptl.crystals_number   1 
# 
_exptl_crystal.id                    1 
_exptl_crystal.density_meas          ? 
_exptl_crystal.density_Matthews      2.12 
_exptl_crystal.density_percent_sol   41.98 
_exptl_crystal.description           ? 
_exptl_crystal.F_000                 ? 
_exptl_crystal.preparation           ? 
# 
_exptl_crystal_grow.crystal_id      1 
_exptl_crystal_grow.method          'VAPOR DIFFUSION, SITTING DROP' 
_exptl_crystal_grow.temp            292 
_exptl_crystal_grow.temp_details    ? 
_exptl_crystal_grow.pH              5.6 
_exptl_crystal_grow.pdbx_details    '4% MPD, 0.1M Na citrate pH 5.6, 0.1M MgCl2, VAPOR DIFFUSION, SITTING DROP, temperature 292K' 
_exptl_crystal_grow.pdbx_pH_range   ? 
# 
_diffrn.id                     1 
_diffrn.ambient_temp           100 
_diffrn.ambient_temp_details   ? 
_diffrn.crystal_id             1 
# 
_diffrn_detector.diffrn_id              1 
_diffrn_detector.detector               CCD 
_diffrn_detector.type                   'ADSC QUANTUM 315r' 
_diffrn_detector.pdbx_collection_date   2009-11-27 
_diffrn_detector.details                ? 
# 
_diffrn_radiation.diffrn_id                        1 
_diffrn_radiation.wavelength_id                    1 
_diffrn_radiation.pdbx_monochromatic_or_laue_m_l   M 
_diffrn_radiation.monochromator                    'SAGITALLY FOCUSED Si(111)' 
_diffrn_radiation.pdbx_diffrn_protocol             'SINGLE WAVELENGTH' 
_diffrn_radiation.pdbx_scattering_type             x-ray 
# 
_diffrn_radiation_wavelength.id           1 
_diffrn_radiation_wavelength.wavelength   0.9197 
_diffrn_radiation_wavelength.wt           1.0 
# 
_diffrn_source.diffrn_id                   1 
_diffrn_source.source                      SYNCHROTRON 
_diffrn_source.type                        'SOLEIL BEAMLINE PROXIMA 1' 
_diffrn_source.pdbx_synchrotron_site       SOLEIL 
_diffrn_source.pdbx_synchrotron_beamline   'PROXIMA 1' 
_diffrn_source.pdbx_wavelength             ? 
_diffrn_source.pdbx_wavelength_list        0.9197 
# 
_reflns.entry_id                     3LTJ 
_reflns.observed_criterion_sigma_I   0 
_reflns.observed_criterion_sigma_F   0 
_reflns.d_resolution_low             30 
_reflns.d_resolution_high            1.8 
_reflns.number_obs                   17826 
_reflns.number_all                   ? 
_reflns.percent_possible_obs         97.8 
_reflns.pdbx_Rmerge_I_obs            0.064 
_reflns.pdbx_Rsym_value              0.064 
_reflns.pdbx_netI_over_sigmaI        17 
_reflns.B_iso_Wilson_estimate        21.270 
_reflns.pdbx_redundancy              5.4 
_reflns.R_free_details               ? 
_reflns.limit_h_max                  ? 
_reflns.limit_h_min                  ? 
_reflns.limit_k_max                  ? 
_reflns.limit_k_min                  ? 
_reflns.limit_l_max                  ? 
_reflns.limit_l_min                  ? 
_reflns.observed_criterion_F_max     ? 
_reflns.observed_criterion_F_min     ? 
_reflns.pdbx_chi_squared             ? 
_reflns.pdbx_scaling_rejects         ? 
_reflns.pdbx_ordinal                 1 
_reflns.pdbx_diffrn_id               1 
# 
_reflns_shell.d_res_high             1.8 
_reflns_shell.d_res_low              1.85 
_reflns_shell.percent_possible_all   97.6 
_reflns_shell.Rmerge_I_obs           0.426 
_reflns_shell.pdbx_Rsym_value        ? 
_reflns_shell.meanI_over_sigI_obs    2.9 
_reflns_shell.pdbx_redundancy        5.4 
_reflns_shell.percent_possible_obs   ? 
_reflns_shell.number_unique_all      ? 
_reflns_shell.number_measured_all    ? 
_reflns_shell.number_measured_obs    ? 
_reflns_shell.number_unique_obs      ? 
_reflns_shell.pdbx_chi_squared       ? 
_reflns_shell.pdbx_ordinal           1 
_reflns_shell.pdbx_diffrn_id         1 
# 
_refine.entry_id                                 3LTJ 
_refine.ls_number_reflns_obs                     17789 
_refine.ls_number_reflns_all                     ? 
_refine.pdbx_ls_sigma_I                          ? 
_refine.pdbx_ls_sigma_F                          1.99 
_refine.pdbx_data_cutoff_high_absF               ? 
_refine.pdbx_data_cutoff_low_absF                ? 
_refine.pdbx_data_cutoff_high_rms_absF           ? 
_refine.ls_d_res_low                             25.744 
_refine.ls_d_res_high                            1.800 
_refine.ls_percent_reflns_obs                    97.87 
_refine.ls_R_factor_obs                          0.1768 
_refine.ls_R_factor_all                          0.1768 
_refine.ls_R_factor_R_work                       0.1741 
_refine.ls_R_factor_R_free                       0.2270 
_refine.ls_R_factor_R_free_error                 ? 
_refine.ls_R_factor_R_free_error_details         ? 
_refine.ls_percent_reflns_R_free                 5.01 
_refine.ls_number_reflns_R_free                  891 
_refine.ls_number_parameters                     ? 
_refine.ls_number_restraints                     ? 
_refine.correlation_coeff_Fo_to_Fc               ? 
_refine.correlation_coeff_Fo_to_Fc_free          ? 
_refine.B_iso_mean                               25.137 
_refine.aniso_B[1][1]                            -7.433 
_refine.aniso_B[2][2]                            3.274 
_refine.aniso_B[3][3]                            4.159 
_refine.aniso_B[1][2]                            0.000 
_refine.aniso_B[1][3]                            0.000 
_refine.aniso_B[2][3]                            -0.000 
_refine.solvent_model_details                    'FLAT BULK SOLVENT MODEL' 
_refine.solvent_model_param_ksol                 0.404 
_refine.solvent_model_param_bsol                 57.556 
_refine.pdbx_solvent_vdw_probe_radii             1.11 
_refine.pdbx_solvent_ion_probe_radii             ? 
_refine.pdbx_solvent_shrinkage_radii             0.90 
_refine.pdbx_ls_cross_valid_method               THROUGHOUT 
_refine.details                                  ? 
_refine.pdbx_starting_model                      'PDB ENTRY 3LTM' 
_refine.pdbx_method_to_determine_struct          'MOLECULAR REPLACEMENT' 
_refine.pdbx_isotropic_thermal_model             ? 
_refine.pdbx_stereochemistry_target_values       ML 
_refine.pdbx_stereochem_target_val_spec_case     ? 
_refine.pdbx_R_Free_selection_details            random 
_refine.pdbx_overall_ESU_R_Free                  ? 
_refine.overall_SU_ML                            0.24 
_refine.overall_SU_B                             ? 
_refine.ls_redundancy_reflns_obs                 ? 
_refine.overall_SU_R_Cruickshank_DPI             ? 
_refine.overall_SU_R_free                        ? 
_refine.ls_wR_factor_R_free                      ? 
_refine.ls_wR_factor_R_work                      ? 
_refine.pdbx_refine_id                           'X-RAY DIFFRACTION' 
_refine.overall_FOM_work_R_set                   0.852 
_refine.B_iso_max                                87.63 
_refine.B_iso_min                                11.65 
_refine.pdbx_overall_phase_error                 21.260 
_refine.occupancy_max                            1.00 
_refine.occupancy_min                            0.42 
_refine.overall_FOM_free_R_set                   ? 
_refine.pdbx_overall_ESU_R                       ? 
_refine.pdbx_diffrn_id                           1 
_refine.pdbx_TLS_residual_ADP_flag               ? 
_refine.pdbx_overall_SU_R_free_Cruickshank_DPI   ? 
_refine.pdbx_overall_SU_R_Blow_DPI               ? 
_refine.pdbx_overall_SU_R_free_Blow_DPI          ? 
# 
_refine_hist.pdbx_refine_id                   'X-RAY DIFFRACTION' 
_refine_hist.cycle_id                         LAST 
_refine_hist.pdbx_number_atoms_protein        1487 
_refine_hist.pdbx_number_atoms_nucleic_acid   0 
_refine_hist.pdbx_number_atoms_ligand         0 
_refine_hist.number_atoms_solvent             140 
_refine_hist.number_atoms_total               1627 
_refine_hist.d_res_high                       1.800 
_refine_hist.d_res_low                        25.744 
# 
loop_
_refine_ls_restr.type 
_refine_ls_restr.dev_ideal 
_refine_ls_restr.dev_ideal_target 
_refine_ls_restr.weight 
_refine_ls_restr.number 
_refine_ls_restr.pdbx_refine_id 
_refine_ls_restr.pdbx_restraint_function 
f_bond_d           0.005  ? ? 1517 'X-RAY DIFFRACTION' ? 
f_angle_d          0.892  ? ? 2051 'X-RAY DIFFRACTION' ? 
f_dihedral_angle_d 18.183 ? ? 561  'X-RAY DIFFRACTION' ? 
f_chiral_restr     0.061  ? ? 223  'X-RAY DIFFRACTION' ? 
f_plane_restr      0.004  ? ? 272  'X-RAY DIFFRACTION' ? 
# 
loop_
_refine_ls_shell.pdbx_total_number_of_bins_used 
_refine_ls_shell.d_res_high 
_refine_ls_shell.d_res_low 
_refine_ls_shell.number_reflns_R_work 
_refine_ls_shell.R_factor_R_work 
_refine_ls_shell.percent_reflns_obs 
_refine_ls_shell.R_factor_R_free 
_refine_ls_shell.R_factor_R_free_error 
_refine_ls_shell.percent_reflns_R_free 
_refine_ls_shell.number_reflns_R_free 
_refine_ls_shell.number_reflns_all 
_refine_ls_shell.R_factor_all 
_refine_ls_shell.number_reflns_obs 
_refine_ls_shell.redundancy_reflns_obs 
_refine_ls_shell.pdbx_refine_id 
. 1.8000 1.9128  2757 0.1868 98.00  0.2645 . . 146 . . . . 'X-RAY DIFFRACTION' 
. 1.9128 2.0604  2735 0.1734 97.00  0.2753 . . 143 . . . . 'X-RAY DIFFRACTION' 
. 2.0604 2.2676  2729 0.1695 96.00  0.2224 . . 144 . . . . 'X-RAY DIFFRACTION' 
. 2.2676 2.5955  2794 0.1680 98.00  0.2342 . . 146 . . . . 'X-RAY DIFFRACTION' 
. 2.5955 3.2690  2891 0.1823 100.00 0.2214 . . 153 . . . . 'X-RAY DIFFRACTION' 
. 3.2690 25.7461 2992 0.1684 99.00  0.2101 . . 159 . . . . 'X-RAY DIFFRACTION' 
# 
_struct.entry_id                  3LTJ 
_struct.title                     
'Structure of a new family of artificial alpha helicoidal repeat proteins (alpha-Rep) based on thermostable HEAT-like repeats' 
_struct.pdbx_model_details        ? 
_struct.pdbx_CASP_flag            N 
_struct.pdbx_model_type_details   ? 
# 
_struct_keywords.entry_id        3LTJ 
_struct_keywords.pdbx_keywords   'PROTEIN BINDING' 
_struct_keywords.text            'protein engineering, HEAT-like repeat, PROTEIN BINDING' 
# 
loop_
_struct_asym.id 
_struct_asym.pdbx_blank_PDB_chainid_flag 
_struct_asym.pdbx_modified 
_struct_asym.entity_id 
_struct_asym.details 
A N N 1 ? 
B N N 2 ? 
# 
_struct_biol.id        1 
_struct_biol.details   ? 
# 
loop_
_struct_conf.conf_type_id 
_struct_conf.id 
_struct_conf.pdbx_PDB_helix_id 
_struct_conf.beg_label_comp_id 
_struct_conf.beg_label_asym_id 
_struct_conf.beg_label_seq_id 
_struct_conf.pdbx_beg_PDB_ins_code 
_struct_conf.end_label_comp_id 
_struct_conf.end_label_asym_id 
_struct_conf.end_label_seq_id 
_struct_conf.pdbx_end_PDB_ins_code 
_struct_conf.beg_auth_comp_id 
_struct_conf.beg_auth_asym_id 
_struct_conf.beg_auth_seq_id 
_struct_conf.end_auth_comp_id 
_struct_conf.end_auth_asym_id 
_struct_conf.end_auth_seq_id 
_struct_conf.pdbx_PDB_helix_class 
_struct_conf.details 
_struct_conf.pdbx_PDB_helix_length 
HELX_P HELX_P1  1  ASP A 12  ? LEU A 23  ? ASP A 17  LEU A 28  1 ? 12 
HELX_P HELX_P2  2  SER A 27  ? GLY A 42  ? SER A 32  GLY A 47  1 ? 16 
HELX_P HELX_P3  3  ASP A 43  ? ARG A 45  ? ASP A 48  ARG A 50  5 ? 3  
HELX_P HELX_P4  4  ALA A 46  ? LEU A 54  ? ALA A 51  LEU A 59  1 ? 9  
HELX_P HELX_P5  5  ASP A 58  ? GLY A 73  ? ASP A 63  GLY A 78  1 ? 16 
HELX_P HELX_P6  6  ASP A 74  ? ARG A 76  ? ASP A 79  ARG A 81  5 ? 3  
HELX_P HELX_P7  7  ALA A 77  ? LEU A 85  ? ALA A 82  LEU A 90  1 ? 9  
HELX_P HELX_P8  8  ASP A 89  ? GLY A 104 ? ASP A 94  GLY A 109 1 ? 16 
HELX_P HELX_P9  9  ASP A 105 ? ARG A 107 ? ASP A 110 ARG A 112 5 ? 3  
HELX_P HELX_P10 10 ALA A 108 ? LEU A 116 ? ALA A 113 LEU A 121 1 ? 9  
HELX_P HELX_P11 11 ASP A 120 ? GLY A 135 ? ASP A 125 GLY A 140 1 ? 16 
HELX_P HELX_P12 12 ASP A 136 ? ARG A 138 ? ASP A 141 ARG A 143 5 ? 3  
HELX_P HELX_P13 13 ALA A 139 ? LEU A 147 ? ALA A 144 LEU A 152 1 ? 9  
HELX_P HELX_P14 14 ASP A 151 ? GLY A 166 ? ASP A 156 GLY A 171 1 ? 16 
HELX_P HELX_P15 15 GLY A 167 ? GLY A 181 ? GLY A 172 GLY A 186 1 ? 15 
HELX_P HELX_P16 16 THR A 182 ? HIS A 196 ? THR A 187 HIS A 201 1 ? 15 
# 
_struct_conf_type.id          HELX_P 
_struct_conf_type.criteria    ? 
_struct_conf_type.reference   ? 
# 
_atom_sites.entry_id                    3LTJ 
_atom_sites.fract_transf_matrix[1][1]   0.01263477 
_atom_sites.fract_transf_matrix[1][2]   -0.00480867 
_atom_sites.fract_transf_matrix[1][3]   -0.00752682 
_atom_sites.fract_transf_matrix[2][1]   0.00658358 
_atom_sites.fract_transf_matrix[2][2]   0.00266782 
_atom_sites.fract_transf_matrix[2][3]   0.00934702 
_atom_sites.fract_transf_matrix[3][1]   -0.00399912 
_atom_sites.fract_transf_matrix[3][2]   -0.02696213 
_atom_sites.fract_transf_matrix[3][3]   0.01051229 
_atom_sites.fract_transf_vector[1]      0.545281 
_atom_sites.fract_transf_vector[2]      0.121026 
_atom_sites.fract_transf_vector[3]      0.594377 
# 
loop_
_atom_type.symbol 
C 
N 
O 
S 
# 
loop_
_atom_site.group_PDB 
_atom_site.id 
_atom_site.type_symbol 
_atom_site.label_atom_id 
_atom_site.label_alt_id 
_atom_site.label_comp_id 
_atom_site.label_asym_id 
_atom_site.label_entity_id 
_atom_site.label_seq_id 
_atom_site.pdbx_PDB_ins_code 
_atom_site.Cartn_x 
_atom_site.Cartn_y 
_atom_site.Cartn_z 
_atom_site.occupancy 
_atom_site.B_iso_or_equiv 
_atom_site.pdbx_formal_charge 
_atom_site.auth_seq_id 
_atom_site.auth_comp_id 
_atom_site.auth_asym_id 
_atom_site.auth_atom_id 
_atom_site.pdbx_PDB_model_num 
ATOM   1    N N   . HIS A 1 7   ? -15.086 16.102  -9.142  1.00 47.51 ? 12  HIS A N   1 
ATOM   2    C CA  . HIS A 1 7   ? -14.132 16.549  -8.131  1.00 52.90 ? 12  HIS A CA  1 
ATOM   3    C C   . HIS A 1 7   ? -13.800 18.035  -8.227  1.00 35.64 ? 12  HIS A C   1 
ATOM   4    O O   . HIS A 1 7   ? -14.636 18.847  -8.634  1.00 35.13 ? 12  HIS A O   1 
ATOM   5    C CB  . HIS A 1 7   ? -12.843 15.723  -8.186  1.00 54.70 ? 12  HIS A CB  1 
ATOM   6    C CG  . HIS A 1 7   ? -12.642 14.836  -6.998  1.00 78.38 ? 12  HIS A CG  1 
ATOM   7    N ND1 . HIS A 1 7   ? -12.044 15.275  -5.836  1.00 69.00 ? 12  HIS A ND1 1 
ATOM   8    C CD2 . HIS A 1 7   ? -12.951 13.533  -6.791  1.00 74.59 ? 12  HIS A CD2 1 
ATOM   9    C CE1 . HIS A 1 7   ? -11.996 14.283  -4.964  1.00 66.52 ? 12  HIS A CE1 1 
ATOM   10   N NE2 . HIS A 1 7   ? -12.540 13.215  -5.520  1.00 81.16 ? 12  HIS A NE2 1 
ATOM   11   N N   . HIS A 1 8   ? -12.573 18.379  -7.847  1.00 31.07 ? 13  HIS A N   1 
ATOM   12   C CA  . HIS A 1 8   ? -12.171 19.773  -7.715  1.00 27.45 ? 13  HIS A CA  1 
ATOM   13   C C   . HIS A 1 8   ? -13.214 20.493  -6.887  1.00 30.11 ? 13  HIS A C   1 
ATOM   14   O O   . HIS A 1 8   ? -13.514 21.654  -7.132  1.00 26.69 ? 13  HIS A O   1 
ATOM   15   C CB  . HIS A 1 8   ? -12.058 20.448  -9.078  1.00 23.98 ? 13  HIS A CB  1 
ATOM   16   C CG  . HIS A 1 8   ? -11.032 19.828  -9.969  1.00 28.07 ? 13  HIS A CG  1 
ATOM   17   N ND1 . HIS A 1 8   ? -11.353 19.239  -11.171 1.00 29.26 ? 13  HIS A ND1 1 
ATOM   18   C CD2 . HIS A 1 8   ? -9.692  19.693  -9.825  1.00 33.67 ? 13  HIS A CD2 1 
ATOM   19   C CE1 . HIS A 1 8   ? -10.252 18.774  -11.737 1.00 32.12 ? 13  HIS A CE1 1 
ATOM   20   N NE2 . HIS A 1 8   ? -9.232  19.034  -10.940 1.00 33.02 ? 13  HIS A NE2 1 
ATOM   21   N N   . HIS A 1 9   ? -13.774 19.781  -5.916  1.00 28.59 ? 14  HIS A N   1 
ATOM   22   C CA  . HIS A 1 9   ? -14.808 20.338  -5.062  1.00 29.23 ? 14  HIS A CA  1 
ATOM   23   C C   . HIS A 1 9   ? -14.188 21.194  -3.974  1.00 28.05 ? 14  HIS A C   1 
ATOM   24   O O   . HIS A 1 9   ? -13.170 20.820  -3.395  1.00 25.33 ? 14  HIS A O   1 
ATOM   25   C CB  . HIS A 1 9   ? -15.620 19.218  -4.408  1.00 41.57 ? 14  HIS A CB  1 
ATOM   26   C CG  . HIS A 1 9   ? -16.701 18.664  -5.278  1.00 52.05 ? 14  HIS A CG  1 
ATOM   27   N ND1 . HIS A 1 9   ? -17.591 19.468  -5.961  1.00 71.50 ? 14  HIS A ND1 1 
ATOM   28   C CD2 . HIS A 1 9   ? -17.053 17.388  -5.564  1.00 71.42 ? 14  HIS A CD2 1 
ATOM   29   C CE1 . HIS A 1 9   ? -18.435 18.711  -6.637  1.00 55.77 ? 14  HIS A CE1 1 
ATOM   30   N NE2 . HIS A 1 9   ? -18.130 17.444  -6.415  1.00 71.09 ? 14  HIS A NE2 1 
ATOM   31   N N   . HIS A 1 10  ? -14.793 22.344  -3.705  1.00 21.92 ? 15  HIS A N   1 
ATOM   32   C CA  . HIS A 1 10  ? -14.451 23.091  -2.503  1.00 26.62 ? 15  HIS A CA  1 
ATOM   33   C C   . HIS A 1 10  ? -15.063 22.370  -1.315  1.00 23.60 ? 15  HIS A C   1 
ATOM   34   O O   . HIS A 1 10  ? -16.260 22.116  -1.287  1.00 21.96 ? 15  HIS A O   1 
ATOM   35   C CB  . HIS A 1 10  ? -14.967 24.527  -2.558  1.00 25.80 ? 15  HIS A CB  1 
ATOM   36   C CG  . HIS A 1 10  ? -14.739 25.284  -1.286  1.00 25.26 ? 15  HIS A CG  1 
ATOM   37   N ND1 . HIS A 1 10  ? -13.553 25.929  -1.002  1.00 26.34 ? 15  HIS A ND1 1 
ATOM   38   C CD2 . HIS A 1 10  ? -15.538 25.475  -0.209  1.00 22.64 ? 15  HIS A CD2 1 
ATOM   39   C CE1 . HIS A 1 10  ? -13.635 26.494  0.190   1.00 22.99 ? 15  HIS A CE1 1 
ATOM   40   N NE2 . HIS A 1 10  ? -14.830 26.234  0.692   1.00 27.00 ? 15  HIS A NE2 1 
ATOM   41   N N   . THR A 1 11  ? -14.238 22.026  -0.338  1.00 22.67 ? 16  THR A N   1 
ATOM   42   C CA  . THR A 1 11  ? -14.722 21.271  0.808   1.00 22.37 ? 16  THR A CA  1 
ATOM   43   C C   . THR A 1 11  ? -15.748 22.049  1.634   1.00 28.02 ? 16  THR A C   1 
ATOM   44   O O   . THR A 1 11  ? -15.501 23.178  2.052   1.00 27.07 ? 16  THR A O   1 
ATOM   45   C CB  . THR A 1 11  ? -13.562 20.823  1.708   1.00 30.68 ? 16  THR A CB  1 
ATOM   46   O OG1 . THR A 1 11  ? -12.658 20.015  0.943   1.00 38.53 ? 16  THR A OG1 1 
ATOM   47   C CG2 . THR A 1 11  ? -14.080 20.013  2.878   1.00 31.13 ? 16  THR A CG2 1 
ATOM   48   N N   . ASP A 1 12  ? -16.903 21.431  1.849   1.00 21.13 ? 17  ASP A N   1 
ATOM   49   C CA  . ASP A 1 12  ? -17.947 21.975  2.706   1.00 24.10 ? 17  ASP A CA  1 
ATOM   50   C C   . ASP A 1 12  ? -17.596 21.661  4.157   1.00 31.33 ? 17  ASP A C   1 
ATOM   51   O O   . ASP A 1 12  ? -17.639 20.501  4.573   1.00 23.69 ? 17  ASP A O   1 
ATOM   52   C CB  . ASP A 1 12  ? -19.284 21.336  2.327   1.00 27.72 ? 17  ASP A CB  1 
ATOM   53   C CG  . ASP A 1 12  ? -20.447 21.861  3.146   1.00 55.10 ? 17  ASP A CG  1 
ATOM   54   O OD1 . ASP A 1 12  ? -20.226 22.681  4.061   1.00 44.31 ? 17  ASP A OD1 1 
ATOM   55   O OD2 . ASP A 1 12  ? -21.593 21.446  2.866   1.00 59.12 ? 17  ASP A OD2 1 
ATOM   56   N N   . PRO A 1 13  ? -17.241 22.695  4.935   1.00 28.83 ? 18  PRO A N   1 
ATOM   57   C CA  . PRO A 1 13  ? -16.784 22.486  6.317   1.00 31.74 ? 18  PRO A CA  1 
ATOM   58   C C   . PRO A 1 13  ? -17.825 21.790  7.195   1.00 22.81 ? 18  PRO A C   1 
ATOM   59   O O   . PRO A 1 13  ? -17.450 21.007  8.069   1.00 34.62 ? 18  PRO A O   1 
ATOM   60   C CB  . PRO A 1 13  ? -16.524 23.906  6.829   1.00 32.06 ? 18  PRO A CB  1 
ATOM   61   C CG  . PRO A 1 13  ? -17.277 24.806  5.906   1.00 43.24 ? 18  PRO A CG  1 
ATOM   62   C CD  . PRO A 1 13  ? -17.325 24.121  4.577   1.00 41.20 ? 18  PRO A CD  1 
ATOM   63   N N   . GLU A 1 14  ? -19.104 22.069  6.972   1.00 24.01 ? 19  GLU A N   1 
ATOM   64   C CA  . GLU A 1 14  ? -20.152 21.448  7.775   1.00 29.10 ? 19  GLU A CA  1 
ATOM   65   C C   . GLU A 1 14  ? -20.233 19.951  7.494   1.00 27.09 ? 19  GLU A C   1 
ATOM   66   O O   . GLU A 1 14  ? -20.515 19.158  8.387   1.00 21.28 ? 19  GLU A O   1 
ATOM   67   C CB  . GLU A 1 14  ? -21.507 22.092  7.494   1.00 37.05 ? 19  GLU A CB  1 
ATOM   68   C CG  . GLU A 1 14  ? -21.541 23.594  7.700   1.00 61.39 ? 19  GLU A CG  1 
ATOM   69   C CD  . GLU A 1 14  ? -22.789 24.228  7.114   1.00 85.63 ? 19  GLU A CD  1 
ATOM   70   O OE1 . GLU A 1 14  ? -23.852 23.565  7.111   1.00 67.31 ? 19  GLU A OE1 1 
ATOM   71   O OE2 . GLU A 1 14  ? -22.706 25.387  6.652   1.00 87.63 ? 19  GLU A OE2 1 
ATOM   72   N N   . LYS A 1 15  ? -20.003 19.568  6.245   1.00 23.74 ? 20  LYS A N   1 
ATOM   73   C CA  . LYS A 1 15  ? -20.059 18.160  5.881   1.00 22.46 ? 20  LYS A CA  1 
ATOM   74   C C   . LYS A 1 15  ? -18.885 17.406  6.490   1.00 18.61 ? 20  LYS A C   1 
ATOM   75   O O   . LYS A 1 15  ? -19.040 16.291  6.990   1.00 18.80 ? 20  LYS A O   1 
ATOM   76   C CB  . LYS A 1 15  ? -20.068 17.988  4.361   1.00 20.47 ? 20  LYS A CB  1 
ATOM   77   C CG  . LYS A 1 15  ? -20.316 16.561  3.912   1.00 32.87 ? 20  LYS A CG  1 
ATOM   78   C CD  . LYS A 1 15  ? -20.264 16.448  2.393   1.00 42.38 ? 20  LYS A CD  1 
ATOM   79   C CE  . LYS A 1 15  ? -21.145 17.501  1.734   1.00 59.45 ? 20  LYS A CE  1 
ATOM   80   N NZ  . LYS A 1 15  ? -22.578 17.359  2.108   1.00 54.31 ? 20  LYS A NZ  1 
ATOM   81   N N   . VAL A 1 16  ? -17.702 18.006  6.441   1.00 17.45 ? 21  VAL A N   1 
ATOM   82   C CA  . VAL A 1 16  ? -16.531 17.363  7.011   1.00 19.84 ? 21  VAL A CA  1 
ATOM   83   C C   . VAL A 1 16  ? -16.689 17.239  8.516   1.00 21.17 ? 21  VAL A C   1 
ATOM   84   O O   . VAL A 1 16  ? -16.397 16.193  9.097   1.00 20.22 ? 21  VAL A O   1 
ATOM   85   C CB  . VAL A 1 16  ? -15.242 18.125  6.669   1.00 22.44 ? 21  VAL A CB  1 
ATOM   86   C CG1 . VAL A 1 16  ? -14.089 17.651  7.545   1.00 26.69 ? 21  VAL A CG1 1 
ATOM   87   C CG2 . VAL A 1 16  ? -14.912 17.923  5.209   1.00 28.25 ? 21  VAL A CG2 1 
ATOM   88   N N   . GLU A 1 17  ? -17.171 18.304  9.148   1.00 14.51 ? 22  GLU A N   1 
ATOM   89   C CA  . GLU A 1 17  ? -17.379 18.278  10.589  1.00 15.86 ? 22  GLU A CA  1 
ATOM   90   C C   . GLU A 1 17  ? -18.389 17.191  10.968  1.00 23.85 ? 22  GLU A C   1 
ATOM   91   O O   . GLU A 1 17  ? -18.215 16.493  11.969  1.00 16.16 ? 22  GLU A O   1 
ATOM   92   C CB  . GLU A 1 17  ? -17.835 19.653  11.075  1.00 23.60 ? 22  GLU A CB  1 
ATOM   93   C CG  . GLU A 1 17  ? -17.784 19.840  12.581  1.00 40.61 ? 22  GLU A CG  1 
ATOM   94   C CD  . GLU A 1 17  ? -18.296 21.204  13.018  1.00 77.44 ? 22  GLU A CD  1 
ATOM   95   O OE1 . GLU A 1 17  ? -18.529 21.392  14.232  1.00 47.23 ? 22  GLU A OE1 1 
ATOM   96   O OE2 . GLU A 1 17  ? -18.470 22.087  12.149  1.00 65.14 ? 22  GLU A OE2 1 
ATOM   97   N N   . MET A 1 18  ? -19.438 17.053  10.159  1.00 16.86 ? 23  MET A N   1 
ATOM   98   C CA  . MET A 1 18  ? -20.467 16.037  10.371  1.00 16.39 ? 23  MET A CA  1 
ATOM   99   C C   . MET A 1 18  ? -19.873 14.639  10.367  1.00 14.48 ? 23  MET A C   1 
ATOM   100  O O   . MET A 1 18  ? -20.098 13.853  11.281  1.00 15.49 ? 23  MET A O   1 
ATOM   101  C CB  . MET A 1 18  ? -21.548 16.125  9.289   1.00 19.52 ? 23  MET A CB  1 
ATOM   102  C CG  . MET A 1 18  ? -22.601 15.030  9.387   1.00 24.95 ? 23  MET A CG  1 
ATOM   103  S SD  . MET A 1 18  ? -23.692 14.994  7.954   1.00 21.55 ? 23  MET A SD  1 
ATOM   104  C CE  . MET A 1 18  ? -22.602 14.320  6.692   1.00 21.89 ? 23  MET A CE  1 
ATOM   105  N N   . TYR A 1 19  ? -19.104 14.328  9.329   1.00 19.06 ? 24  TYR A N   1 
ATOM   106  C CA  . TYR A 1 19  ? -18.472 13.019  9.226   1.00 17.67 ? 24  TYR A CA  1 
ATOM   107  C C   . TYR A 1 19  ? -17.407 12.775  10.295  1.00 15.83 ? 24  TYR A C   1 
ATOM   108  O O   . TYR A 1 19  ? -17.304 11.675  10.833  1.00 16.68 ? 24  TYR A O   1 
ATOM   109  C CB  . TYR A 1 19  ? -17.903 12.814  7.825   1.00 16.01 ? 24  TYR A CB  1 
ATOM   110  C CG  . TYR A 1 19  ? -18.948 12.437  6.802   1.00 19.82 ? 24  TYR A CG  1 
ATOM   111  C CD1 . TYR A 1 19  ? -19.702 11.279  6.955   1.00 19.14 ? 24  TYR A CD1 1 
ATOM   112  C CD2 . TYR A 1 19  ? -19.179 13.227  5.682   1.00 19.46 ? 24  TYR A CD2 1 
ATOM   113  C CE1 . TYR A 1 19  ? -20.649 10.910  6.022   1.00 20.14 ? 24  TYR A CE1 1 
ATOM   114  C CE2 . TYR A 1 19  ? -20.136 12.861  4.735   1.00 18.34 ? 24  TYR A CE2 1 
ATOM   115  C CZ  . TYR A 1 19  ? -20.862 11.702  4.913   1.00 23.76 ? 24  TYR A CZ  1 
ATOM   116  O OH  . TYR A 1 19  ? -21.812 11.326  3.990   1.00 26.55 ? 24  TYR A OH  1 
ATOM   117  N N   . ILE A 1 20  ? -16.630 13.798  10.626  1.00 14.72 ? 25  ILE A N   1 
ATOM   118  C CA  . ILE A 1 20  ? -15.671 13.652  11.711  1.00 17.92 ? 25  ILE A CA  1 
ATOM   119  C C   . ILE A 1 20  ? -16.381 13.254  12.999  1.00 17.72 ? 25  ILE A C   1 
ATOM   120  O O   . ILE A 1 20  ? -15.947 12.342  13.701  1.00 15.91 ? 25  ILE A O   1 
ATOM   121  C CB  . ILE A 1 20  ? -14.816 14.916  11.906  1.00 16.82 ? 25  ILE A CB  1 
ATOM   122  C CG1 . ILE A 1 20  ? -13.839 15.056  10.736  1.00 15.63 ? 25  ILE A CG1 1 
ATOM   123  C CG2 . ILE A 1 20  ? -14.079 14.856  13.246  1.00 19.31 ? 25  ILE A CG2 1 
ATOM   124  C CD1 . ILE A 1 20  ? -13.082 16.372  10.692  1.00 18.24 ? 25  ILE A CD1 1 
ATOM   125  N N   . LYS A 1 21  ? -17.498 13.914  13.293  1.00 14.51 ? 26  LYS A N   1 
ATOM   126  C CA  . LYS A 1 21  ? -18.274 13.569  14.476  1.00 14.39 ? 26  LYS A CA  1 
ATOM   127  C C   . LYS A 1 21  ? -18.764 12.127  14.435  1.00 21.33 ? 26  LYS A C   1 
ATOM   128  O O   . LYS A 1 21  ? -18.795 11.447  15.460  1.00 20.70 ? 26  LYS A O   1 
ATOM   129  C CB  . LYS A 1 21  ? -19.455 14.525  14.638  1.00 16.03 ? 26  LYS A CB  1 
ATOM   130  C CG  . LYS A 1 21  ? -20.378 14.158  15.794  1.00 22.89 ? 26  LYS A CG  1 
ATOM   131  C CD  . LYS A 1 21  ? -21.414 15.228  16.003  1.00 24.99 ? 26  LYS A CD  1 
ATOM   132  C CE  . LYS A 1 21  ? -22.276 14.918  17.222  1.00 36.22 ? 26  LYS A CE  1 
ATOM   133  N NZ  . LYS A 1 21  ? -23.147 16.065  17.611  1.00 62.33 ? 26  LYS A NZ  1 
ATOM   134  N N   . ASN A 1 22  ? -19.145 11.662  13.249  1.00 13.30 ? 27  ASN A N   1 
ATOM   135  C CA  . ASN A 1 22  ? -19.652 10.297  13.088  1.00 17.10 ? 27  ASN A CA  1 
ATOM   136  C C   . ASN A 1 22  ? -18.581 9.232   13.311  1.00 16.24 ? 27  ASN A C   1 
ATOM   137  O O   . ASN A 1 22  ? -18.897 8.055   13.453  1.00 18.08 ? 27  ASN A O   1 
ATOM   138  C CB  . ASN A 1 22  ? -20.295 10.098  11.707  1.00 15.04 ? 27  ASN A CB  1 
ATOM   139  C CG  . ASN A 1 22  ? -21.699 10.659  11.631  1.00 20.88 ? 27  ASN A CG  1 
ATOM   140  O OD1 . ASN A 1 22  ? -22.210 11.208  12.604  1.00 23.37 ? 27  ASN A OD1 1 
ATOM   141  N ND2 . ASN A 1 22  ? -22.337 10.517  10.475  1.00 22.60 ? 27  ASN A ND2 1 
ATOM   142  N N   . LEU A 1 23  ? -17.314 9.639   13.327  1.00 17.11 ? 28  LEU A N   1 
ATOM   143  C CA  . LEU A 1 23  ? -16.228 8.720   13.668  1.00 18.31 ? 28  LEU A CA  1 
ATOM   144  C C   . LEU A 1 23  ? -16.282 8.313   15.137  1.00 22.54 ? 28  LEU A C   1 
ATOM   145  O O   . LEU A 1 23  ? -15.581 7.398   15.559  1.00 22.08 ? 28  LEU A O   1 
ATOM   146  C CB  . LEU A 1 23  ? -14.871 9.357   13.372  1.00 15.82 ? 28  LEU A CB  1 
ATOM   147  C CG  . LEU A 1 23  ? -14.484 9.508   11.906  1.00 17.67 ? 28  LEU A CG  1 
ATOM   148  C CD1 . LEU A 1 23  ? -13.180 10.279  11.807  1.00 14.40 ? 28  LEU A CD1 1 
ATOM   149  C CD2 . LEU A 1 23  ? -14.366 8.142   11.228  1.00 18.85 ? 28  LEU A CD2 1 
ATOM   150  N N   . GLN A 1 24  ? -17.099 9.013   15.911  1.00 18.71 ? 29  GLN A N   1 
ATOM   151  C CA  . GLN A 1 24  ? -17.293 8.694   17.323  1.00 27.38 ? 29  GLN A CA  1 
ATOM   152  C C   . GLN A 1 24  ? -18.655 8.052   17.590  1.00 25.18 ? 29  GLN A C   1 
ATOM   153  O O   . GLN A 1 24  ? -19.036 7.850   18.745  1.00 22.60 ? 29  GLN A O   1 
ATOM   154  C CB  . GLN A 1 24  ? -17.131 9.954   18.180  1.00 24.64 ? 29  GLN A CB  1 
ATOM   155  C CG  . GLN A 1 24  ? -15.680 10.293  18.510  1.00 30.24 ? 29  GLN A CG  1 
ATOM   156  C CD  . GLN A 1 24  ? -15.122 9.389   19.587  1.00 44.36 ? 29  GLN A CD  1 
ATOM   157  O OE1 . GLN A 1 24  ? -14.090 8.745   19.403  1.00 45.56 ? 29  GLN A OE1 1 
ATOM   158  N NE2 . GLN A 1 24  ? -15.819 9.314   20.716  1.00 30.01 ? 29  GLN A NE2 1 
ATOM   159  N N   . ASP A 1 25  ? -19.387 7.735   16.524  1.00 18.41 ? 30  ASP A N   1 
ATOM   160  C CA  . ASP A 1 25  ? -20.699 7.121   16.668  1.00 16.96 ? 30  ASP A CA  1 
ATOM   161  C C   . ASP A 1 25  ? -20.602 5.735   17.296  1.00 25.26 ? 30  ASP A C   1 
ATOM   162  O O   . ASP A 1 25  ? -19.599 5.052   17.144  1.00 21.64 ? 30  ASP A O   1 
ATOM   163  C CB  . ASP A 1 25  ? -21.414 7.024   15.323  1.00 16.87 ? 30  ASP A CB  1 
ATOM   164  C CG  . ASP A 1 25  ? -22.905 6.799   15.479  1.00 30.96 ? 30  ASP A CG  1 
ATOM   165  O OD1 . ASP A 1 25  ? -23.645 7.796   15.629  1.00 29.87 ? 30  ASP A OD1 1 
ATOM   166  O OD2 . ASP A 1 25  ? -23.333 5.625   15.454  1.00 20.91 ? 30  ASP A OD2 1 
ATOM   167  N N   . ASP A 1 26  ? -21.639 5.323   18.018  1.00 24.08 ? 31  ASP A N   1 
ATOM   168  C CA  . ASP A 1 26  ? -21.648 3.991   18.621  1.00 22.91 ? 31  ASP A CA  1 
ATOM   169  C C   . ASP A 1 26  ? -21.676 2.878   17.579  1.00 22.46 ? 31  ASP A C   1 
ATOM   170  O O   . ASP A 1 26  ? -21.181 1.776   17.826  1.00 24.28 ? 31  ASP A O   1 
ATOM   171  C CB  . ASP A 1 26  ? -22.843 3.842   19.565  1.00 26.19 ? 31  ASP A CB  1 
ATOM   172  C CG  . ASP A 1 26  ? -22.650 4.597   20.859  1.00 37.30 ? 31  ASP A CG  1 
ATOM   173  O OD1 . ASP A 1 26  ? -21.485 4.909   21.191  1.00 39.21 ? 31  ASP A OD1 1 
ATOM   174  O OD2 . ASP A 1 26  ? -23.656 4.873   21.545  1.00 42.89 ? 31  ASP A OD2 1 
ATOM   175  N N   . SER A 1 27  ? -22.262 3.157   16.417  1.00 20.28 ? 32  SER A N   1 
ATOM   176  C CA  . SER A 1 27  ? -22.412 2.132   15.386  1.00 19.07 ? 32  SER A CA  1 
ATOM   177  C C   . SER A 1 27  ? -21.152 2.019   14.547  1.00 17.02 ? 32  SER A C   1 
ATOM   178  O O   . SER A 1 27  ? -20.685 3.014   14.000  1.00 16.76 ? 32  SER A O   1 
ATOM   179  C CB  . SER A 1 27  ? -23.600 2.449   14.470  1.00 18.59 ? 32  SER A CB  1 
ATOM   180  O OG  . SER A 1 27  ? -23.557 1.654   13.290  1.00 19.92 ? 32  SER A OG  1 
ATOM   181  N N   . TYR A 1 28  ? -20.612 0.809   14.434  1.00 17.03 ? 33  TYR A N   1 
ATOM   182  C CA  . TYR A 1 28  ? -19.434 0.584   13.591  1.00 18.49 ? 33  TYR A CA  1 
ATOM   183  C C   . TYR A 1 28  ? -19.727 0.976   12.148  1.00 19.18 ? 33  TYR A C   1 
ATOM   184  O O   . TYR A 1 28  ? -18.837 1.451   11.438  1.00 18.51 ? 33  TYR A O   1 
ATOM   185  C CB  . TYR A 1 28  ? -19.009 -0.887  13.618  1.00 19.90 ? 33  TYR A CB  1 
ATOM   186  C CG  . TYR A 1 28  ? -19.669 -1.700  12.525  1.00 19.50 ? 33  TYR A CG  1 
ATOM   187  C CD1 . TYR A 1 28  ? -19.066 -1.857  11.289  1.00 27.33 ? 33  TYR A CD1 1 
ATOM   188  C CD2 . TYR A 1 28  ? -20.911 -2.288  12.729  1.00 23.77 ? 33  TYR A CD2 1 
ATOM   189  C CE1 . TYR A 1 28  ? -19.679 -2.581  10.281  1.00 25.44 ? 33  TYR A CE1 1 
ATOM   190  C CE2 . TYR A 1 28  ? -21.530 -3.014  11.727  1.00 27.20 ? 33  TYR A CE2 1 
ATOM   191  C CZ  . TYR A 1 28  ? -20.902 -3.160  10.508  1.00 21.97 ? 33  TYR A CZ  1 
ATOM   192  O OH  . TYR A 1 28  ? -21.515 -3.878  9.507   1.00 32.52 ? 33  TYR A OH  1 
ATOM   193  N N   . TYR A 1 29  ? -20.965 0.751   11.706  1.00 17.92 ? 34  TYR A N   1 
ATOM   194  C CA  . TYR A 1 29  ? -21.330 1.043   10.325  1.00 16.22 ? 34  TYR A CA  1 
ATOM   195  C C   . TYR A 1 29  ? -21.226 2.541   10.040  1.00 19.28 ? 34  TYR A C   1 
ATOM   196  O O   . TYR A 1 29  ? -20.751 2.955   8.980   1.00 14.89 ? 34  TYR A O   1 
ATOM   197  C CB  . TYR A 1 29  ? -22.754 0.563   9.972   1.00 16.90 ? 34  TYR A CB  1 
ATOM   198  C CG  . TYR A 1 29  ? -23.078 1.031   8.577   1.00 22.59 ? 34  TYR A CG  1 
ATOM   199  C CD1 . TYR A 1 29  ? -22.605 0.337   7.473   1.00 27.26 ? 34  TYR A CD1 1 
ATOM   200  C CD2 . TYR A 1 29  ? -23.764 2.218   8.363   1.00 19.18 ? 34  TYR A CD2 1 
ATOM   201  C CE1 . TYR A 1 29  ? -22.846 0.788   6.194   1.00 27.97 ? 34  TYR A CE1 1 
ATOM   202  C CE2 . TYR A 1 29  ? -24.004 2.680   7.090   1.00 16.96 ? 34  TYR A CE2 1 
ATOM   203  C CZ  . TYR A 1 29  ? -23.545 1.957   6.006   1.00 21.36 ? 34  TYR A CZ  1 
ATOM   204  O OH  . TYR A 1 29  ? -23.774 2.411   4.729   1.00 23.24 ? 34  TYR A OH  1 
ATOM   205  N N   . VAL A 1 30  ? -21.698 3.342   10.984  1.00 15.64 ? 35  VAL A N   1 
ATOM   206  C CA  . VAL A 1 30  ? -21.650 4.795   10.850  1.00 15.32 ? 35  VAL A CA  1 
ATOM   207  C C   . VAL A 1 30  ? -20.209 5.295   10.875  1.00 14.91 ? 35  VAL A C   1 
ATOM   208  O O   . VAL A 1 30  ? -19.842 6.199   10.130  1.00 16.11 ? 35  VAL A O   1 
ATOM   209  C CB  . VAL A 1 30  ? -22.473 5.487   11.953  1.00 15.66 ? 35  VAL A CB  1 
ATOM   210  C CG1 . VAL A 1 30  ? -22.231 6.984   11.942  1.00 18.47 ? 35  VAL A CG1 1 
ATOM   211  C CG2 . VAL A 1 30  ? -23.956 5.172   11.770  1.00 16.78 ? 35  VAL A CG2 1 
ATOM   212  N N   . ARG A 1 31  ? -19.385 4.702   11.731  1.00 14.01 ? 36  ARG A N   1 
ATOM   213  C CA  . ARG A 1 31  ? -17.975 5.073   11.767  1.00 16.47 ? 36  ARG A CA  1 
ATOM   214  C C   . ARG A 1 31  ? -17.258 4.694   10.468  1.00 15.45 ? 36  ARG A C   1 
ATOM   215  O O   . ARG A 1 31  ? -16.481 5.484   9.934   1.00 16.39 ? 36  ARG A O   1 
ATOM   216  C CB  . ARG A 1 31  ? -17.272 4.443   12.978  1.00 21.07 ? 36  ARG A CB  1 
ATOM   217  C CG  . ARG A 1 31  ? -17.885 4.856   14.318  1.00 15.14 ? 36  ARG A CG  1 
ATOM   218  C CD  . ARG A 1 31  ? -16.948 4.578   15.496  1.00 16.32 ? 36  ARG A CD  1 
ATOM   219  N NE  . ARG A 1 31  ? -16.499 3.185   15.581  1.00 17.04 ? 36  ARG A NE  1 
ATOM   220  C CZ  . ARG A 1 31  ? -17.221 2.186   16.080  1.00 18.39 ? 36  ARG A CZ  1 
ATOM   221  N NH1 . ARG A 1 31  ? -18.446 2.406   16.532  1.00 19.49 ? 36  ARG A NH1 1 
ATOM   222  N NH2 . ARG A 1 31  ? -16.714 0.959   16.134  1.00 16.89 ? 36  ARG A NH2 1 
ATOM   223  N N   . ARG A 1 32  ? -17.532 3.493   9.965   1.00 15.88 ? 37  ARG A N   1 
ATOM   224  C CA  . ARG A 1 32  ? -16.970 3.003   8.706   1.00 19.94 ? 37  ARG A CA  1 
ATOM   225  C C   . ARG A 1 32  ? -17.345 3.926   7.549   1.00 20.83 ? 37  ARG A C   1 
ATOM   226  O O   . ARG A 1 32  ? -16.483 4.365   6.779   1.00 17.37 ? 37  ARG A O   1 
ATOM   227  C CB  . ARG A 1 32  ? -17.527 1.604   8.419   1.00 17.81 ? 37  ARG A CB  1 
ATOM   228  C CG  . ARG A 1 32  ? -16.643 0.676   7.606   1.00 23.15 ? 37  ARG A CG  1 
ATOM   229  C CD  . ARG A 1 32  ? -16.494 1.089   6.151   1.00 31.14 ? 37  ARG A CD  1 
ATOM   230  N NE  . ARG A 1 32  ? -17.758 1.452   5.518   1.00 38.34 ? 37  ARG A NE  1 
ATOM   231  C CZ  . ARG A 1 32  ? -17.937 1.512   4.200   1.00 34.61 ? 37  ARG A CZ  1 
ATOM   232  N NH1 . ARG A 1 32  ? -16.944 1.209   3.378   1.00 42.65 ? 37  ARG A NH1 1 
ATOM   233  N NH2 . ARG A 1 32  ? -19.112 1.869   3.702   1.00 38.50 ? 37  ARG A NH2 1 
ATOM   234  N N   . ALA A 1 33  ? -18.643 4.189   7.419   1.00 16.57 ? 38  ALA A N   1 
ATOM   235  C CA  . ALA A 1 33  ? -19.156 5.087   6.384   1.00 12.53 ? 38  ALA A CA  1 
ATOM   236  C C   . ALA A 1 33  ? -18.558 6.491   6.469   1.00 18.69 ? 38  ALA A C   1 
ATOM   237  O O   . ALA A 1 33  ? -18.302 7.125   5.441   1.00 18.60 ? 38  ALA A O   1 
ATOM   238  C CB  . ALA A 1 33  ? -20.682 5.154   6.452   1.00 20.07 ? 38  ALA A CB  1 
ATOM   239  N N   . ALA A 1 34  ? -18.340 6.981   7.686   1.00 14.23 ? 39  ALA A N   1 
ATOM   240  C CA  . ALA A 1 34  ? -17.725 8.298   7.867   1.00 14.14 ? 39  ALA A CA  1 
ATOM   241  C C   . ALA A 1 34  ? -16.284 8.308   7.381   1.00 15.77 ? 39  ALA A C   1 
ATOM   242  O O   . ALA A 1 34  ? -15.856 9.237   6.701   1.00 14.81 ? 39  ALA A O   1 
ATOM   243  C CB  . ALA A 1 34  ? -17.804 8.753   9.334   1.00 11.71 ? 39  ALA A CB  1 
ATOM   244  N N   . ALA A 1 35  ? -15.525 7.276   7.729   1.00 13.92 ? 40  ALA A N   1 
ATOM   245  C CA  . ALA A 1 35  ? -14.164 7.163   7.221   1.00 16.82 ? 40  ALA A CA  1 
ATOM   246  C C   . ALA A 1 35  ? -14.169 7.136   5.700   1.00 15.69 ? 40  ALA A C   1 
ATOM   247  O O   . ALA A 1 35  ? -13.394 7.840   5.055   1.00 16.31 ? 40  ALA A O   1 
ATOM   248  C CB  . ALA A 1 35  ? -13.490 5.911   7.772   1.00 16.22 ? 40  ALA A CB  1 
ATOM   249  N N   . TYR A 1 36  ? -15.048 6.317   5.130   1.00 16.69 ? 41  TYR A N   1 
ATOM   250  C CA  . TYR A 1 36  ? -15.157 6.208   3.680   1.00 17.26 ? 41  TYR A CA  1 
ATOM   251  C C   . TYR A 1 36  ? -15.465 7.567   3.063   1.00 16.06 ? 41  TYR A C   1 
ATOM   252  O O   . TYR A 1 36  ? -14.809 7.996   2.112   1.00 18.26 ? 41  TYR A O   1 
ATOM   253  C CB  . TYR A 1 36  ? -16.238 5.194   3.303   1.00 16.61 ? 41  TYR A CB  1 
ATOM   254  C CG  . TYR A 1 36  ? -16.491 5.093   1.815   1.00 19.66 ? 41  TYR A CG  1 
ATOM   255  C CD1 . TYR A 1 36  ? -15.682 4.300   1.005   1.00 28.14 ? 41  TYR A CD1 1 
ATOM   256  C CD2 . TYR A 1 36  ? -17.537 5.787   1.217   1.00 22.20 ? 41  TYR A CD2 1 
ATOM   257  C CE1 . TYR A 1 36  ? -15.914 4.203   -0.359  1.00 33.84 ? 41  TYR A CE1 1 
ATOM   258  C CE2 . TYR A 1 36  ? -17.777 5.693   -0.145  1.00 26.79 ? 41  TYR A CE2 1 
ATOM   259  C CZ  . TYR A 1 36  ? -16.967 4.900   -0.925  1.00 34.63 ? 41  TYR A CZ  1 
ATOM   260  O OH  . TYR A 1 36  ? -17.203 4.811   -2.280  1.00 40.10 ? 41  TYR A OH  1 
ATOM   261  N N   . ALA A 1 37  ? -16.461 8.248   3.618   1.00 16.74 ? 42  ALA A N   1 
ATOM   262  C CA  . ALA A 1 37  ? -16.837 9.569   3.136   1.00 15.93 ? 42  ALA A CA  1 
ATOM   263  C C   . ALA A 1 37  ? -15.673 10.546  3.226   1.00 16.20 ? 42  ALA A C   1 
ATOM   264  O O   . ALA A 1 37  ? -15.427 11.323  2.303   1.00 16.09 ? 42  ALA A O   1 
ATOM   265  C CB  . ALA A 1 37  ? -18.037 10.099  3.924   1.00 12.80 ? 42  ALA A CB  1 
ATOM   266  N N   . LEU A 1 38  ? -14.957 10.520  4.346   1.00 12.57 ? 43  LEU A N   1 
ATOM   267  C CA  . LEU A 1 38  ? -13.852 11.457  4.533   1.00 13.74 ? 43  LEU A CA  1 
ATOM   268  C C   . LEU A 1 38  ? -12.718 11.214  3.532   1.00 15.28 ? 43  LEU A C   1 
ATOM   269  O O   . LEU A 1 38  ? -12.072 12.157  3.076   1.00 15.42 ? 43  LEU A O   1 
ATOM   270  C CB  . LEU A 1 38  ? -13.330 11.405  5.968   1.00 14.45 ? 43  LEU A CB  1 
ATOM   271  C CG  . LEU A 1 38  ? -14.313 12.010  6.970   1.00 12.33 ? 43  LEU A CG  1 
ATOM   272  C CD1 . LEU A 1 38  ? -13.934 11.677  8.405   1.00 14.29 ? 43  LEU A CD1 1 
ATOM   273  C CD2 . LEU A 1 38  ? -14.436 13.529  6.779   1.00 18.55 ? 43  LEU A CD2 1 
ATOM   274  N N   . GLY A 1 39  ? -12.475 9.953   3.199   1.00 14.92 ? 44  GLY A N   1 
ATOM   275  C CA  . GLY A 1 39  ? -11.465 9.629   2.198   1.00 13.17 ? 44  GLY A CA  1 
ATOM   276  C C   . GLY A 1 39  ? -11.829 10.229  0.850   1.00 17.06 ? 44  GLY A C   1 
ATOM   277  O O   . GLY A 1 39  ? -10.975 10.754  0.125   1.00 24.80 ? 44  GLY A O   1 
ATOM   278  N N   . LYS A 1 40  ? -13.108 10.156  0.511   1.00 20.75 ? 45  LYS A N   1 
ATOM   279  C CA  . LYS A 1 40  ? -13.585 10.660  -0.770  1.00 20.48 ? 45  LYS A CA  1 
ATOM   280  C C   . LYS A 1 40  ? -13.534 12.185  -0.835  1.00 26.88 ? 45  LYS A C   1 
ATOM   281  O O   . LYS A 1 40  ? -13.206 12.760  -1.876  1.00 27.06 ? 45  LYS A O   1 
ATOM   282  C CB  . LYS A 1 40  ? -14.994 10.141  -1.058  1.00 21.05 ? 45  LYS A CB  1 
ATOM   283  C CG  . LYS A 1 40  ? -15.050 8.632   -1.304  1.00 29.81 ? 45  LYS A CG  1 
ATOM   284  C CD  . LYS A 1 40  ? -14.687 8.283   -2.743  1.00 39.20 ? 45  LYS A CD  1 
ATOM   285  C CE  . LYS A 1 40  ? -14.735 6.781   -2.991  1.00 54.20 ? 45  LYS A CE  1 
ATOM   286  N NZ  . LYS A 1 40  ? -13.563 6.075   -2.400  1.00 63.85 ? 45  LYS A NZ  1 
ATOM   287  N N   . ILE A 1 41  ? -13.843 12.840  0.278   1.00 17.72 ? 46  ILE A N   1 
ATOM   288  C CA  . ILE A 1 41  ? -13.777 14.295  0.349   1.00 20.34 ? 46  ILE A CA  1 
ATOM   289  C C   . ILE A 1 41  ? -12.337 14.775  0.177   1.00 27.15 ? 46  ILE A C   1 
ATOM   290  O O   . ILE A 1 41  ? -12.087 15.805  -0.458  1.00 26.67 ? 46  ILE A O   1 
ATOM   291  C CB  . ILE A 1 41  ? -14.369 14.826  1.674   1.00 20.30 ? 46  ILE A CB  1 
ATOM   292  C CG1 . ILE A 1 41  ? -15.881 14.595  1.706   1.00 21.07 ? 46  ILE A CG1 1 
ATOM   293  C CG2 . ILE A 1 41  ? -14.048 16.305  1.853   1.00 23.88 ? 46  ILE A CG2 1 
ATOM   294  C CD1 . ILE A 1 41  ? -16.482 14.683  3.094   1.00 26.33 ? 46  ILE A CD1 1 
ATOM   295  N N   . GLY A 1 42  ? -11.396 14.024  0.746   1.00 24.65 ? 47  GLY A N   1 
ATOM   296  C CA  . GLY A 1 42  ? -9.980  14.279  0.550   1.00 24.28 ? 47  GLY A CA  1 
ATOM   297  C C   . GLY A 1 42  ? -9.387  15.457  1.307   1.00 26.49 ? 47  GLY A C   1 
ATOM   298  O O   . GLY A 1 42  ? -8.287  15.911  0.983   1.00 29.03 ? 47  GLY A O   1 
ATOM   299  N N   . ASP A 1 43  ? -10.096 15.949  2.319   1.00 24.03 ? 48  ASP A N   1 
ATOM   300  C CA  . ASP A 1 43  ? -9.636  17.128  3.058   1.00 25.78 ? 48  ASP A CA  1 
ATOM   301  C C   . ASP A 1 43  ? -8.761  16.787  4.272   1.00 34.84 ? 48  ASP A C   1 
ATOM   302  O O   . ASP A 1 43  ? -9.099  15.928  5.085   1.00 26.17 ? 48  ASP A O   1 
ATOM   303  C CB  . ASP A 1 43  ? -10.823 18.002  3.477   1.00 28.52 ? 48  ASP A CB  1 
ATOM   304  C CG  . ASP A 1 43  ? -10.390 19.346  4.038   1.00 43.18 ? 48  ASP A CG  1 
ATOM   305  O OD1 . ASP A 1 43  ? -9.820  19.373  5.146   1.00 33.72 ? 48  ASP A OD1 1 
ATOM   306  O OD2 . ASP A 1 43  ? -10.623 20.378  3.374   1.00 42.70 ? 48  ASP A OD2 1 
ATOM   307  N N   . GLU A 1 44  ? -7.642  17.486  4.398   1.00 26.97 ? 49  GLU A N   1 
ATOM   308  C CA  . GLU A 1 44  ? -6.658  17.184  5.432   1.00 27.08 ? 49  GLU A CA  1 
ATOM   309  C C   . GLU A 1 44  ? -7.144  17.431  6.867   1.00 20.88 ? 49  GLU A C   1 
ATOM   310  O O   . GLU A 1 44  ? -6.515  16.975  7.818   1.00 23.16 ? 49  GLU A O   1 
ATOM   311  C CB  . GLU A 1 44  ? -5.354  17.924  5.145   1.00 33.34 ? 49  GLU A CB  1 
ATOM   312  C CG  . GLU A 1 44  ? -4.686  17.436  3.860   1.00 43.20 ? 49  GLU A CG  1 
ATOM   313  C CD  . GLU A 1 44  ? -3.413  18.191  3.524   1.00 69.98 ? 49  GLU A CD  1 
ATOM   314  O OE1 . GLU A 1 44  ? -3.433  19.442  3.536   1.00 66.43 ? 49  GLU A OE1 1 
ATOM   315  O OE2 . GLU A 1 44  ? -2.394  17.526  3.237   1.00 59.12 ? 49  GLU A OE2 1 
ATOM   316  N N   . ARG A 1 45  ? -8.265  18.127  7.027   1.00 22.56 ? 50  ARG A N   1 
ATOM   317  C CA  . ARG A 1 45  ? -8.867  18.266  8.355   1.00 22.55 ? 50  ARG A CA  1 
ATOM   318  C C   . ARG A 1 45  ? -9.242  16.906  8.926   1.00 22.51 ? 50  ARG A C   1 
ATOM   319  O O   . ARG A 1 45  ? -9.373  16.745  10.143  1.00 22.66 ? 50  ARG A O   1 
ATOM   320  C CB  . ARG A 1 45  ? -10.102 19.164  8.311   1.00 25.14 ? 50  ARG A CB  1 
ATOM   321  C CG  . ARG A 1 45  ? -9.787  20.631  8.479   1.00 35.44 ? 50  ARG A CG  1 
ATOM   322  C CD  . ARG A 1 45  ? -10.982 21.501  8.122   1.00 37.62 ? 50  ARG A CD  1 
ATOM   323  N NE  . ARG A 1 45  ? -11.219 21.521  6.682   1.00 41.19 ? 50  ARG A NE  1 
ATOM   324  C CZ  . ARG A 1 45  ? -11.690 22.573  6.022   1.00 55.05 ? 50  ARG A CZ  1 
ATOM   325  N NH1 . ARG A 1 45  ? -11.968 23.696  6.669   1.00 39.04 ? 50  ARG A NH1 1 
ATOM   326  N NH2 . ARG A 1 45  ? -11.871 22.506  4.711   1.00 36.70 ? 50  ARG A NH2 1 
ATOM   327  N N   . ALA A 1 46  ? -9.413  15.929  8.042   1.00 17.67 ? 51  ALA A N   1 
ATOM   328  C CA  . ALA A 1 46  ? -9.834  14.593  8.446   1.00 16.94 ? 51  ALA A CA  1 
ATOM   329  C C   . ALA A 1 46  ? -8.683  13.706  8.906   1.00 13.17 ? 51  ALA A C   1 
ATOM   330  O O   . ALA A 1 46  ? -8.910  12.642  9.471   1.00 15.45 ? 51  ALA A O   1 
ATOM   331  C CB  . ALA A 1 46  ? -10.592 13.911  7.309   1.00 22.07 ? 51  ALA A CB  1 
ATOM   332  N N   . VAL A 1 47  ? -7.451  14.142  8.669   1.00 15.70 ? 52  VAL A N   1 
ATOM   333  C CA  . VAL A 1 47  ? -6.290  13.282  8.903   1.00 16.00 ? 52  VAL A CA  1 
ATOM   334  C C   . VAL A 1 47  ? -6.136  12.853  10.364  1.00 20.32 ? 52  VAL A C   1 
ATOM   335  O O   . VAL A 1 47  ? -6.057  11.666  10.654  1.00 15.06 ? 52  VAL A O   1 
ATOM   336  C CB  . VAL A 1 47  ? -5.002  13.926  8.373   1.00 19.17 ? 52  VAL A CB  1 
ATOM   337  C CG1 . VAL A 1 47  ? -3.770  13.174  8.876   1.00 19.13 ? 52  VAL A CG1 1 
ATOM   338  C CG2 . VAL A 1 47  ? -5.034  13.963  6.844   1.00 19.18 ? 52  VAL A CG2 1 
ATOM   339  N N   . GLU A 1 48  ? -6.110  13.803  11.290  1.00 18.83 ? 53  GLU A N   1 
ATOM   340  C CA  . GLU A 1 48  ? -5.919  13.434  12.694  1.00 18.74 ? 53  GLU A CA  1 
ATOM   341  C C   . GLU A 1 48  ? -7.088  12.592  13.239  1.00 13.37 ? 53  GLU A C   1 
ATOM   342  O O   . GLU A 1 48  ? -6.868  11.622  13.954  1.00 15.32 ? 53  GLU A O   1 
ATOM   343  C CB  . GLU A 1 48  ? -5.635  14.667  13.569  1.00 17.25 ? 53  GLU A CB  1 
ATOM   344  C CG  . GLU A 1 48  ? -4.293  15.351  13.270  1.00 19.83 ? 53  GLU A CG  1 
ATOM   345  C CD  . GLU A 1 48  ? -3.083  14.533  13.713  1.00 33.34 ? 53  GLU A CD  1 
ATOM   346  O OE1 . GLU A 1 48  ? -3.231  13.653  14.590  1.00 36.11 ? 53  GLU A OE1 1 
ATOM   347  O OE2 . GLU A 1 48  ? -1.974  14.776  13.185  1.00 27.72 ? 53  GLU A OE2 1 
ATOM   348  N N   . PRO A 1 49  ? -8.335  12.946  12.882  1.00 15.53 ? 54  PRO A N   1 
ATOM   349  C CA  . PRO A 1 49  ? -9.444  12.081  13.298  1.00 15.19 ? 54  PRO A CA  1 
ATOM   350  C C   . PRO A 1 49  ? -9.319  10.663  12.731  1.00 12.63 ? 54  PRO A C   1 
ATOM   351  O O   . PRO A 1 49  ? -9.599  9.690   13.427  1.00 15.71 ? 54  PRO A O   1 
ATOM   352  C CB  . PRO A 1 49  ? -10.677 12.801  12.733  1.00 16.19 ? 54  PRO A CB  1 
ATOM   353  C CG  . PRO A 1 49  ? -10.264 14.246  12.702  1.00 18.78 ? 54  PRO A CG  1 
ATOM   354  C CD  . PRO A 1 49  ? -8.812  14.214  12.301  1.00 18.25 ? 54  PRO A CD  1 
ATOM   355  N N   . LEU A 1 50  ? -8.888  10.548  11.482  1.00 17.31 ? 55  LEU A N   1 
ATOM   356  C CA  . LEU A 1 50  ? -8.725  9.240   10.859  1.00 17.65 ? 55  LEU A CA  1 
ATOM   357  C C   . LEU A 1 50  ? -7.564  8.444   11.460  1.00 15.07 ? 55  LEU A C   1 
ATOM   358  O O   . LEU A 1 50  ? -7.624  7.218   11.570  1.00 16.25 ? 55  LEU A O   1 
ATOM   359  C CB  . LEU A 1 50  ? -8.537  9.403   9.351   1.00 12.72 ? 55  LEU A CB  1 
ATOM   360  C CG  . LEU A 1 50  ? -9.838  9.727   8.607   1.00 16.82 ? 55  LEU A CG  1 
ATOM   361  C CD1 . LEU A 1 50  ? -9.514  10.045  7.165   1.00 20.64 ? 55  LEU A CD1 1 
ATOM   362  C CD2 . LEU A 1 50  ? -10.829 8.576   8.709   1.00 19.15 ? 55  LEU A CD2 1 
ATOM   363  N N   . ILE A 1 51  ? -6.499  9.140   11.837  1.00 14.80 ? 56  ILE A N   1 
ATOM   364  C CA  . ILE A 1 51  ? -5.394  8.487   12.538  1.00 14.28 ? 56  ILE A CA  1 
ATOM   365  C C   . ILE A 1 51  ? -5.894  7.832   13.823  1.00 21.04 ? 56  ILE A C   1 
ATOM   366  O O   . ILE A 1 51  ? -5.473  6.739   14.181  1.00 15.74 ? 56  ILE A O   1 
ATOM   367  C CB  . ILE A 1 51  ? -4.245  9.477   12.822  1.00 17.97 ? 56  ILE A CB  1 
ATOM   368  C CG1 . ILE A 1 51  ? -3.527  9.804   11.506  1.00 19.87 ? 56  ILE A CG1 1 
ATOM   369  C CG2 . ILE A 1 51  ? -3.268  8.891   13.829  1.00 21.97 ? 56  ILE A CG2 1 
ATOM   370  C CD1 . ILE A 1 51  ? -2.556  10.973  11.588  1.00 20.57 ? 56  ILE A CD1 1 
ATOM   371  N N   . LYS A 1 52  ? -6.814  8.494   14.512  1.00 18.89 ? 57  LYS A N   1 
ATOM   372  C CA  . LYS A 1 52  ? -7.421  7.893   15.695  1.00 17.89 ? 57  LYS A CA  1 
ATOM   373  C C   . LYS A 1 52  ? -8.305  6.688   15.344  1.00 16.14 ? 57  LYS A C   1 
ATOM   374  O O   . LYS A 1 52  ? -8.284  5.673   16.033  1.00 20.25 ? 57  LYS A O   1 
ATOM   375  C CB  . LYS A 1 52  ? -8.246  8.920   16.473  1.00 18.07 ? 57  LYS A CB  1 
ATOM   376  C CG  . LYS A 1 52  ? -9.067  8.269   17.577  1.00 19.01 ? 57  LYS A CG  1 
ATOM   377  C CD  . LYS A 1 52  ? -9.912  9.278   18.342  1.00 28.39 ? 57  LYS A CD  1 
ATOM   378  C CE  . LYS A 1 52  ? -10.697 8.588   19.442  1.00 23.68 ? 57  LYS A CE  1 
ATOM   379  N NZ  . LYS A 1 52  ? -11.493 9.551   20.268  1.00 29.24 ? 57  LYS A NZ  1 
ATOM   380  N N   . ALA A 1 53  ? -9.088  6.813   14.278  1.00 14.85 ? 58  ALA A N   1 
ATOM   381  C CA  . ALA A 1 53  ? -9.954  5.719   13.844  1.00 14.27 ? 58  ALA A CA  1 
ATOM   382  C C   . ALA A 1 53  ? -9.133  4.508   13.392  1.00 16.88 ? 58  ALA A C   1 
ATOM   383  O O   . ALA A 1 53  ? -9.642  3.396   13.298  1.00 19.80 ? 58  ALA A O   1 
ATOM   384  C CB  . ALA A 1 53  ? -10.859 6.184   12.729  1.00 13.53 ? 58  ALA A CB  1 
ATOM   385  N N   . LEU A 1 54  ? -7.860  4.743   13.103  1.00 19.16 ? 59  LEU A N   1 
ATOM   386  C CA  . LEU A 1 54  ? -6.958  3.680   12.682  1.00 20.17 ? 59  LEU A CA  1 
ATOM   387  C C   . LEU A 1 54  ? -6.696  2.735   13.861  1.00 24.53 ? 59  LEU A C   1 
ATOM   388  O O   . LEU A 1 54  ? -6.176  1.630   13.682  1.00 27.93 ? 59  LEU A O   1 
ATOM   389  C CB  . LEU A 1 54  ? -5.663  4.310   12.168  1.00 21.82 ? 59  LEU A CB  1 
ATOM   390  C CG  . LEU A 1 54  ? -4.711  3.511   11.292  1.00 31.81 ? 59  LEU A CG  1 
ATOM   391  C CD1 . LEU A 1 54  ? -5.451  2.918   10.105  1.00 22.70 ? 59  LEU A CD1 1 
ATOM   392  C CD2 . LEU A 1 54  ? -3.589  4.429   10.841  1.00 21.02 ? 59  LEU A CD2 1 
ATOM   393  N N   . LYS A 1 55  ? -7.070  3.186   15.062  1.00 15.92 ? 60  LYS A N   1 
ATOM   394  C CA  . LYS A 1 55  ? -7.018  2.386   16.290  1.00 21.63 ? 60  LYS A CA  1 
ATOM   395  C C   . LYS A 1 55  ? -8.390  1.883   16.759  1.00 24.43 ? 60  LYS A C   1 
ATOM   396  O O   . LYS A 1 55  ? -8.517  1.347   17.868  1.00 21.82 ? 60  LYS A O   1 
ATOM   397  C CB  . LYS A 1 55  ? -6.404  3.206   17.432  1.00 25.36 ? 60  LYS A CB  1 
ATOM   398  C CG  . LYS A 1 55  ? -4.936  3.552   17.259  1.00 43.04 ? 60  LYS A CG  1 
ATOM   399  C CD  . LYS A 1 55  ? -4.416  4.256   18.505  1.00 40.47 ? 60  LYS A CD  1 
ATOM   400  C CE  . LYS A 1 55  ? -5.279  5.472   18.844  1.00 62.78 ? 60  LYS A CE  1 
ATOM   401  N NZ  . LYS A 1 55  ? -5.084  5.968   20.243  1.00 36.22 ? 60  LYS A NZ  1 
ATOM   402  N N   . ASP A 1 56  ? -9.419  2.060   15.936  1.00 20.24 ? 61  ASP A N   1 
ATOM   403  C CA  . ASP A 1 56  ? -10.777 1.671   16.324  1.00 20.27 ? 61  ASP A CA  1 
ATOM   404  C C   . ASP A 1 56  ? -10.835 0.206   16.736  1.00 19.85 ? 61  ASP A C   1 
ATOM   405  O O   . ASP A 1 56  ? -10.113 -0.617  16.190  1.00 18.98 ? 61  ASP A O   1 
ATOM   406  C CB  . ASP A 1 56  ? -11.762 1.903   15.176  1.00 18.10 ? 61  ASP A CB  1 
ATOM   407  C CG  . ASP A 1 56  ? -13.207 1.900   15.642  1.00 22.00 ? 61  ASP A CG  1 
ATOM   408  O OD1 . ASP A 1 56  ? -13.688 2.958   16.101  1.00 21.01 ? 61  ASP A OD1 1 
ATOM   409  O OD2 . ASP A 1 56  ? -13.866 0.843   15.545  1.00 18.31 ? 61  ASP A OD2 1 
ATOM   410  N N   . GLU A 1 57  ? -11.704 -0.124  17.688  1.00 19.57 ? 62  GLU A N   1 
ATOM   411  C CA  . GLU A 1 57  ? -11.854 -1.516  18.123  1.00 24.12 ? 62  GLU A CA  1 
ATOM   412  C C   . GLU A 1 57  ? -12.331 -2.435  16.996  1.00 25.09 ? 62  GLU A C   1 
ATOM   413  O O   . GLU A 1 57  ? -12.043 -3.633  16.990  1.00 21.70 ? 62  GLU A O   1 
ATOM   414  C CB  . GLU A 1 57  ? -12.826 -1.608  19.303  1.00 22.99 ? 62  GLU A CB  1 
ATOM   415  C CG  . GLU A 1 57  ? -14.211 -1.046  19.011  1.00 34.28 ? 62  GLU A CG  1 
ATOM   416  C CD  . GLU A 1 57  ? -15.164 -2.069  18.417  1.00 47.95 ? 62  GLU A CD  1 
ATOM   417  O OE1 . GLU A 1 57  ? -14.800 -3.265  18.351  1.00 48.48 ? 62  GLU A OE1 1 
ATOM   418  O OE2 . GLU A 1 57  ? -16.288 -1.675  18.023  1.00 39.99 ? 62  GLU A OE2 1 
ATOM   419  N N   . ASP A 1 58  ? -13.071 -1.872  16.047  1.00 19.67 ? 63  ASP A N   1 
ATOM   420  C CA  . ASP A 1 58  ? -13.632 -2.659  14.950  1.00 20.77 ? 63  ASP A CA  1 
ATOM   421  C C   . ASP A 1 58  ? -12.697 -2.658  13.734  1.00 21.16 ? 63  ASP A C   1 
ATOM   422  O O   . ASP A 1 58  ? -12.365 -1.600  13.213  1.00 18.55 ? 63  ASP A O   1 
ATOM   423  C CB  . ASP A 1 58  ? -14.997 -2.091  14.568  1.00 20.03 ? 63  ASP A CB  1 
ATOM   424  C CG  . ASP A 1 58  ? -15.806 -3.039  13.714  1.00 25.55 ? 63  ASP A CG  1 
ATOM   425  O OD1 . ASP A 1 58  ? -15.367 -3.370  12.599  1.00 30.33 ? 63  ASP A OD1 1 
ATOM   426  O OD2 . ASP A 1 58  ? -16.896 -3.452  14.159  1.00 22.67 ? 63  ASP A OD2 1 
ATOM   427  N N   . ALA A 1 59  ? -12.290 -3.842  13.278  1.00 19.53 ? 64  ALA A N   1 
ATOM   428  C CA  . ALA A 1 59  ? -11.349 -3.945  12.168  1.00 17.37 ? 64  ALA A CA  1 
ATOM   429  C C   . ALA A 1 59  ? -11.902 -3.355  10.877  1.00 17.78 ? 64  ALA A C   1 
ATOM   430  O O   . ALA A 1 59  ? -11.142 -2.852  10.042  1.00 21.05 ? 64  ALA A O   1 
ATOM   431  C CB  . ALA A 1 59  ? -10.931 -5.411  11.945  1.00 20.83 ? 64  ALA A CB  1 
ATOM   432  N N   . TRP A 1 60  ? -13.219 -3.409  10.704  1.00 15.69 ? 65  TRP A N   1 
ATOM   433  C CA  . TRP A 1 60  ? -13.813 -2.869  9.482   1.00 16.66 ? 65  TRP A CA  1 
ATOM   434  C C   . TRP A 1 60  ? -13.629 -1.358  9.426   1.00 19.43 ? 65  TRP A C   1 
ATOM   435  O O   . TRP A 1 60  ? -13.433 -0.779  8.352   1.00 16.68 ? 65  TRP A O   1 
ATOM   436  C CB  . TRP A 1 60  ? -15.290 -3.257  9.373   1.00 17.86 ? 65  TRP A CB  1 
ATOM   437  C CG  . TRP A 1 60  ? -15.477 -4.696  8.981   1.00 23.09 ? 65  TRP A CG  1 
ATOM   438  C CD1 . TRP A 1 60  ? -14.839 -5.776  9.517   1.00 30.95 ? 65  TRP A CD1 1 
ATOM   439  C CD2 . TRP A 1 60  ? -16.363 -5.210  7.981   1.00 23.66 ? 65  TRP A CD2 1 
ATOM   440  N NE1 . TRP A 1 60  ? -15.262 -6.930  8.906   1.00 28.72 ? 65  TRP A NE1 1 
ATOM   441  C CE2 . TRP A 1 60  ? -16.204 -6.610  7.961   1.00 19.86 ? 65  TRP A CE2 1 
ATOM   442  C CE3 . TRP A 1 60  ? -17.268 -4.623  7.096   1.00 23.65 ? 65  TRP A CE3 1 
ATOM   443  C CZ2 . TRP A 1 60  ? -16.919 -7.435  7.091   1.00 24.48 ? 65  TRP A CZ2 1 
ATOM   444  C CZ3 . TRP A 1 60  ? -17.981 -5.442  6.231   1.00 32.84 ? 65  TRP A CZ3 1 
ATOM   445  C CH2 . TRP A 1 60  ? -17.801 -6.833  6.236   1.00 21.64 ? 65  TRP A CH2 1 
ATOM   446  N N   . VAL A 1 61  ? -13.685 -0.726  10.593  1.00 18.78 ? 66  VAL A N   1 
ATOM   447  C CA  . VAL A 1 61  ? -13.479 0.709   10.704  1.00 13.86 ? 66  VAL A CA  1 
ATOM   448  C C   . VAL A 1 61  ? -12.008 1.046   10.473  1.00 16.90 ? 66  VAL A C   1 
ATOM   449  O O   . VAL A 1 61  ? -11.686 1.996   9.760   1.00 16.57 ? 66  VAL A O   1 
ATOM   450  C CB  . VAL A 1 61  ? -13.937 1.241   12.084  1.00 16.57 ? 66  VAL A CB  1 
ATOM   451  C CG1 . VAL A 1 61  ? -13.583 2.717   12.234  1.00 17.60 ? 66  VAL A CG1 1 
ATOM   452  C CG2 . VAL A 1 61  ? -15.447 1.041   12.255  1.00 17.14 ? 66  VAL A CG2 1 
ATOM   453  N N   . ARG A 1 62  ? -11.115 0.260   11.070  1.00 14.55 ? 67  ARG A N   1 
ATOM   454  C CA  . ARG A 1 62  ? -9.679  0.444   10.865  1.00 12.38 ? 67  ARG A CA  1 
ATOM   455  C C   . ARG A 1 62  ? -9.305  0.339   9.386   1.00 15.02 ? 67  ARG A C   1 
ATOM   456  O O   . ARG A 1 62  ? -8.552  1.160   8.882   1.00 15.17 ? 67  ARG A O   1 
ATOM   457  C CB  . ARG A 1 62  ? -8.872  -0.559  11.694  1.00 13.20 ? 67  ARG A CB  1 
ATOM   458  C CG  . ARG A 1 62  ? -9.141  -0.470  13.197  1.00 15.29 ? 67  ARG A CG  1 
ATOM   459  C CD  . ARG A 1 62  ? -7.955  -0.986  13.999  1.00 17.29 ? 67  ARG A CD  1 
ATOM   460  N NE  . ARG A 1 62  ? -7.663  -2.402  13.777  1.00 19.47 ? 67  ARG A NE  1 
ATOM   461  C CZ  . ARG A 1 62  ? -8.372  -3.405  14.283  1.00 17.26 ? 67  ARG A CZ  1 
ATOM   462  N NH1 . ARG A 1 62  ? -9.451  -3.167  15.016  1.00 19.62 ? 67  ARG A NH1 1 
ATOM   463  N NH2 . ARG A 1 62  ? -8.015  -4.656  14.042  1.00 16.39 ? 67  ARG A NH2 1 
ATOM   464  N N   . ARG A 1 63  ? -9.847  -0.659  8.694   1.00 15.84 ? 68  ARG A N   1 
ATOM   465  C CA  . ARG A 1 63  ? -9.600  -0.810  7.254   1.00 15.31 ? 68  ARG A CA  1 
ATOM   466  C C   . ARG A 1 63  ? -10.005 0.437   6.475   1.00 14.26 ? 68  ARG A C   1 
ATOM   467  O O   . ARG A 1 63  ? -9.264  0.928   5.622   1.00 14.82 ? 68  ARG A O   1 
ATOM   468  C CB  . ARG A 1 63  ? -10.390 -1.994  6.703   1.00 20.58 ? 68  ARG A CB  1 
ATOM   469  C CG  . ARG A 1 63  ? -9.978  -3.342  7.251   1.00 28.40 ? 68  ARG A CG  1 
ATOM   470  C CD  . ARG A 1 63  ? -11.035 -4.384  6.927   1.00 33.03 ? 68  ARG A CD  1 
ATOM   471  N NE  . ARG A 1 63  ? -10.792 -5.662  7.591   1.00 26.60 ? 68  ARG A NE  1 
ATOM   472  C CZ  . ARG A 1 63  ? -11.582 -6.724  7.458   1.00 31.16 ? 68  ARG A CZ  1 
ATOM   473  N NH1 . ARG A 1 63  ? -12.658 -6.659  6.684   1.00 24.62 ? 68  ARG A NH1 1 
ATOM   474  N NH2 . ARG A 1 63  ? -11.295 -7.851  8.094   1.00 25.63 ? 68  ARG A NH2 1 
ATOM   475  N N   . ALA A 1 64  ? -11.208 0.928   6.760   1.00 15.18 ? 69  ALA A N   1 
ATOM   476  C CA  . ALA A 1 64  ? -11.740 2.094   6.074   1.00 16.45 ? 69  ALA A CA  1 
ATOM   477  C C   . ALA A 1 64  ? -10.928 3.348   6.382   1.00 15.56 ? 69  ALA A C   1 
ATOM   478  O O   . ALA A 1 64  ? -10.745 4.201   5.512   1.00 15.29 ? 69  ALA A O   1 
ATOM   479  C CB  . ALA A 1 64  ? -13.211 2.294   6.429   1.00 14.31 ? 69  ALA A CB  1 
ATOM   480  N N   . ALA A 1 65  ? -10.438 3.462   7.617   1.00 16.48 ? 70  ALA A N   1 
ATOM   481  C CA  . ALA A 1 65  ? -9.608  4.601   8.002   1.00 14.36 ? 70  ALA A CA  1 
ATOM   482  C C   . ALA A 1 65  ? -8.289  4.590   7.235   1.00 14.91 ? 70  ALA A C   1 
ATOM   483  O O   . ALA A 1 65  ? -7.839  5.624   6.753   1.00 14.32 ? 70  ALA A O   1 
ATOM   484  C CB  . ALA A 1 65  ? -9.347  4.600   9.515   1.00 14.82 ? 70  ALA A CB  1 
ATOM   485  N N   . ALA A 1 66  ? -7.663  3.424   7.130   1.00 12.76 ? 71  ALA A N   1 
ATOM   486  C CA  . ALA A 1 66  ? -6.412  3.332   6.371   1.00 15.94 ? 71  ALA A CA  1 
ATOM   487  C C   . ALA A 1 66  ? -6.626  3.696   4.904   1.00 14.87 ? 71  ALA A C   1 
ATOM   488  O O   . ALA A 1 66  ? -5.852  4.470   4.331   1.00 14.71 ? 71  ALA A O   1 
ATOM   489  C CB  . ALA A 1 66  ? -5.794  1.948   6.505   1.00 11.65 ? 71  ALA A CB  1 
ATOM   490  N N   . ASP A 1 67  ? -7.679  3.149   4.304   1.00 14.30 ? 72  ASP A N   1 
ATOM   491  C CA  . ASP A 1 67  ? -8.026  3.486   2.920   1.00 21.72 ? 72  ASP A CA  1 
ATOM   492  C C   . ASP A 1 67  ? -8.199  4.996   2.738   1.00 20.80 ? 72  ASP A C   1 
ATOM   493  O O   . ASP A 1 67  ? -7.682  5.576   1.787   1.00 16.04 ? 72  ASP A O   1 
ATOM   494  C CB  . ASP A 1 67  ? -9.310  2.778   2.489   1.00 21.01 ? 72  ASP A CB  1 
ATOM   495  C CG  . ASP A 1 67  ? -9.136  1.282   2.319   1.00 53.29 ? 72  ASP A CG  1 
ATOM   496  O OD1 . ASP A 1 67  ? -7.986  0.821   2.153   1.00 44.01 ? 72  ASP A OD1 1 
ATOM   497  O OD2 . ASP A 1 67  ? -10.161 0.565   2.338   1.00 44.54 ? 72  ASP A OD2 1 
ATOM   498  N N   . ALA A 1 68  ? -8.938  5.629   3.644   1.00 14.32 ? 73  ALA A N   1 
ATOM   499  C CA  . ALA A 1 68  ? -9.200  7.069   3.543   1.00 12.03 ? 73  ALA A CA  1 
ATOM   500  C C   . ALA A 1 68  ? -7.921  7.891   3.684   1.00 13.83 ? 73  ALA A C   1 
ATOM   501  O O   . ALA A 1 68  ? -7.741  8.898   2.998   1.00 16.02 ? 73  ALA A O   1 
ATOM   502  C CB  . ALA A 1 68  ? -10.204 7.496   4.593   1.00 13.83 ? 73  ALA A CB  1 
ATOM   503  N N   . LEU A 1 69  ? -7.049  7.484   4.599   1.00 14.72 ? 74  LEU A N   1 
ATOM   504  C CA  . LEU A 1 69  ? -5.774  8.174   4.786   1.00 18.26 ? 74  LEU A CA  1 
ATOM   505  C C   . LEU A 1 69  ? -4.910  8.104   3.532   1.00 16.62 ? 74  LEU A C   1 
ATOM   506  O O   . LEU A 1 69  ? -4.233  9.074   3.177   1.00 17.40 ? 74  LEU A O   1 
ATOM   507  C CB  . LEU A 1 69  ? -5.025  7.597   5.982   1.00 15.00 ? 74  LEU A CB  1 
ATOM   508  C CG  . LEU A 1 69  ? -5.574  8.070   7.331   1.00 13.34 ? 74  LEU A CG  1 
ATOM   509  C CD1 . LEU A 1 69  ? -4.973  7.247   8.477   1.00 16.93 ? 74  LEU A CD1 1 
ATOM   510  C CD2 . LEU A 1 69  ? -5.273  9.544   7.509   1.00 16.12 ? 74  LEU A CD2 1 
ATOM   511  N N   . GLY A 1 70  ? -4.936  6.959   2.861   1.00 18.49 ? 75  GLY A N   1 
ATOM   512  C CA  . GLY A 1 70  ? -4.234  6.817   1.599   1.00 16.86 ? 75  GLY A CA  1 
ATOM   513  C C   . GLY A 1 70  ? -4.760  7.768   0.539   1.00 17.25 ? 75  GLY A C   1 
ATOM   514  O O   . GLY A 1 70  ? -3.984  8.383   -0.197  1.00 20.05 ? 75  GLY A O   1 
ATOM   515  N N   . GLN A 1 71  ? -6.083  7.902   0.469   1.00 17.76 ? 76  GLN A N   1 
ATOM   516  C CA  . GLN A 1 71  ? -6.714  8.760   -0.538  1.00 18.40 ? 76  GLN A CA  1 
ATOM   517  C C   . GLN A 1 71  ? -6.460  10.239  -0.288  1.00 28.16 ? 76  GLN A C   1 
ATOM   518  O O   . GLN A 1 71  ? -6.325  11.026  -1.227  1.00 20.22 ? 76  GLN A O   1 
ATOM   519  C CB  . GLN A 1 71  ? -8.218  8.468   -0.634  1.00 15.19 ? 76  GLN A CB  1 
ATOM   520  C CG  . GLN A 1 71  ? -8.504  7.083   -1.209  1.00 26.20 ? 76  GLN A CG  1 
ATOM   521  C CD  . GLN A 1 71  ? -9.836  6.514   -0.774  1.00 35.12 ? 76  GLN A CD  1 
ATOM   522  O OE1 . GLN A 1 71  ? -10.241 5.441   -1.220  1.00 48.67 ? 76  GLN A OE1 1 
ATOM   523  N NE2 . GLN A 1 71  ? -10.520 7.220   0.109   1.00 26.47 ? 76  GLN A NE2 1 
ATOM   524  N N   . ILE A 1 72  ? -6.391  10.618  0.983   1.00 18.39 ? 77  ILE A N   1 
ATOM   525  C CA  . ILE A 1 72  ? -6.108  12.002  1.337   1.00 17.74 ? 77  ILE A CA  1 
ATOM   526  C C   . ILE A 1 72  ? -4.656  12.349  1.008   1.00 18.16 ? 77  ILE A C   1 
ATOM   527  O O   . ILE A 1 72  ? -4.361  13.458  0.557   1.00 21.46 ? 77  ILE A O   1 
ATOM   528  C CB  . ILE A 1 72  ? -6.446  12.270  2.812   1.00 16.31 ? 77  ILE A CB  1 
ATOM   529  C CG1 . ILE A 1 72  ? -7.970  12.294  2.967   1.00 19.40 ? 77  ILE A CG1 1 
ATOM   530  C CG2 . ILE A 1 72  ? -5.829  13.582  3.261   1.00 20.80 ? 77  ILE A CG2 1 
ATOM   531  C CD1 . ILE A 1 72  ? -8.470  12.080  4.385   1.00 19.85 ? 77  ILE A CD1 1 
ATOM   532  N N   . GLY A 1 73  ? -3.760  11.389  1.215   1.00 18.20 ? 78  GLY A N   1 
ATOM   533  C CA  . GLY A 1 73  ? -2.370  11.522  0.803   1.00 23.30 ? 78  GLY A CA  1 
ATOM   534  C C   . GLY A 1 73  ? -1.481  12.395  1.678   1.00 24.91 ? 78  GLY A C   1 
ATOM   535  O O   . GLY A 1 73  ? -0.386  12.783  1.268   1.00 24.27 ? 78  GLY A O   1 
ATOM   536  N N   . ASP A 1 74  ? -1.947  12.688  2.887   1.00 22.58 ? 79  ASP A N   1 
ATOM   537  C CA  . ASP A 1 74  ? -1.221  13.535  3.836   1.00 22.64 ? 79  ASP A CA  1 
ATOM   538  C C   . ASP A 1 74  ? -0.126  12.740  4.551   1.00 20.94 ? 79  ASP A C   1 
ATOM   539  O O   . ASP A 1 74  ? -0.386  11.689  5.134   1.00 21.17 ? 79  ASP A O   1 
ATOM   540  C CB  . ASP A 1 74  ? -2.214  14.138  4.835   1.00 24.74 ? 79  ASP A CB  1 
ATOM   541  C CG  . ASP A 1 74  ? -1.597  15.205  5.726   1.00 32.52 ? 79  ASP A CG  1 
ATOM   542  O OD1 . ASP A 1 74  ? -0.634  14.896  6.457   1.00 27.92 ? 79  ASP A OD1 1 
ATOM   543  O OD2 . ASP A 1 74  ? -2.107  16.349  5.720   1.00 27.71 ? 79  ASP A OD2 1 
ATOM   544  N N   . GLU A 1 75  ? 1.104   13.241  4.496   1.00 22.86 ? 80  GLU A N   1 
ATOM   545  C CA  . GLU A 1 75  ? 2.246   12.525  5.062   1.00 27.65 ? 80  GLU A CA  1 
ATOM   546  C C   . GLU A 1 75  ? 2.201   12.328  6.584   1.00 20.41 ? 80  GLU A C   1 
ATOM   547  O O   . GLU A 1 75  ? 2.963   11.533  7.126   1.00 23.70 ? 80  GLU A O   1 
ATOM   548  C CB  . GLU A 1 75  ? 3.563   13.180  4.634   1.00 32.10 ? 80  GLU A CB  1 
ATOM   549  C CG  . GLU A 1 75  ? 3.783   13.144  3.122   1.00 47.31 ? 80  GLU A CG  1 
ATOM   550  C CD  . GLU A 1 75  ? 5.249   13.124  2.732   1.00 69.77 ? 80  GLU A CD  1 
ATOM   551  O OE1 . GLU A 1 75  ? 6.072   13.710  3.466   1.00 67.75 ? 80  GLU A OE1 1 
ATOM   552  O OE2 . GLU A 1 75  ? 5.576   12.519  1.686   1.00 56.44 ? 80  GLU A OE2 1 
ATOM   553  N N   . ARG A 1 76  ? 1.304   13.025  7.277   1.00 20.33 ? 81  ARG A N   1 
ATOM   554  C CA  . ARG A 1 76  ? 1.149   12.781  8.711   1.00 16.57 ? 81  ARG A CA  1 
ATOM   555  C C   . ARG A 1 76  ? 0.648   11.369  8.991   1.00 15.45 ? 81  ARG A C   1 
ATOM   556  O O   . ARG A 1 76  ? 0.822   10.842  10.094  1.00 19.72 ? 81  ARG A O   1 
ATOM   557  C CB  . ARG A 1 76  ? 0.209   13.804  9.357   1.00 21.51 ? 81  ARG A CB  1 
ATOM   558  C CG  . ARG A 1 76  ? 0.799   15.194  9.482   1.00 22.59 ? 81  ARG A CG  1 
ATOM   559  C CD  . ARG A 1 76  ? -0.263  16.176  9.979   1.00 23.45 ? 81  ARG A CD  1 
ATOM   560  N NE  . ARG A 1 76  ? -1.285  16.386  8.959   1.00 24.56 ? 81  ARG A NE  1 
ATOM   561  C CZ  . ARG A 1 76  ? -2.485  16.903  9.191   1.00 28.33 ? 81  ARG A CZ  1 
ATOM   562  N NH1 . ARG A 1 76  ? -2.835  17.257  10.420  1.00 26.84 ? 81  ARG A NH1 1 
ATOM   563  N NH2 . ARG A 1 76  ? -3.337  17.057  8.191   1.00 30.39 ? 81  ARG A NH2 1 
ATOM   564  N N   . ALA A 1 77  ? 0.028   10.757  7.986   1.00 17.99 ? 82  ALA A N   1 
ATOM   565  C CA  . ALA A 1 77  ? -0.492  9.397   8.117   1.00 19.72 ? 82  ALA A CA  1 
ATOM   566  C C   . ALA A 1 77  ? 0.580   8.315   8.015   1.00 17.19 ? 82  ALA A C   1 
ATOM   567  O O   . ALA A 1 77  ? 0.331   7.161   8.347   1.00 21.35 ? 82  ALA A O   1 
ATOM   568  C CB  . ALA A 1 77  ? -1.562  9.143   7.068   1.00 18.91 ? 82  ALA A CB  1 
ATOM   569  N N   . VAL A 1 78  ? 1.766   8.671   7.541   1.00 22.63 ? 83  VAL A N   1 
ATOM   570  C CA  . VAL A 1 78  ? 2.764   7.646   7.253   1.00 23.08 ? 83  VAL A CA  1 
ATOM   571  C C   . VAL A 1 78  ? 3.169   6.825   8.479   1.00 18.61 ? 83  VAL A C   1 
ATOM   572  O O   . VAL A 1 78  ? 3.068   5.596   8.468   1.00 19.08 ? 83  VAL A O   1 
ATOM   573  C CB  . VAL A 1 78  ? 4.001   8.220   6.531   1.00 19.32 ? 83  VAL A CB  1 
ATOM   574  C CG1 . VAL A 1 78  ? 5.122   7.192   6.519   1.00 21.44 ? 83  VAL A CG1 1 
ATOM   575  C CG2 . VAL A 1 78  ? 3.626   8.636   5.115   1.00 23.26 ? 83  VAL A CG2 1 
ATOM   576  N N   . GLU A 1 79  ? 3.622   7.480   9.542   1.00 18.06 ? 84  GLU A N   1 
ATOM   577  C CA  . GLU A 1 79  ? 4.004   6.718   10.727  1.00 26.75 ? 84  GLU A CA  1 
ATOM   578  C C   . GLU A 1 79  ? 2.846   5.882   11.306  1.00 23.68 ? 84  GLU A C   1 
ATOM   579  O O   . GLU A 1 79  ? 3.037   4.713   11.628  1.00 21.00 ? 84  GLU A O   1 
ATOM   580  C CB  . GLU A 1 79  ? 4.672   7.605   11.785  1.00 32.75 ? 84  GLU A CB  1 
ATOM   581  C CG  . GLU A 1 79  ? 6.005   8.214   11.332  1.00 34.54 ? 84  GLU A CG  1 
ATOM   582  C CD  . GLU A 1 79  ? 7.082   7.170   11.049  1.00 46.60 ? 84  GLU A CD  1 
ATOM   583  O OE1 . GLU A 1 79  ? 6.963   6.028   11.542  1.00 51.36 ? 84  GLU A OE1 1 
ATOM   584  O OE2 . GLU A 1 79  ? 8.058   7.493   10.335  1.00 47.99 ? 84  GLU A OE2 1 
ATOM   585  N N   . PRO A 1 80  ? 1.635   6.466   11.433  1.00 22.54 ? 85  PRO A N   1 
ATOM   586  C CA  . PRO A 1 80  ? 0.532   5.626   11.917  1.00 17.60 ? 85  PRO A CA  1 
ATOM   587  C C   . PRO A 1 80  ? 0.178   4.450   10.990  1.00 16.86 ? 85  PRO A C   1 
ATOM   588  O O   . PRO A 1 80  ? -0.220  3.399   11.480  1.00 18.41 ? 85  PRO A O   1 
ATOM   589  C CB  . PRO A 1 80  ? -0.649  6.605   12.009  1.00 21.31 ? 85  PRO A CB  1 
ATOM   590  C CG  . PRO A 1 80  ? -0.016  7.949   12.143  1.00 23.31 ? 85  PRO A CG  1 
ATOM   591  C CD  . PRO A 1 80  ? 1.246   7.882   11.328  1.00 22.57 ? 85  PRO A CD  1 
ATOM   592  N N   . LEU A 1 81  ? 0.305   4.625   9.678   1.00 15.74 ? 86  LEU A N   1 
ATOM   593  C CA  . LEU A 1 81  ? 0.018   3.529   8.751   1.00 14.08 ? 86  LEU A CA  1 
ATOM   594  C C   . LEU A 1 81  ? 1.110   2.471   8.839   1.00 16.76 ? 86  LEU A C   1 
ATOM   595  O O   . LEU A 1 81  ? 0.852   1.276   8.710   1.00 15.06 ? 86  LEU A O   1 
ATOM   596  C CB  . LEU A 1 81  ? -0.101  4.055   7.321   1.00 17.62 ? 86  LEU A CB  1 
ATOM   597  C CG  . LEU A 1 81  ? -1.389  4.837   7.030   1.00 17.69 ? 86  LEU A CG  1 
ATOM   598  C CD1 . LEU A 1 81  ? -1.267  5.590   5.720   1.00 14.41 ? 86  LEU A CD1 1 
ATOM   599  C CD2 . LEU A 1 81  ? -2.593  3.905   7.006   1.00 18.06 ? 86  LEU A CD2 1 
ATOM   600  N N   . ILE A 1 82  ? 2.337   2.911   9.077   1.00 17.24 ? 87  ILE A N   1 
ATOM   601  C CA  . ILE A 1 82  ? 3.425   1.964   9.265   1.00 18.49 ? 87  ILE A CA  1 
ATOM   602  C C   . ILE A 1 82  ? 3.126   1.067   10.467  1.00 20.85 ? 87  ILE A C   1 
ATOM   603  O O   . ILE A 1 82  ? 3.345   -0.140  10.420  1.00 19.70 ? 87  ILE A O   1 
ATOM   604  C CB  . ILE A 1 82  ? 4.785   2.677   9.389   1.00 18.84 ? 87  ILE A CB  1 
ATOM   605  C CG1 . ILE A 1 82  ? 5.215   3.232   8.026   1.00 15.57 ? 87  ILE A CG1 1 
ATOM   606  C CG2 . ILE A 1 82  ? 5.832   1.731   9.947   1.00 25.22 ? 87  ILE A CG2 1 
ATOM   607  C CD1 . ILE A 1 82  ? 6.411   4.174   8.080   1.00 22.11 ? 87  ILE A CD1 1 
ATOM   608  N N   . LYS A 1 83  ? 2.599   1.648   11.541  1.00 22.52 ? 88  LYS A N   1 
ATOM   609  C CA  . LYS A 1 83  ? 2.192   0.835   12.678  1.00 16.63 ? 88  LYS A CA  1 
ATOM   610  C C   . LYS A 1 83  ? 1.057   -0.110  12.289  1.00 20.56 ? 88  LYS A C   1 
ATOM   611  O O   . LYS A 1 83  ? 1.015   -1.247  12.750  1.00 20.68 ? 88  LYS A O   1 
ATOM   612  C CB  . LYS A 1 83  ? 1.780   1.699   13.882  1.00 18.97 ? 88  LYS A CB  1 
ATOM   613  C CG  . LYS A 1 83  ? 2.886   2.589   14.416  1.00 36.39 ? 88  LYS A CG  1 
ATOM   614  C CD  . LYS A 1 83  ? 2.776   2.769   15.924  1.00 44.19 ? 88  LYS A CD  1 
ATOM   615  C CE  . LYS A 1 83  ? 1.345   3.043   16.355  1.00 60.45 ? 88  LYS A CE  1 
ATOM   616  N NZ  . LYS A 1 83  ? 0.827   4.324   15.798  1.00 55.19 ? 88  LYS A NZ  1 
ATOM   617  N N   . ALA A 1 84  ? 0.137   0.365   11.448  1.00 19.68 ? 89  ALA A N   1 
ATOM   618  C CA  . ALA A 1 84  ? -0.992  -0.446  10.996  1.00 19.14 ? 89  ALA A CA  1 
ATOM   619  C C   . ALA A 1 84  ? -0.566  -1.638  10.140  1.00 17.09 ? 89  ALA A C   1 
ATOM   620  O O   . ALA A 1 84  ? -1.334  -2.581  9.972   1.00 19.71 ? 89  ALA A O   1 
ATOM   621  C CB  . ALA A 1 84  ? -2.026  0.408   10.242  1.00 15.91 ? 89  ALA A CB  1 
ATOM   622  N N   . LEU A 1 85  ? 0.653   -1.593  9.601   1.00 17.60 ? 90  LEU A N   1 
ATOM   623  C CA  . LEU A 1 85  ? 1.198   -2.735  8.879   1.00 21.08 ? 90  LEU A CA  1 
ATOM   624  C C   . LEU A 1 85  ? 1.416   -3.913  9.823   1.00 26.93 ? 90  LEU A C   1 
ATOM   625  O O   . LEU A 1 85  ? 1.666   -5.029  9.380   1.00 29.20 ? 90  LEU A O   1 
ATOM   626  C CB  . LEU A 1 85  ? 2.518   -2.378  8.185   1.00 20.93 ? 90  LEU A CB  1 
ATOM   627  C CG  . LEU A 1 85  ? 2.462   -1.594  6.878   1.00 27.35 ? 90  LEU A CG  1 
ATOM   628  C CD1 . LEU A 1 85  ? 3.873   -1.264  6.434   1.00 20.16 ? 90  LEU A CD1 1 
ATOM   629  C CD2 . LEU A 1 85  ? 1.724   -2.387  5.794   1.00 27.63 ? 90  LEU A CD2 1 
ATOM   630  N N   . LYS A 1 86  ? 1.315   -3.662  11.124  1.00 20.70 ? 91  LYS A N   1 
ATOM   631  C CA  . LYS A 1 86  ? 1.454   -4.727  12.112  1.00 20.11 ? 91  LYS A CA  1 
ATOM   632  C C   . LYS A 1 86  ? 0.131   -5.071  12.784  1.00 23.61 ? 91  LYS A C   1 
ATOM   633  O O   . LYS A 1 86  ? 0.106   -5.816  13.763  1.00 25.41 ? 91  LYS A O   1 
ATOM   634  C CB  . LYS A 1 86  ? 2.491   -4.346  13.172  1.00 23.74 ? 91  LYS A CB  1 
ATOM   635  C CG  . LYS A 1 86  ? 3.919   -4.320  12.658  1.00 39.68 ? 91  LYS A CG  1 
ATOM   636  C CD  . LYS A 1 86  ? 4.855   -3.695  13.682  1.00 47.64 ? 91  LYS A CD  1 
ATOM   637  C CE  . LYS A 1 86  ? 6.312   -3.822  13.256  1.00 55.88 ? 91  LYS A CE  1 
ATOM   638  N NZ  . LYS A 1 86  ? 6.793   -5.232  13.327  1.00 56.87 ? 91  LYS A NZ  1 
ATOM   639  N N   . ASP A 1 87  ? -0.969  -4.536  12.258  1.00 24.35 ? 92  ASP A N   1 
ATOM   640  C CA  . ASP A 1 87  ? -2.292  -4.806  12.828  1.00 20.68 ? 92  ASP A CA  1 
ATOM   641  C C   . ASP A 1 87  ? -2.575  -6.302  12.837  1.00 27.17 ? 92  ASP A C   1 
ATOM   642  O O   . ASP A 1 87  ? -2.157  -7.019  11.936  1.00 23.24 ? 92  ASP A O   1 
ATOM   643  C CB  . ASP A 1 87  ? -3.375  -4.086  12.017  1.00 15.66 ? 92  ASP A CB  1 
ATOM   644  C CG  . ASP A 1 87  ? -4.705  -4.011  12.750  1.00 24.28 ? 92  ASP A CG  1 
ATOM   645  O OD1 . ASP A 1 87  ? -5.468  -4.996  12.733  1.00 24.47 ? 92  ASP A OD1 1 
ATOM   646  O OD2 . ASP A 1 87  ? -4.994  -2.947  13.333  1.00 24.10 ? 92  ASP A OD2 1 
ATOM   647  N N   . GLU A 1 88  ? -3.293  -6.780  13.848  1.00 18.23 ? 93  GLU A N   1 
ATOM   648  C CA  . GLU A 1 88  ? -3.644  -8.197  13.897  1.00 25.10 ? 93  GLU A CA  1 
ATOM   649  C C   . GLU A 1 88  ? -4.531  -8.627  12.725  1.00 26.19 ? 93  GLU A C   1 
ATOM   650  O O   . GLU A 1 88  ? -4.514  -9.789  12.329  1.00 24.87 ? 93  GLU A O   1 
ATOM   651  C CB  . GLU A 1 88  ? -4.305  -8.554  15.235  1.00 27.91 ? 93  GLU A CB  1 
ATOM   652  C CG  . GLU A 1 88  ? -5.558  -7.748  15.559  1.00 40.72 ? 93  GLU A CG  1 
ATOM   653  C CD  . GLU A 1 88  ? -6.825  -8.373  14.997  1.00 62.67 ? 93  GLU A CD  1 
ATOM   654  O OE1 . GLU A 1 88  ? -6.832  -9.601  14.758  1.00 70.98 ? 93  GLU A OE1 1 
ATOM   655  O OE2 . GLU A 1 88  ? -7.820  -7.638  14.803  1.00 42.27 ? 93  GLU A OE2 1 
ATOM   656  N N   . ASP A 1 89  ? -5.298  -7.693  12.171  1.00 22.64 ? 94  ASP A N   1 
ATOM   657  C CA  . ASP A 1 89  ? -6.223  -8.002  11.082  1.00 19.10 ? 94  ASP A CA  1 
ATOM   658  C C   . ASP A 1 89  ? -5.544  -7.903  9.715   1.00 20.96 ? 94  ASP A C   1 
ATOM   659  O O   . ASP A 1 89  ? -5.072  -6.835  9.328   1.00 17.21 ? 94  ASP A O   1 
ATOM   660  C CB  . ASP A 1 89  ? -7.435  -7.067  11.131  1.00 20.11 ? 94  ASP A CB  1 
ATOM   661  C CG  . ASP A 1 89  ? -8.480  -7.417  10.094  1.00 27.56 ? 94  ASP A CG  1 
ATOM   662  O OD1 . ASP A 1 89  ? -9.370  -8.238  10.395  1.00 32.79 ? 94  ASP A OD1 1 
ATOM   663  O OD2 . ASP A 1 89  ? -8.417  -6.866  8.975   1.00 23.74 ? 94  ASP A OD2 1 
ATOM   664  N N   . GLY A 1 90  ? -5.500  -9.012  8.982   1.00 16.73 ? 95  GLY A N   1 
ATOM   665  C CA  . GLY A 1 90  ? -4.837  -9.027  7.692   1.00 20.01 ? 95  GLY A CA  1 
ATOM   666  C C   . GLY A 1 90  ? -5.319  -7.949  6.740   1.00 18.71 ? 95  GLY A C   1 
ATOM   667  O O   . GLY A 1 90  ? -4.520  -7.309  6.053   1.00 20.21 ? 95  GLY A O   1 
ATOM   668  N N   . TRP A 1 91  ? -6.630  -7.740  6.677   1.00 18.16 ? 96  TRP A N   1 
ATOM   669  C CA  . TRP A 1 91  ? -7.143  -6.749  5.734   1.00 19.06 ? 96  TRP A CA  1 
ATOM   670  C C   . TRP A 1 91  ? -6.822  -5.313  6.125   1.00 19.29 ? 96  TRP A C   1 
ATOM   671  O O   . TRP A 1 91  ? -6.717  -4.442  5.257   1.00 18.20 ? 96  TRP A O   1 
ATOM   672  C CB  . TRP A 1 91  ? -8.617  -6.974  5.407   1.00 17.71 ? 96  TRP A CB  1 
ATOM   673  C CG  . TRP A 1 91  ? -8.792  -8.204  4.582   1.00 21.37 ? 96  TRP A CG  1 
ATOM   674  C CD1 . TRP A 1 91  ? -9.225  -9.426  5.012   1.00 26.36 ? 96  TRP A CD1 1 
ATOM   675  C CD2 . TRP A 1 91  ? -8.476  -8.357  3.190   1.00 25.27 ? 96  TRP A CD2 1 
ATOM   676  N NE1 . TRP A 1 91  ? -9.219  -10.322 3.967   1.00 23.10 ? 96  TRP A NE1 1 
ATOM   677  C CE2 . TRP A 1 91  ? -8.766  -9.691  2.839   1.00 26.61 ? 96  TRP A CE2 1 
ATOM   678  C CE3 . TRP A 1 91  ? -7.987  -7.493  2.205   1.00 23.93 ? 96  TRP A CE3 1 
ATOM   679  C CZ2 . TRP A 1 91  ? -8.584  -10.181 1.545   1.00 22.78 ? 96  TRP A CZ2 1 
ATOM   680  C CZ3 . TRP A 1 91  ? -7.807  -7.983  0.914   1.00 25.62 ? 96  TRP A CZ3 1 
ATOM   681  C CH2 . TRP A 1 91  ? -8.105  -9.313  0.602   1.00 24.35 ? 96  TRP A CH2 1 
ATOM   682  N N   . VAL A 1 92  ? -6.626  -5.066  7.416   1.00 18.63 ? 97  VAL A N   1 
ATOM   683  C CA  . VAL A 1 92  ? -6.112  -3.767  7.841   1.00 20.21 ? 97  VAL A CA  1 
ATOM   684  C C   . VAL A 1 92  ? -4.668  -3.587  7.359   1.00 15.12 ? 97  VAL A C   1 
ATOM   685  O O   . VAL A 1 92  ? -4.308  -2.527  6.849   1.00 15.23 ? 97  VAL A O   1 
ATOM   686  C CB  . VAL A 1 92  ? -6.203  -3.567  9.372   1.00 14.49 ? 97  VAL A CB  1 
ATOM   687  C CG1 . VAL A 1 92  ? -5.546  -2.263  9.767   1.00 15.50 ? 97  VAL A CG1 1 
ATOM   688  C CG2 . VAL A 1 92  ? -7.675  -3.580  9.815   1.00 16.61 ? 97  VAL A CG2 1 
ATOM   689  N N   . ARG A 1 93  ? -3.844  -4.624  7.491   1.00 18.91 ? 98  ARG A N   1 
ATOM   690  C CA  . ARG A 1 93  ? -2.469  -4.543  6.990   1.00 20.92 ? 98  ARG A CA  1 
ATOM   691  C C   . ARG A 1 93  ? -2.444  -4.276  5.492   1.00 15.38 ? 98  ARG A C   1 
ATOM   692  O O   . ARG A 1 93  ? -1.634  -3.488  5.008   1.00 17.71 ? 98  ARG A O   1 
ATOM   693  C CB  . ARG A 1 93  ? -1.677  -5.815  7.300   1.00 13.75 ? 98  ARG A CB  1 
ATOM   694  C CG  . ARG A 1 93  ? -1.654  -6.174  8.773   1.00 18.97 ? 98  ARG A CG  1 
ATOM   695  C CD  . ARG A 1 93  ? -0.512  -7.129  9.091   1.00 18.18 ? 98  ARG A CD  1 
ATOM   696  N NE  . ARG A 1 93  ? -0.691  -8.445  8.486   1.00 20.14 ? 98  ARG A NE  1 
ATOM   697  C CZ  . ARG A 1 93  ? -1.473  -9.399  8.978   1.00 24.85 ? 98  ARG A CZ  1 
ATOM   698  N NH1 . ARG A 1 93  ? -2.189  -9.181  10.077  1.00 19.86 ? 98  ARG A NH1 1 
ATOM   699  N NH2 . ARG A 1 93  ? -1.551  -10.570 8.357   1.00 18.53 ? 98  ARG A NH2 1 
ATOM   700  N N   . GLN A 1 94  ? -3.340  -4.939  4.770   1.00 13.96 ? 99  GLN A N   1 
ATOM   701  C CA  . GLN A 1 94  ? -3.428  -4.800  3.322   1.00 17.81 ? 99  GLN A CA  1 
ATOM   702  C C   . GLN A 1 94  ? -3.790  -3.359  2.989   1.00 15.43 ? 99  GLN A C   1 
ATOM   703  O O   . GLN A 1 94  ? -3.220  -2.747  2.087   1.00 17.33 ? 99  GLN A O   1 
ATOM   704  C CB  . GLN A 1 94  ? -4.487  -5.763  2.772   1.00 17.68 ? 99  GLN A CB  1 
ATOM   705  C CG  . GLN A 1 94  ? -4.553  -5.877  1.247   1.00 18.99 ? 99  GLN A CG  1 
ATOM   706  C CD  . GLN A 1 94  ? -5.492  -4.887  0.590   1.00 25.56 ? 99  GLN A CD  1 
ATOM   707  O OE1 . GLN A 1 94  ? -5.564  -4.817  -0.638  1.00 29.25 ? 99  GLN A OE1 1 
ATOM   708  N NE2 . GLN A 1 94  ? -6.216  -4.115  1.393   1.00 22.21 ? 99  GLN A NE2 1 
ATOM   709  N N   . SER A 1 95  ? -4.743  -2.815  3.736   1.00 14.59 ? 100 SER A N   1 
ATOM   710  C CA  . SER A 1 95  ? -5.201  -1.454  3.487   1.00 18.53 ? 100 SER A CA  1 
ATOM   711  C C   . SER A 1 95  ? -4.106  -0.450  3.796   1.00 13.31 ? 100 SER A C   1 
ATOM   712  O O   . SER A 1 95  ? -3.955  0.541   3.091   1.00 15.93 ? 100 SER A O   1 
ATOM   713  C CB  . SER A 1 95  ? -6.450  -1.136  4.316   1.00 15.06 ? 100 SER A CB  1 
ATOM   714  O OG  . SER A 1 95  ? -7.538  -1.949  3.904   1.00 23.36 ? 100 SER A OG  1 
ATOM   715  N N   . ALA A 1 96  ? -3.364  -0.699  4.869   1.00 13.30 ? 101 ALA A N   1 
ATOM   716  C CA  . ALA A 1 96  ? -2.263  0.182   5.233   1.00 12.35 ? 101 ALA A CA  1 
ATOM   717  C C   . ALA A 1 96  ? -1.188  0.159   4.145   1.00 14.26 ? 101 ALA A C   1 
ATOM   718  O O   . ALA A 1 96  ? -0.656  1.199   3.776   1.00 13.76 ? 101 ALA A O   1 
ATOM   719  C CB  . ALA A 1 96  ? -1.689  -0.218  6.575   1.00 16.83 ? 101 ALA A CB  1 
ATOM   720  N N   . ALA A 1 97  ? -0.868  -1.026  3.639   1.00 16.08 ? 102 ALA A N   1 
ATOM   721  C CA  . ALA A 1 97  ? 0.117   -1.140  2.560   1.00 16.14 ? 102 ALA A CA  1 
ATOM   722  C C   . ALA A 1 97  ? -0.321  -0.350  1.329   1.00 17.19 ? 102 ALA A C   1 
ATOM   723  O O   . ALA A 1 97  ? 0.463   0.400   0.745   1.00 16.76 ? 102 ALA A O   1 
ATOM   724  C CB  . ALA A 1 97  ? 0.367   -2.598  2.204   1.00 14.80 ? 102 ALA A CB  1 
ATOM   725  N N   . VAL A 1 98  ? -1.570  -0.529  0.924   1.00 14.46 ? 103 VAL A N   1 
ATOM   726  C CA  . VAL A 1 98  ? -2.092  0.200   -0.230  1.00 17.87 ? 103 VAL A CA  1 
ATOM   727  C C   . VAL A 1 98  ? -2.037  1.704   0.009   1.00 12.49 ? 103 VAL A C   1 
ATOM   728  O O   . VAL A 1 98  ? -1.596  2.464   -0.859  1.00 15.73 ? 103 VAL A O   1 
ATOM   729  C CB  . VAL A 1 98  ? -3.532  -0.224  -0.565  1.00 21.80 ? 103 VAL A CB  1 
ATOM   730  C CG1 . VAL A 1 98  ? -4.125  0.682   -1.648  1.00 20.99 ? 103 VAL A CG1 1 
ATOM   731  C CG2 . VAL A 1 98  ? -3.562  -1.685  -0.993  1.00 17.61 ? 103 VAL A CG2 1 
ATOM   732  N N   . ALA A 1 99  ? -2.460  2.131   1.196   1.00 15.55 ? 104 ALA A N   1 
ATOM   733  C CA  . ALA A 1 99  ? -2.430  3.550   1.554   1.00 14.55 ? 104 ALA A CA  1 
ATOM   734  C C   . ALA A 1 99  ? -1.016  4.116   1.496   1.00 13.20 ? 104 ALA A C   1 
ATOM   735  O O   . ALA A 1 99  ? -0.800  5.225   0.998   1.00 15.89 ? 104 ALA A O   1 
ATOM   736  C CB  . ALA A 1 99  ? -3.013  3.761   2.955   1.00 12.95 ? 104 ALA A CB  1 
ATOM   737  N N   . LEU A 1 100 ? -0.046  3.359   1.994   1.00 14.22 ? 105 LEU A N   1 
ATOM   738  C CA  . LEU A 1 100 ? 1.332   3.843   1.991   1.00 17.92 ? 105 LEU A CA  1 
ATOM   739  C C   . LEU A 1 100 ? 1.871   3.973   0.569   1.00 20.68 ? 105 LEU A C   1 
ATOM   740  O O   . LEU A 1 100 ? 2.645   4.884   0.267   1.00 18.25 ? 105 LEU A O   1 
ATOM   741  C CB  . LEU A 1 100 ? 2.228   2.935   2.835   1.00 17.26 ? 105 LEU A CB  1 
ATOM   742  C CG  . LEU A 1 100 ? 2.019   3.038   4.350   1.00 14.35 ? 105 LEU A CG  1 
ATOM   743  C CD1 . LEU A 1 100 ? 2.652   1.841   5.049   1.00 18.24 ? 105 LEU A CD1 1 
ATOM   744  C CD2 . LEU A 1 100 ? 2.620   4.328   4.861   1.00 16.76 ? 105 LEU A CD2 1 
ATOM   745  N N   . GLY A 1 101 ? 1.468   3.049   -0.296  1.00 16.66 ? 106 GLY A N   1 
ATOM   746  C CA  . GLY A 1 101 ? 1.782   3.152   -1.709  1.00 15.81 ? 106 GLY A CA  1 
ATOM   747  C C   . GLY A 1 101 ? 1.244   4.436   -2.318  1.00 21.92 ? 106 GLY A C   1 
ATOM   748  O O   . GLY A 1 101 ? 1.950   5.128   -3.064  1.00 19.56 ? 106 GLY A O   1 
ATOM   749  N N   . GLN A 1 102 ? -0.013  4.756   -2.008  1.00 18.59 ? 107 GLN A N   1 
ATOM   750  C CA  A GLN A 1 102 ? -0.659  5.956   -2.537  0.58 22.50 ? 107 GLN A CA  1 
ATOM   751  C CA  B GLN A 1 102 ? -0.658  5.961   -2.538  0.42 22.48 ? 107 GLN A CA  1 
ATOM   752  C C   . GLN A 1 102 ? 0.025   7.245   -2.084  1.00 23.13 ? 107 GLN A C   1 
ATOM   753  O O   . GLN A 1 102 ? 0.143   8.202   -2.855  1.00 23.83 ? 107 GLN A O   1 
ATOM   754  C CB  A GLN A 1 102 ? -2.138  5.987   -2.141  0.58 20.97 ? 107 GLN A CB  1 
ATOM   755  C CB  B GLN A 1 102 ? -2.122  6.028   -2.112  0.42 21.02 ? 107 GLN A CB  1 
ATOM   756  C CG  A GLN A 1 102 ? -3.053  5.276   -3.111  0.58 36.35 ? 107 GLN A CG  1 
ATOM   757  C CG  B GLN A 1 102 ? -3.032  4.990   -2.715  0.42 33.04 ? 107 GLN A CG  1 
ATOM   758  C CD  A GLN A 1 102 ? -3.234  6.052   -4.397  0.58 39.39 ? 107 GLN A CD  1 
ATOM   759  C CD  B GLN A 1 102 ? -4.310  4.874   -1.921  0.42 23.73 ? 107 GLN A CD  1 
ATOM   760  O OE1 A GLN A 1 102 ? -2.861  7.221   -4.485  0.58 43.78 ? 107 GLN A OE1 1 
ATOM   761  O OE1 B GLN A 1 102 ? -4.289  4.998   -0.700  0.42 42.01 ? 107 GLN A OE1 1 
ATOM   762  N NE2 A GLN A 1 102 ? -3.814  5.407   -5.401  0.58 44.85 ? 107 GLN A NE2 1 
ATOM   763  N NE2 B GLN A 1 102 ? -5.427  4.647   -2.601  0.42 28.61 ? 107 GLN A NE2 1 
ATOM   764  N N   . ILE A 1 103 ? 0.463   7.272   -0.834  1.00 18.18 ? 108 ILE A N   1 
ATOM   765  C CA  . ILE A 1 103 ? 1.116   8.452   -0.289  1.00 17.76 ? 108 ILE A CA  1 
ATOM   766  C C   . ILE A 1 103 ? 2.498   8.645   -0.917  1.00 19.97 ? 108 ILE A C   1 
ATOM   767  O O   . ILE A 1 103 ? 2.922   9.770   -1.168  1.00 22.79 ? 108 ILE A O   1 
ATOM   768  C CB  . ILE A 1 103 ? 1.221   8.375   1.239   1.00 19.20 ? 108 ILE A CB  1 
ATOM   769  C CG1 . ILE A 1 103 ? -0.176  8.497   1.857   1.00 19.61 ? 108 ILE A CG1 1 
ATOM   770  C CG2 . ILE A 1 103 ? 2.131   9.473   1.774   1.00 22.22 ? 108 ILE A CG2 1 
ATOM   771  C CD1 . ILE A 1 103 ? -0.242  8.056   3.302   1.00 21.49 ? 108 ILE A CD1 1 
ATOM   772  N N   . GLY A 1 104 ? 3.184   7.539   -1.185  1.00 20.22 ? 109 GLY A N   1 
ATOM   773  C CA  . GLY A 1 104 ? 4.435   7.577   -1.927  1.00 19.39 ? 109 GLY A CA  1 
ATOM   774  C C   . GLY A 1 104 ? 5.664   7.968   -1.129  1.00 24.90 ? 109 GLY A C   1 
ATOM   775  O O   . GLY A 1 104 ? 6.721   8.238   -1.706  1.00 25.48 ? 109 GLY A O   1 
ATOM   776  N N   . ASP A 1 105 ? 5.528   8.001   0.192   1.00 22.47 ? 110 ASP A N   1 
ATOM   777  C CA  . ASP A 1 105 ? 6.613   8.414   1.076   1.00 21.88 ? 110 ASP A CA  1 
ATOM   778  C C   . ASP A 1 105 ? 7.627   7.289   1.288   1.00 20.38 ? 110 ASP A C   1 
ATOM   779  O O   . ASP A 1 105 ? 7.277   6.200   1.740   1.00 19.16 ? 110 ASP A O   1 
ATOM   780  C CB  . ASP A 1 105 ? 6.047   8.891   2.419   1.00 25.54 ? 110 ASP A CB  1 
ATOM   781  C CG  . ASP A 1 105 ? 7.082   9.589   3.291   1.00 43.07 ? 110 ASP A CG  1 
ATOM   782  O OD1 . ASP A 1 105 ? 8.219   9.081   3.416   1.00 29.53 ? 110 ASP A OD1 1 
ATOM   783  O OD2 . ASP A 1 105 ? 6.743   10.641  3.875   1.00 35.15 ? 110 ASP A OD2 1 
ATOM   784  N N   . GLU A 1 106 ? 8.888   7.571   0.969   1.00 20.71 ? 111 GLU A N   1 
ATOM   785  C CA  . GLU A 1 106 ? 9.966   6.596   1.099   1.00 23.01 ? 111 GLU A CA  1 
ATOM   786  C C   . GLU A 1 106 ? 10.148  6.025   2.499   1.00 22.43 ? 111 GLU A C   1 
ATOM   787  O O   . GLU A 1 106 ? 10.754  4.971   2.657   1.00 18.77 ? 111 GLU A O   1 
ATOM   788  C CB  . GLU A 1 106 ? 11.296  7.218   0.678   1.00 25.92 ? 111 GLU A CB  1 
ATOM   789  C CG  . GLU A 1 106 ? 11.600  7.155   -0.795  1.00 28.13 ? 111 GLU A CG  1 
ATOM   790  C CD  . GLU A 1 106 ? 12.898  7.878   -1.107  1.00 59.54 ? 111 GLU A CD  1 
ATOM   791  O OE1 . GLU A 1 106 ? 13.955  7.215   -1.146  1.00 59.30 ? 111 GLU A OE1 1 
ATOM   792  O OE2 . GLU A 1 106 ? 12.865  9.117   -1.273  1.00 72.55 ? 111 GLU A OE2 1 
ATOM   793  N N   . ARG A 1 107 ? 9.658   6.722   3.516   1.00 17.74 ? 112 ARG A N   1 
ATOM   794  C CA  . ARG A 1 107 ? 9.745   6.201   4.874   1.00 19.30 ? 112 ARG A CA  1 
ATOM   795  C C   . ARG A 1 107 ? 9.061   4.844   4.992   1.00 20.23 ? 112 ARG A C   1 
ATOM   796  O O   . ARG A 1 107 ? 9.376   4.057   5.888   1.00 22.50 ? 112 ARG A O   1 
ATOM   797  C CB  . ARG A 1 107 ? 9.124   7.178   5.875   1.00 26.01 ? 112 ARG A CB  1 
ATOM   798  C CG  . ARG A 1 107 ? 9.994   8.375   6.195   1.00 23.83 ? 112 ARG A CG  1 
ATOM   799  C CD  . ARG A 1 107 ? 9.275   9.302   7.161   1.00 33.29 ? 112 ARG A CD  1 
ATOM   800  N NE  . ARG A 1 107 ? 8.143   9.984   6.536   1.00 32.31 ? 112 ARG A NE  1 
ATOM   801  C CZ  . ARG A 1 107 ? 7.155   10.558  7.216   1.00 40.12 ? 112 ARG A CZ  1 
ATOM   802  N NH1 . ARG A 1 107 ? 7.150   10.516  8.541   1.00 35.17 ? 112 ARG A NH1 1 
ATOM   803  N NH2 . ARG A 1 107 ? 6.166   11.168  6.577   1.00 38.26 ? 112 ARG A NH2 1 
ATOM   804  N N   . ALA A 1 108 ? 8.134   4.569   4.080   1.00 18.26 ? 113 ALA A N   1 
ATOM   805  C CA  . ALA A 1 108 ? 7.383   3.317   4.116   1.00 16.55 ? 113 ALA A CA  1 
ATOM   806  C C   . ALA A 1 108 ? 8.116   2.123   3.496   1.00 18.26 ? 113 ALA A C   1 
ATOM   807  O O   . ALA A 1 108 ? 7.674   0.984   3.627   1.00 17.29 ? 113 ALA A O   1 
ATOM   808  C CB  . ALA A 1 108 ? 6.019   3.499   3.445   1.00 20.28 ? 113 ALA A CB  1 
ATOM   809  N N   . VAL A 1 109 ? 9.238   2.379   2.833   1.00 20.63 ? 114 VAL A N   1 
ATOM   810  C CA  . VAL A 1 109 ? 9.904   1.323   2.073   1.00 16.79 ? 114 VAL A CA  1 
ATOM   811  C C   . VAL A 1 109 ? 10.379  0.131   2.906   1.00 17.49 ? 114 VAL A C   1 
ATOM   812  O O   . VAL A 1 109 ? 10.060  -1.005  2.582   1.00 19.37 ? 114 VAL A O   1 
ATOM   813  C CB  . VAL A 1 109 ? 11.052  1.867   1.225   1.00 18.43 ? 114 VAL A CB  1 
ATOM   814  C CG1 . VAL A 1 109 ? 11.836  0.711   0.591   1.00 18.10 ? 114 VAL A CG1 1 
ATOM   815  C CG2 . VAL A 1 109 ? 10.493  2.779   0.159   1.00 18.97 ? 114 VAL A CG2 1 
ATOM   816  N N   . GLU A 1 110 ? 11.135  0.372   3.975   1.00 15.89 ? 115 GLU A N   1 
ATOM   817  C CA  . GLU A 1 110 ? 11.607  -0.753  4.784   1.00 18.89 ? 115 GLU A CA  1 
ATOM   818  C C   . GLU A 1 110 ? 10.444  -1.558  5.401   1.00 23.34 ? 115 GLU A C   1 
ATOM   819  O O   . GLU A 1 110 ? 10.436  -2.788  5.341   1.00 20.77 ? 115 GLU A O   1 
ATOM   820  C CB  . GLU A 1 110 ? 12.614  -0.298  5.853   1.00 20.71 ? 115 GLU A CB  1 
ATOM   821  C CG  . GLU A 1 110 ? 13.879  0.357   5.289   1.00 22.87 ? 115 GLU A CG  1 
ATOM   822  C CD  . GLU A 1 110 ? 14.831  -0.643  4.632   1.00 23.87 ? 115 GLU A CD  1 
ATOM   823  O OE1 . GLU A 1 110 ? 14.643  -1.865  4.811   1.00 24.24 ? 115 GLU A OE1 1 
ATOM   824  O OE2 . GLU A 1 110 ? 15.776  -0.203  3.942   1.00 26.74 ? 115 GLU A OE2 1 
ATOM   825  N N   . PRO A 1 111 ? 9.458   -0.870  5.999   1.00 19.15 ? 116 PRO A N   1 
ATOM   826  C CA  . PRO A 1 111 ? 8.301   -1.599  6.548   1.00 16.08 ? 116 PRO A CA  1 
ATOM   827  C C   . PRO A 1 111 ? 7.518   -2.397  5.498   1.00 16.17 ? 116 PRO A C   1 
ATOM   828  O O   . PRO A 1 111 ? 7.033   -3.493  5.798   1.00 18.39 ? 116 PRO A O   1 
ATOM   829  C CB  . PRO A 1 111 ? 7.429   -0.483  7.134   1.00 20.66 ? 116 PRO A CB  1 
ATOM   830  C CG  . PRO A 1 111 ? 8.382   0.627   7.424   1.00 26.82 ? 116 PRO A CG  1 
ATOM   831  C CD  . PRO A 1 111 ? 9.432   0.560   6.351   1.00 23.31 ? 116 PRO A CD  1 
ATOM   832  N N   . LEU A 1 112 ? 7.387   -1.851  4.293   1.00 16.77 ? 117 LEU A N   1 
ATOM   833  C CA  . LEU A 1 112 ? 6.719   -2.560  3.198   1.00 17.71 ? 117 LEU A CA  1 
ATOM   834  C C   . LEU A 1 112 ? 7.503   -3.787  2.748   1.00 16.94 ? 117 LEU A C   1 
ATOM   835  O O   . LEU A 1 112 ? 6.923   -4.810  2.413   1.00 17.70 ? 117 LEU A O   1 
ATOM   836  C CB  . LEU A 1 112 ? 6.478   -1.622  2.008   1.00 15.51 ? 117 LEU A CB  1 
ATOM   837  C CG  . LEU A 1 112 ? 5.320   -0.637  2.196   1.00 16.46 ? 117 LEU A CG  1 
ATOM   838  C CD1 . LEU A 1 112 ? 5.359   0.438   1.116   1.00 18.38 ? 117 LEU A CD1 1 
ATOM   839  C CD2 . LEU A 1 112 ? 3.984   -1.376  2.183   1.00 16.09 ? 117 LEU A CD2 1 
ATOM   840  N N   . ILE A 1 113 ? 8.829   -3.681  2.747   1.00 15.09 ? 118 ILE A N   1 
ATOM   841  C CA  . ILE A 1 113 ? 9.667   -4.809  2.397   1.00 16.76 ? 118 ILE A CA  1 
ATOM   842  C C   . ILE A 1 113 ? 9.423   -5.941  3.389   1.00 16.26 ? 118 ILE A C   1 
ATOM   843  O O   . ILE A 1 113 ? 9.341   -7.107  3.012   1.00 17.29 ? 118 ILE A O   1 
ATOM   844  C CB  . ILE A 1 113 ? 11.154  -4.386  2.335   1.00 15.97 ? 118 ILE A CB  1 
ATOM   845  C CG1 . ILE A 1 113 ? 11.382  -3.535  1.081   1.00 17.96 ? 118 ILE A CG1 1 
ATOM   846  C CG2 . ILE A 1 113 ? 12.067  -5.603  2.357   1.00 20.88 ? 118 ILE A CG2 1 
ATOM   847  C CD1 . ILE A 1 113 ? 12.667  -2.750  1.082   1.00 18.14 ? 118 ILE A CD1 1 
ATOM   848  N N   . LYS A 1 114 ? 9.263   -5.585  4.662   1.00 17.19 ? 119 LYS A N   1 
ATOM   849  C CA  . LYS A 1 114 ? 8.915   -6.576  5.674   1.00 16.61 ? 119 LYS A CA  1 
ATOM   850  C C   . LYS A 1 114 ? 7.554   -7.205  5.383   1.00 20.15 ? 119 LYS A C   1 
ATOM   851  O O   . LYS A 1 114 ? 7.371   -8.408  5.563   1.00 18.70 ? 119 LYS A O   1 
ATOM   852  C CB  . LYS A 1 114 ? 8.937   -5.958  7.083   1.00 17.77 ? 119 LYS A CB  1 
ATOM   853  C CG  . LYS A 1 114 ? 10.338  -5.581  7.561   1.00 23.62 ? 119 LYS A CG  1 
ATOM   854  C CD  . LYS A 1 114 ? 10.320  -5.016  8.971   1.00 37.94 ? 119 LYS A CD  1 
ATOM   855  C CE  . LYS A 1 114 ? 11.733  -4.785  9.498   1.00 47.46 ? 119 LYS A CE  1 
ATOM   856  N NZ  . LYS A 1 114 ? 12.493  -3.787  8.686   1.00 35.81 ? 119 LYS A NZ  1 
ATOM   857  N N   . ALA A 1 115 ? 6.605   -6.390  4.926   1.00 17.95 ? 120 ALA A N   1 
ATOM   858  C CA  . ALA A 1 115 ? 5.260   -6.878  4.637   1.00 21.22 ? 120 ALA A CA  1 
ATOM   859  C C   . ALA A 1 115 ? 5.254   -7.831  3.437   1.00 21.44 ? 120 ALA A C   1 
ATOM   860  O O   . ALA A 1 115 ? 4.316   -8.594  3.250   1.00 18.75 ? 120 ALA A O   1 
ATOM   861  C CB  . ALA A 1 115 ? 4.295   -5.706  4.413   1.00 19.62 ? 120 ALA A CB  1 
ATOM   862  N N   . LEU A 1 116 ? 6.308   -7.784  2.629   1.00 20.06 ? 121 LEU A N   1 
ATOM   863  C CA  . LEU A 1 116 ? 6.457   -8.726  1.525   1.00 18.28 ? 121 LEU A CA  1 
ATOM   864  C C   . LEU A 1 116 ? 6.564   -10.157 2.040   1.00 19.82 ? 121 LEU A C   1 
ATOM   865  O O   . LEU A 1 116 ? 6.443   -11.112 1.273   1.00 22.29 ? 121 LEU A O   1 
ATOM   866  C CB  . LEU A 1 116 ? 7.686   -8.381  0.679   1.00 26.83 ? 121 LEU A CB  1 
ATOM   867  C CG  . LEU A 1 116 ? 7.477   -7.437  -0.497  1.00 29.03 ? 121 LEU A CG  1 
ATOM   868  C CD1 . LEU A 1 116 ? 8.814   -7.117  -1.177  1.00 24.41 ? 121 LEU A CD1 1 
ATOM   869  C CD2 . LEU A 1 116 ? 6.501   -8.050  -1.488  1.00 25.52 ? 121 LEU A CD2 1 
ATOM   870  N N   . LYS A 1 117 ? 6.785   -10.297 3.343   1.00 18.79 ? 122 LYS A N   1 
ATOM   871  C CA  . LYS A 1 117 ? 6.934   -11.609 3.965   1.00 20.24 ? 122 LYS A CA  1 
ATOM   872  C C   . LYS A 1 117 ? 5.746   -11.950 4.860   1.00 24.35 ? 122 LYS A C   1 
ATOM   873  O O   . LYS A 1 117 ? 5.768   -12.936 5.600   1.00 25.06 ? 122 LYS A O   1 
ATOM   874  C CB  . LYS A 1 117 ? 8.250   -11.654 4.747   1.00 25.69 ? 122 LYS A CB  1 
ATOM   875  C CG  . LYS A 1 117 ? 9.460   -11.394 3.845   1.00 27.35 ? 122 LYS A CG  1 
ATOM   876  C CD  . LYS A 1 117 ? 10.377  -10.308 4.404   1.00 49.37 ? 122 LYS A CD  1 
ATOM   877  C CE  . LYS A 1 117 ? 11.486  -9.919  3.416   1.00 51.92 ? 122 LYS A CE  1 
ATOM   878  N NZ  . LYS A 1 117 ? 11.069  -9.033  2.261   1.00 28.10 ? 122 LYS A NZ  1 
ATOM   879  N N   . ASP A 1 118 ? 4.697   -11.139 4.772   1.00 20.47 ? 123 ASP A N   1 
ATOM   880  C CA  . ASP A 1 118 ? 3.496   -11.348 5.568   1.00 21.41 ? 123 ASP A CA  1 
ATOM   881  C C   . ASP A 1 118 ? 2.918   -12.735 5.314   1.00 26.52 ? 123 ASP A C   1 
ATOM   882  O O   . ASP A 1 118 ? 3.044   -13.281 4.220   1.00 22.33 ? 123 ASP A O   1 
ATOM   883  C CB  . ASP A 1 118 ? 2.448   -10.288 5.216   1.00 16.89 ? 123 ASP A CB  1 
ATOM   884  C CG  . ASP A 1 118 ? 1.347   -10.189 6.256   1.00 22.27 ? 123 ASP A CG  1 
ATOM   885  O OD1 . ASP A 1 118 ? 1.513   -9.416  7.220   1.00 23.10 ? 123 ASP A OD1 1 
ATOM   886  O OD2 . ASP A 1 118 ? 0.318   -10.874 6.100   1.00 21.10 ? 123 ASP A OD2 1 
ATOM   887  N N   . GLU A 1 119 ? 2.280   -13.303 6.330   1.00 21.07 ? 124 GLU A N   1 
ATOM   888  C CA  . GLU A 1 119 ? 1.646   -14.614 6.211   1.00 24.73 ? 124 GLU A CA  1 
ATOM   889  C C   . GLU A 1 119 ? 0.507   -14.634 5.188   1.00 25.03 ? 124 GLU A C   1 
ATOM   890  O O   . GLU A 1 119 ? 0.210   -15.676 4.607   1.00 27.10 ? 124 GLU A O   1 
ATOM   891  C CB  . GLU A 1 119 ? 1.125   -15.067 7.582   1.00 27.61 ? 124 GLU A CB  1 
ATOM   892  C CG  . GLU A 1 119 ? -0.071  -14.258 8.076   1.00 49.22 ? 124 GLU A CG  1 
ATOM   893  C CD  . GLU A 1 119 ? -0.164  -14.196 9.592   1.00 63.64 ? 124 GLU A CD  1 
ATOM   894  O OE1 . GLU A 1 119 ? 0.889   -14.046 10.249  1.00 66.68 ? 124 GLU A OE1 1 
ATOM   895  O OE2 . GLU A 1 119 ? -1.292  -14.285 10.123  1.00 57.42 ? 124 GLU A OE2 1 
ATOM   896  N N   . ASP A 1 120 ? -0.132  -13.486 4.969   1.00 21.81 ? 125 ASP A N   1 
ATOM   897  C CA  . ASP A 1 120 ? -1.302  -13.409 4.090   1.00 18.91 ? 125 ASP A CA  1 
ATOM   898  C C   . ASP A 1 120 ? -0.949  -12.962 2.681   1.00 18.56 ? 125 ASP A C   1 
ATOM   899  O O   . ASP A 1 120 ? -0.336  -11.917 2.494   1.00 17.40 ? 125 ASP A O   1 
ATOM   900  C CB  . ASP A 1 120 ? -2.345  -12.445 4.670   1.00 18.76 ? 125 ASP A CB  1 
ATOM   901  C CG  . ASP A 1 120 ? -3.006  -12.988 5.915   1.00 34.44 ? 125 ASP A CG  1 
ATOM   902  O OD1 . ASP A 1 120 ? -3.004  -14.222 6.100   1.00 28.01 ? 125 ASP A OD1 1 
ATOM   903  O OD2 . ASP A 1 120 ? -3.534  -12.179 6.706   1.00 28.40 ? 125 ASP A OD2 1 
ATOM   904  N N   . TRP A 1 121 ? -1.362  -13.744 1.690   1.00 17.50 ? 126 TRP A N   1 
ATOM   905  C CA  . TRP A 1 121 ? -0.986  -13.483 0.304   1.00 20.82 ? 126 TRP A CA  1 
ATOM   906  C C   . TRP A 1 121 ? -1.445  -12.109 -0.159  1.00 18.45 ? 126 TRP A C   1 
ATOM   907  O O   . TRP A 1 121 ? -0.742  -11.442 -0.910  1.00 18.23 ? 126 TRP A O   1 
ATOM   908  C CB  . TRP A 1 121 ? -1.548  -14.562 -0.624  1.00 24.10 ? 126 TRP A CB  1 
ATOM   909  C CG  . TRP A 1 121 ? -3.030  -14.695 -0.538  1.00 26.12 ? 126 TRP A CG  1 
ATOM   910  C CD1 . TRP A 1 121 ? -3.732  -15.504 0.303   1.00 27.63 ? 126 TRP A CD1 1 
ATOM   911  C CD2 . TRP A 1 121 ? -4.001  -13.988 -1.321  1.00 19.26 ? 126 TRP A CD2 1 
ATOM   912  N NE1 . TRP A 1 121 ? -5.082  -15.350 0.092   1.00 23.41 ? 126 TRP A NE1 1 
ATOM   913  C CE2 . TRP A 1 121 ? -5.273  -14.425 -0.899  1.00 21.98 ? 126 TRP A CE2 1 
ATOM   914  C CE3 . TRP A 1 121 ? -3.918  -13.032 -2.338  1.00 21.17 ? 126 TRP A CE3 1 
ATOM   915  C CZ2 . TRP A 1 121 ? -6.451  -13.934 -1.455  1.00 25.24 ? 126 TRP A CZ2 1 
ATOM   916  C CZ3 . TRP A 1 121 ? -5.091  -12.547 -2.890  1.00 28.17 ? 126 TRP A CZ3 1 
ATOM   917  C CH2 . TRP A 1 121 ? -6.339  -13.000 -2.449  1.00 32.08 ? 126 TRP A CH2 1 
ATOM   918  N N   . PHE A 1 122 ? -2.623  -11.690 0.294   1.00 21.12 ? 127 PHE A N   1 
ATOM   919  C CA  . PHE A 1 122 ? -3.188  -10.411 -0.135  1.00 19.15 ? 127 PHE A CA  1 
ATOM   920  C C   . PHE A 1 122 ? -2.427  -9.221  0.433   1.00 16.75 ? 127 PHE A C   1 
ATOM   921  O O   . PHE A 1 122 ? -2.380  -8.160  -0.177  1.00 18.55 ? 127 PHE A O   1 
ATOM   922  C CB  . PHE A 1 122 ? -4.688  -10.321 0.175   1.00 24.49 ? 127 PHE A CB  1 
ATOM   923  C CG  . PHE A 1 122 ? -5.055  -10.740 1.572   1.00 20.23 ? 127 PHE A CG  1 
ATOM   924  C CD1 . PHE A 1 122 ? -5.055  -9.820  2.609   1.00 22.50 ? 127 PHE A CD1 1 
ATOM   925  C CD2 . PHE A 1 122 ? -5.429  -12.047 1.841   1.00 25.08 ? 127 PHE A CD2 1 
ATOM   926  C CE1 . PHE A 1 122 ? -5.399  -10.202 3.886   1.00 25.32 ? 127 PHE A CE1 1 
ATOM   927  C CE2 . PHE A 1 122 ? -5.778  -12.432 3.119   1.00 24.16 ? 127 PHE A CE2 1 
ATOM   928  C CZ  . PHE A 1 122 ? -5.762  -11.510 4.145   1.00 22.80 ? 127 PHE A CZ  1 
ATOM   929  N N   . VAL A 1 123 ? -1.816  -9.402  1.595   1.00 18.02 ? 128 VAL A N   1 
ATOM   930  C CA  . VAL A 1 123 ? -0.933  -8.374  2.127   1.00 17.35 ? 128 VAL A CA  1 
ATOM   931  C C   . VAL A 1 123 ? 0.349   -8.296  1.295   1.00 15.88 ? 128 VAL A C   1 
ATOM   932  O O   . VAL A 1 123 ? 0.812   -7.209  0.959   1.00 12.48 ? 128 VAL A O   1 
ATOM   933  C CB  . VAL A 1 123 ? -0.609  -8.613  3.608   1.00 16.87 ? 128 VAL A CB  1 
ATOM   934  C CG1 . VAL A 1 123 ? 0.405   -7.586  4.114   1.00 18.23 ? 128 VAL A CG1 1 
ATOM   935  C CG2 . VAL A 1 123 ? -1.890  -8.536  4.428   1.00 17.65 ? 128 VAL A CG2 1 
ATOM   936  N N   . ARG A 1 124 ? 0.913   -9.449  0.959   1.00 17.98 ? 129 ARG A N   1 
ATOM   937  C CA  . ARG A 1 124 ? 2.115   -9.479  0.129   1.00 20.39 ? 129 ARG A CA  1 
ATOM   938  C C   . ARG A 1 124 ? 1.895   -8.827  -1.237  1.00 13.19 ? 129 ARG A C   1 
ATOM   939  O O   . ARG A 1 124 ? 2.766   -8.111  -1.729  1.00 16.25 ? 129 ARG A O   1 
ATOM   940  C CB  . ARG A 1 124 ? 2.645   -10.908 -0.025  1.00 19.38 ? 129 ARG A CB  1 
ATOM   941  C CG  . ARG A 1 124 ? 2.870   -11.618 1.302   1.00 15.45 ? 129 ARG A CG  1 
ATOM   942  C CD  . ARG A 1 124 ? 3.818   -12.806 1.169   1.00 22.27 ? 129 ARG A CD  1 
ATOM   943  N NE  . ARG A 1 124 ? 3.305   -13.868 0.304   1.00 17.85 ? 129 ARG A NE  1 
ATOM   944  C CZ  . ARG A 1 124 ? 2.453   -14.816 0.691   1.00 22.23 ? 129 ARG A CZ  1 
ATOM   945  N NH1 . ARG A 1 124 ? 1.981   -14.831 1.929   1.00 17.81 ? 129 ARG A NH1 1 
ATOM   946  N NH2 . ARG A 1 124 ? 2.061   -15.748 -0.163  1.00 22.73 ? 129 ARG A NH2 1 
ATOM   947  N N   . ILE A 1 125 ? 0.740   -9.068  -1.853  1.00 17.09 ? 130 ILE A N   1 
ATOM   948  C CA  . ILE A 1 125 ? 0.445   -8.413  -3.123  1.00 18.81 ? 130 ILE A CA  1 
ATOM   949  C C   . ILE A 1 125 ? 0.436   -6.901  -2.956  1.00 19.86 ? 130 ILE A C   1 
ATOM   950  O O   . ILE A 1 125 ? 0.989   -6.166  -3.766  1.00 18.34 ? 130 ILE A O   1 
ATOM   951  C CB  . ILE A 1 125 ? -0.922  -8.827  -3.692  1.00 14.98 ? 130 ILE A CB  1 
ATOM   952  C CG1 . ILE A 1 125 ? -0.894  -10.282 -4.164  1.00 19.91 ? 130 ILE A CG1 1 
ATOM   953  C CG2 . ILE A 1 125 ? -1.326  -7.873  -4.821  1.00 20.59 ? 130 ILE A CG2 1 
ATOM   954  C CD1 . ILE A 1 125 ? -2.277  -10.856 -4.439  1.00 24.82 ? 130 ILE A CD1 1 
ATOM   955  N N   . ALA A 1 126 ? -0.201  -6.439  -1.886  1.00 15.27 ? 131 ALA A N   1 
ATOM   956  C CA  . ALA A 1 126 ? -0.325  -5.017  -1.646  1.00 14.33 ? 131 ALA A CA  1 
ATOM   957  C C   . ALA A 1 126 ? 1.032   -4.386  -1.362  1.00 12.68 ? 131 ALA A C   1 
ATOM   958  O O   . ALA A 1 126 ? 1.298   -3.263  -1.790  1.00 15.28 ? 131 ALA A O   1 
ATOM   959  C CB  . ALA A 1 126 ? -1.297  -4.763  -0.487  1.00 12.64 ? 131 ALA A CB  1 
ATOM   960  N N   . ALA A 1 127 ? 1.880   -5.096  -0.621  1.00 16.01 ? 132 ALA A N   1 
ATOM   961  C CA  . ALA A 1 127 ? 3.234   -4.616  -0.352  1.00 18.17 ? 132 ALA A CA  1 
ATOM   962  C C   . ALA A 1 127 ? 4.025   -4.465  -1.646  1.00 17.59 ? 132 ALA A C   1 
ATOM   963  O O   . ALA A 1 127 ? 4.678   -3.450  -1.860  1.00 15.99 ? 132 ALA A O   1 
ATOM   964  C CB  . ALA A 1 127 ? 3.967   -5.542  0.611   1.00 13.89 ? 132 ALA A CB  1 
ATOM   965  N N   . ALA A 1 128 ? 3.950   -5.470  -2.511  1.00 16.39 ? 133 ALA A N   1 
ATOM   966  C CA  . ALA A 1 128 ? 4.647   -5.418  -3.794  1.00 16.82 ? 133 ALA A CA  1 
ATOM   967  C C   . ALA A 1 128 ? 4.174   -4.222  -4.603  1.00 14.35 ? 133 ALA A C   1 
ATOM   968  O O   . ALA A 1 128 ? 4.970   -3.435  -5.119  1.00 18.38 ? 133 ALA A O   1 
ATOM   969  C CB  . ALA A 1 128 ? 4.411   -6.707  -4.574  1.00 15.53 ? 133 ALA A CB  1 
ATOM   970  N N   . PHE A 1 129 ? 2.860   -4.100  -4.721  1.00 13.26 ? 134 PHE A N   1 
ATOM   971  C CA  . PHE A 1 129 ? 2.266   -3.007  -5.468  1.00 14.48 ? 134 PHE A CA  1 
ATOM   972  C C   . PHE A 1 129 ? 2.713   -1.651  -4.930  1.00 19.13 ? 134 PHE A C   1 
ATOM   973  O O   . PHE A 1 129 ? 3.105   -0.777  -5.702  1.00 18.75 ? 134 PHE A O   1 
ATOM   974  C CB  . PHE A 1 129 ? 0.744   -3.121  -5.442  1.00 17.46 ? 134 PHE A CB  1 
ATOM   975  C CG  . PHE A 1 129 ? 0.046   -2.023  -6.188  1.00 29.10 ? 134 PHE A CG  1 
ATOM   976  C CD1 . PHE A 1 129 ? -0.013  -2.035  -7.572  1.00 32.76 ? 134 PHE A CD1 1 
ATOM   977  C CD2 . PHE A 1 129 ? -0.554  -0.978  -5.505  1.00 29.02 ? 134 PHE A CD2 1 
ATOM   978  C CE1 . PHE A 1 129 ? -0.652  -1.020  -8.264  1.00 32.57 ? 134 PHE A CE1 1 
ATOM   979  C CE2 . PHE A 1 129 ? -1.194  0.038   -6.191  1.00 36.39 ? 134 PHE A CE2 1 
ATOM   980  C CZ  . PHE A 1 129 ? -1.242  0.017   -7.570  1.00 30.37 ? 134 PHE A CZ  1 
ATOM   981  N N   . ALA A 1 130 ? 2.661   -1.481  -3.612  1.00 15.65 ? 135 ALA A N   1 
ATOM   982  C CA  . ALA A 1 130 ? 3.052   -0.222  -2.981  1.00 17.30 ? 135 ALA A CA  1 
ATOM   983  C C   . ALA A 1 130 ? 4.529   0.097   -3.220  1.00 17.45 ? 135 ALA A C   1 
ATOM   984  O O   . ALA A 1 130 ? 4.900   1.249   -3.435  1.00 18.11 ? 135 ALA A O   1 
ATOM   985  C CB  . ALA A 1 130 ? 2.750   -0.262  -1.480  1.00 16.19 ? 135 ALA A CB  1 
ATOM   986  N N   . LEU A 1 131 ? 5.372   -0.926  -3.184  1.00 17.92 ? 136 LEU A N   1 
ATOM   987  C CA  . LEU A 1 131 ? 6.789   -0.716  -3.442  1.00 17.54 ? 136 LEU A CA  1 
ATOM   988  C C   . LEU A 1 131 ? 6.998   -0.275  -4.885  1.00 16.43 ? 136 LEU A C   1 
ATOM   989  O O   . LEU A 1 131 ? 7.843   0.571   -5.164  1.00 18.24 ? 136 LEU A O   1 
ATOM   990  C CB  . LEU A 1 131 ? 7.582   -1.982  -3.134  1.00 18.00 ? 136 LEU A CB  1 
ATOM   991  C CG  . LEU A 1 131 ? 7.731   -2.279  -1.640  1.00 14.21 ? 136 LEU A CG  1 
ATOM   992  C CD1 . LEU A 1 131 ? 8.229   -3.710  -1.444  1.00 17.31 ? 136 LEU A CD1 1 
ATOM   993  C CD2 . LEU A 1 131 ? 8.682   -1.291  -1.008  1.00 18.28 ? 136 LEU A CD2 1 
ATOM   994  N N   . GLY A 1 132 ? 6.212   -0.844  -5.794  1.00 17.03 ? 137 GLY A N   1 
ATOM   995  C CA  . GLY A 1 132 ? 6.238   -0.419  -7.183  1.00 21.22 ? 137 GLY A CA  1 
ATOM   996  C C   . GLY A 1 132 ? 5.847   1.041   -7.342  1.00 25.06 ? 137 GLY A C   1 
ATOM   997  O O   . GLY A 1 132 ? 6.469   1.793   -8.098  1.00 21.19 ? 137 GLY A O   1 
ATOM   998  N N   . GLU A 1 133 ? 4.821   1.454   -6.613  1.00 19.21 ? 138 GLU A N   1 
ATOM   999  C CA  . GLU A 1 133 ? 4.308   2.822   -6.729  1.00 17.62 ? 138 GLU A CA  1 
ATOM   1000 C C   . GLU A 1 133 ? 5.293   3.845   -6.176  1.00 25.57 ? 138 GLU A C   1 
ATOM   1001 O O   . GLU A 1 133 ? 5.470   4.928   -6.737  1.00 22.10 ? 138 GLU A O   1 
ATOM   1002 C CB  . GLU A 1 133 ? 2.975   2.955   -6.006  1.00 23.52 ? 138 GLU A CB  1 
ATOM   1003 C CG  . GLU A 1 133 ? 1.806   2.354   -6.749  1.00 29.76 ? 138 GLU A CG  1 
ATOM   1004 C CD  . GLU A 1 133 ? 0.500   2.658   -6.048  1.00 49.59 ? 138 GLU A CD  1 
ATOM   1005 O OE1 . GLU A 1 133 ? 0.493   2.631   -4.803  1.00 40.44 ? 138 GLU A OE1 1 
ATOM   1006 O OE2 . GLU A 1 133 ? -0.510  2.929   -6.730  1.00 59.35 ? 138 GLU A OE2 1 
ATOM   1007 N N   . ILE A 1 134 ? 5.925   3.506   -5.060  1.00 19.08 ? 139 ILE A N   1 
ATOM   1008 C CA  . ILE A 1 134 ? 6.916   4.395   -4.468  1.00 16.18 ? 139 ILE A CA  1 
ATOM   1009 C C   . ILE A 1 134 ? 8.136   4.530   -5.392  1.00 21.26 ? 139 ILE A C   1 
ATOM   1010 O O   . ILE A 1 134 ? 8.695   5.618   -5.540  1.00 22.22 ? 139 ILE A O   1 
ATOM   1011 C CB  . ILE A 1 134 ? 7.308   3.922   -3.055  1.00 21.20 ? 139 ILE A CB  1 
ATOM   1012 C CG1 . ILE A 1 134 ? 6.092   4.049   -2.126  1.00 18.11 ? 139 ILE A CG1 1 
ATOM   1013 C CG2 . ILE A 1 134 ? 8.496   4.719   -2.523  1.00 23.37 ? 139 ILE A CG2 1 
ATOM   1014 C CD1 . ILE A 1 134 ? 6.307   3.468   -0.744  1.00 18.01 ? 139 ILE A CD1 1 
ATOM   1015 N N   . GLY A 1 135 ? 8.524   3.431   -6.029  1.00 20.37 ? 140 GLY A N   1 
ATOM   1016 C CA  . GLY A 1 135 ? 9.513   3.479   -7.097  1.00 22.92 ? 140 GLY A CA  1 
ATOM   1017 C C   . GLY A 1 135 ? 10.959  3.520   -6.633  1.00 29.97 ? 140 GLY A C   1 
ATOM   1018 O O   . GLY A 1 135 ? 11.856  3.873   -7.404  1.00 22.26 ? 140 GLY A O   1 
ATOM   1019 N N   . ASP A 1 136 ? 11.183  3.155   -5.374  1.00 23.97 ? 141 ASP A N   1 
ATOM   1020 C CA  . ASP A 1 136 ? 12.516  3.184   -4.769  1.00 19.44 ? 141 ASP A CA  1 
ATOM   1021 C C   . ASP A 1 136 ? 13.301  1.902   -5.048  1.00 22.83 ? 141 ASP A C   1 
ATOM   1022 O O   . ASP A 1 136 ? 12.846  0.817   -4.708  1.00 17.19 ? 141 ASP A O   1 
ATOM   1023 C CB  . ASP A 1 136 ? 12.377  3.406   -3.258  1.00 22.30 ? 141 ASP A CB  1 
ATOM   1024 C CG  . ASP A 1 136 ? 13.712  3.630   -2.570  1.00 36.09 ? 141 ASP A CG  1 
ATOM   1025 O OD1 . ASP A 1 136 ? 14.748  3.158   -3.085  1.00 33.57 ? 141 ASP A OD1 1 
ATOM   1026 O OD2 . ASP A 1 136 ? 13.724  4.279   -1.501  1.00 41.03 ? 141 ASP A OD2 1 
ATOM   1027 N N   . GLU A 1 137 ? 14.477  2.047   -5.670  1.00 22.06 ? 142 GLU A N   1 
ATOM   1028 C CA  . GLU A 1 137 ? 15.353  0.927   -6.045  1.00 19.32 ? 142 GLU A CA  1 
ATOM   1029 C C   . GLU A 1 137 ? 15.743  0.027   -4.881  1.00 15.30 ? 142 GLU A C   1 
ATOM   1030 O O   . GLU A 1 137 ? 16.235  -1.087  -5.078  1.00 19.95 ? 142 GLU A O   1 
ATOM   1031 C CB  . GLU A 1 137 ? 16.664  1.463   -6.633  1.00 27.96 ? 142 GLU A CB  1 
ATOM   1032 C CG  . GLU A 1 137 ? 16.632  1.892   -8.072  1.00 50.05 ? 142 GLU A CG  1 
ATOM   1033 C CD  . GLU A 1 137 ? 18.028  2.227   -8.577  1.00 45.86 ? 142 GLU A CD  1 
ATOM   1034 O OE1 . GLU A 1 137 ? 18.915  2.507   -7.733  1.00 40.40 ? 142 GLU A OE1 1 
ATOM   1035 O OE2 . GLU A 1 137 ? 18.243  2.205   -9.807  1.00 52.48 ? 142 GLU A OE2 1 
ATOM   1036 N N   . ARG A 1 138 ? 15.578  0.534   -3.669  1.00 19.37 ? 143 ARG A N   1 
ATOM   1037 C CA  . ARG A 1 138 ? 15.839  -0.253  -2.476  1.00 21.33 ? 143 ARG A CA  1 
ATOM   1038 C C   . ARG A 1 138 ? 15.096  -1.586  -2.534  1.00 23.79 ? 143 ARG A C   1 
ATOM   1039 O O   . ARG A 1 138 ? 15.588  -2.600  -2.048  1.00 20.71 ? 143 ARG A O   1 
ATOM   1040 C CB  . ARG A 1 138 ? 15.417  0.541   -1.233  1.00 17.89 ? 143 ARG A CB  1 
ATOM   1041 C CG  . ARG A 1 138 ? 15.246  -0.287  0.032   1.00 20.11 ? 143 ARG A CG  1 
ATOM   1042 C CD  . ARG A 1 138 ? 16.571  -0.832  0.537   1.00 22.66 ? 143 ARG A CD  1 
ATOM   1043 N NE  . ARG A 1 138 ? 16.380  -1.608  1.759   1.00 21.20 ? 143 ARG A NE  1 
ATOM   1044 C CZ  . ARG A 1 138 ? 16.236  -2.928  1.790   1.00 17.06 ? 143 ARG A CZ  1 
ATOM   1045 N NH1 . ARG A 1 138 ? 16.269  -3.631  0.663   1.00 16.24 ? 143 ARG A NH1 1 
ATOM   1046 N NH2 . ARG A 1 138 ? 16.060  -3.544  2.951   1.00 19.49 ? 143 ARG A NH2 1 
ATOM   1047 N N   . ALA A 1 139 ? 13.916  -1.590  -3.145  1.00 18.69 ? 144 ALA A N   1 
ATOM   1048 C CA  . ALA A 1 139 ? 13.065  -2.776  -3.096  1.00 15.26 ? 144 ALA A CA  1 
ATOM   1049 C C   . ALA A 1 139 ? 13.399  -3.849  -4.129  1.00 21.10 ? 144 ALA A C   1 
ATOM   1050 O O   . ALA A 1 139 ? 12.724  -4.868  -4.185  1.00 19.18 ? 144 ALA A O   1 
ATOM   1051 C CB  . ALA A 1 139 ? 11.584  -2.380  -3.217  1.00 18.58 ? 144 ALA A CB  1 
ATOM   1052 N N   . VAL A 1 140 ? 14.435  -3.638  -4.935  1.00 16.64 ? 145 VAL A N   1 
ATOM   1053 C CA  . VAL A 1 140 ? 14.724  -4.581  -6.021  1.00 17.86 ? 145 VAL A CA  1 
ATOM   1054 C C   . VAL A 1 140 ? 14.969  -6.014  -5.541  1.00 18.38 ? 145 VAL A C   1 
ATOM   1055 O O   . VAL A 1 140 ? 14.315  -6.942  -6.002  1.00 19.19 ? 145 VAL A O   1 
ATOM   1056 C CB  . VAL A 1 140 ? 15.891  -4.116  -6.924  1.00 20.37 ? 145 VAL A CB  1 
ATOM   1057 C CG1 . VAL A 1 140 ? 16.297  -5.226  -7.892  1.00 21.52 ? 145 VAL A CG1 1 
ATOM   1058 C CG2 . VAL A 1 140 ? 15.494  -2.869  -7.694  1.00 21.84 ? 145 VAL A CG2 1 
ATOM   1059 N N   . GLU A 1 141 ? 15.903  -6.210  -4.619  1.00 15.46 ? 146 GLU A N   1 
ATOM   1060 C CA  . GLU A 1 141 ? 16.207  -7.578  -4.207  1.00 20.35 ? 146 GLU A CA  1 
ATOM   1061 C C   . GLU A 1 141 ? 15.033  -8.289  -3.525  1.00 23.68 ? 146 GLU A C   1 
ATOM   1062 O O   . GLU A 1 141 ? 14.734  -9.441  -3.839  1.00 20.31 ? 146 GLU A O   1 
ATOM   1063 C CB  . GLU A 1 141 ? 17.498  -7.641  -3.380  1.00 25.64 ? 146 GLU A CB  1 
ATOM   1064 C CG  . GLU A 1 141 ? 18.758  -7.408  -4.224  1.00 36.29 ? 146 GLU A CG  1 
ATOM   1065 C CD  . GLU A 1 141 ? 18.877  -8.371  -5.415  1.00 34.16 ? 146 GLU A CD  1 
ATOM   1066 O OE1 . GLU A 1 141 ? 18.576  -9.571  -5.258  1.00 45.18 ? 146 GLU A OE1 1 
ATOM   1067 O OE2 . GLU A 1 141 ? 19.277  -7.926  -6.511  1.00 35.35 ? 146 GLU A OE2 1 
ATOM   1068 N N   . PRO A 1 142 ? 14.346  -7.602  -2.601  1.00 19.96 ? 147 PRO A N   1 
ATOM   1069 C CA  . PRO A 1 142 ? 13.159  -8.231  -2.009  1.00 17.43 ? 147 PRO A CA  1 
ATOM   1070 C C   . PRO A 1 142 ? 12.099  -8.602  -3.060  1.00 15.16 ? 147 PRO A C   1 
ATOM   1071 O O   . PRO A 1 142 ? 11.485  -9.661  -2.954  1.00 17.94 ? 147 PRO A O   1 
ATOM   1072 C CB  . PRO A 1 142 ? 12.614  -7.146  -1.071  1.00 18.66 ? 147 PRO A CB  1 
ATOM   1073 C CG  . PRO A 1 142 ? 13.775  -6.263  -0.779  1.00 22.79 ? 147 PRO A CG  1 
ATOM   1074 C CD  . PRO A 1 142 ? 14.710  -6.332  -1.946  1.00 18.16 ? 147 PRO A CD  1 
ATOM   1075 N N   . LEU A 1 143 ? 11.868  -7.738  -4.046  1.00 16.25 ? 148 LEU A N   1 
ATOM   1076 C CA  . LEU A 1 143 ? 10.897  -8.053  -5.092  1.00 17.43 ? 148 LEU A CA  1 
ATOM   1077 C C   . LEU A 1 143 ? 11.377  -9.220  -5.955  1.00 15.18 ? 148 LEU A C   1 
ATOM   1078 O O   . LEU A 1 143 ? 10.584  -10.079 -6.348  1.00 16.30 ? 148 LEU A O   1 
ATOM   1079 C CB  . LEU A 1 143 ? 10.593  -6.822  -5.957  1.00 18.50 ? 148 LEU A CB  1 
ATOM   1080 C CG  . LEU A 1 143 ? 9.767   -5.738  -5.245  1.00 18.65 ? 148 LEU A CG  1 
ATOM   1081 C CD1 . LEU A 1 143 ? 9.800   -4.421  -6.017  1.00 19.01 ? 148 LEU A CD1 1 
ATOM   1082 C CD2 . LEU A 1 143 ? 8.329   -6.189  -5.007  1.00 15.85 ? 148 LEU A CD2 1 
ATOM   1083 N N   . ILE A 1 144 ? 12.673  -9.257  -6.245  1.00 14.12 ? 149 ILE A N   1 
ATOM   1084 C CA  . ILE A 1 144 ? 13.244  -10.378 -6.993  1.00 16.11 ? 149 ILE A CA  1 
ATOM   1085 C C   . ILE A 1 144 ? 12.957  -11.698 -6.283  1.00 23.07 ? 149 ILE A C   1 
ATOM   1086 O O   . ILE A 1 144 ? 12.535  -12.673 -6.906  1.00 16.59 ? 149 ILE A O   1 
ATOM   1087 C CB  . ILE A 1 144 ? 14.764  -10.233 -7.201  1.00 18.84 ? 149 ILE A CB  1 
ATOM   1088 C CG1 . ILE A 1 144 ? 15.076  -9.094  -8.170  1.00 21.57 ? 149 ILE A CG1 1 
ATOM   1089 C CG2 . ILE A 1 144 ? 15.350  -11.528 -7.738  1.00 23.28 ? 149 ILE A CG2 1 
ATOM   1090 C CD1 . ILE A 1 144 ? 14.676  -9.372  -9.602  1.00 25.04 ? 149 ILE A CD1 1 
ATOM   1091 N N   . LYS A 1 145 ? 13.177  -11.723 -4.973  1.00 20.94 ? 150 LYS A N   1 
ATOM   1092 C CA  . LYS A 1 145 ? 12.866  -12.917 -4.191  1.00 19.60 ? 150 LYS A CA  1 
ATOM   1093 C C   . LYS A 1 145 ? 11.381  -13.282 -4.256  1.00 26.29 ? 150 LYS A C   1 
ATOM   1094 O O   . LYS A 1 145 ? 11.027  -14.465 -4.308  1.00 23.69 ? 150 LYS A O   1 
ATOM   1095 C CB  . LYS A 1 145 ? 13.331  -12.757 -2.736  1.00 19.01 ? 150 LYS A CB  1 
ATOM   1096 C CG  . LYS A 1 145 ? 14.805  -12.430 -2.587  1.00 39.60 ? 150 LYS A CG  1 
ATOM   1097 C CD  . LYS A 1 145 ? 15.260  -12.600 -1.141  1.00 60.60 ? 150 LYS A CD  1 
ATOM   1098 C CE  . LYS A 1 145 ? 16.489  -11.751 -0.832  1.00 51.63 ? 150 LYS A CE  1 
ATOM   1099 N NZ  . LYS A 1 145 ? 17.638  -12.051 -1.738  1.00 36.11 ? 150 LYS A NZ  1 
ATOM   1100 N N   . ALA A 1 146 ? 10.510  -12.272 -4.263  1.00 17.42 ? 151 ALA A N   1 
ATOM   1101 C CA  . ALA A 1 146 ? 9.072   -12.504 -4.344  1.00 17.65 ? 151 ALA A CA  1 
ATOM   1102 C C   . ALA A 1 146 ? 8.615   -13.127 -5.668  1.00 15.24 ? 151 ALA A C   1 
ATOM   1103 O O   . ALA A 1 146 ? 7.464   -13.559 -5.792  1.00 21.17 ? 151 ALA A O   1 
ATOM   1104 C CB  . ALA A 1 146 ? 8.297   -11.200 -4.065  1.00 21.79 ? 151 ALA A CB  1 
ATOM   1105 N N   . LEU A 1 147 ? 9.502   -13.175 -6.659  1.00 17.48 ? 152 LEU A N   1 
ATOM   1106 C CA  . LEU A 1 147 ? 9.211   -13.898 -7.901  1.00 19.62 ? 152 LEU A CA  1 
ATOM   1107 C C   . LEU A 1 147 ? 9.176   -15.404 -7.660  1.00 20.47 ? 152 LEU A C   1 
ATOM   1108 O O   . LEU A 1 147 ? 8.728   -16.170 -8.513  1.00 19.34 ? 152 LEU A O   1 
ATOM   1109 C CB  . LEU A 1 147 ? 10.248  -13.571 -8.989  1.00 18.01 ? 152 LEU A CB  1 
ATOM   1110 C CG  . LEU A 1 147 ? 10.309  -12.109 -9.429  1.00 16.63 ? 152 LEU A CG  1 
ATOM   1111 C CD1 . LEU A 1 147 ? 11.381  -11.902 -10.487 1.00 18.38 ? 152 LEU A CD1 1 
ATOM   1112 C CD2 . LEU A 1 147 ? 8.953   -11.628 -9.945  1.00 22.40 ? 152 LEU A CD2 1 
ATOM   1113 N N   . LYS A 1 148 ? 9.668   -15.817 -6.496  1.00 20.57 ? 153 LYS A N   1 
ATOM   1114 C CA  . LYS A 1 148 ? 9.610   -17.213 -6.081  1.00 21.67 ? 153 LYS A CA  1 
ATOM   1115 C C   . LYS A 1 148 ? 8.492   -17.479 -5.068  1.00 24.49 ? 153 LYS A C   1 
ATOM   1116 O O   . LYS A 1 148 ? 8.447   -18.551 -4.467  1.00 24.19 ? 153 LYS A O   1 
ATOM   1117 C CB  . LYS A 1 148 ? 10.951  -17.638 -5.475  1.00 26.55 ? 153 LYS A CB  1 
ATOM   1118 C CG  . LYS A 1 148 ? 12.108  -17.630 -6.460  1.00 26.89 ? 153 LYS A CG  1 
ATOM   1119 C CD  . LYS A 1 148 ? 11.789  -18.533 -7.642  1.00 44.10 ? 153 LYS A CD  1 
ATOM   1120 C CE  . LYS A 1 148 ? 12.729  -18.299 -8.812  1.00 58.27 ? 153 LYS A CE  1 
ATOM   1121 N NZ  . LYS A 1 148 ? 12.223  -18.957 -10.058 1.00 35.86 ? 153 LYS A NZ  1 
ATOM   1122 N N   . ASP A 1 149 ? 7.594   -16.513 -4.875  1.00 20.56 ? 154 ASP A N   1 
ATOM   1123 C CA  . ASP A 1 149 ? 6.515   -16.667 -3.893  1.00 28.65 ? 154 ASP A CA  1 
ATOM   1124 C C   . ASP A 1 149 ? 5.613   -17.852 -4.238  1.00 22.88 ? 154 ASP A C   1 
ATOM   1125 O O   . ASP A 1 149 ? 5.415   -18.178 -5.411  1.00 19.37 ? 154 ASP A O   1 
ATOM   1126 C CB  . ASP A 1 149 ? 5.687   -15.371 -3.794  1.00 22.22 ? 154 ASP A CB  1 
ATOM   1127 C CG  . ASP A 1 149 ? 4.816   -15.313 -2.538  1.00 18.21 ? 154 ASP A CG  1 
ATOM   1128 O OD1 . ASP A 1 149 ? 5.263   -14.732 -1.528  1.00 20.74 ? 154 ASP A OD1 1 
ATOM   1129 O OD2 . ASP A 1 149 ? 3.681   -15.829 -2.562  1.00 21.05 ? 154 ASP A OD2 1 
ATOM   1130 N N   . GLU A 1 150 ? 5.061   -18.498 -3.217  1.00 23.45 ? 155 GLU A N   1 
ATOM   1131 C CA  . GLU A 1 150 ? 4.181   -19.627 -3.459  1.00 29.62 ? 155 GLU A CA  1 
ATOM   1132 C C   . GLU A 1 150 ? 2.928   -19.181 -4.202  1.00 29.79 ? 155 GLU A C   1 
ATOM   1133 O O   . GLU A 1 150 ? 2.328   -19.950 -4.942  1.00 28.76 ? 155 GLU A O   1 
ATOM   1134 C CB  . GLU A 1 150 ? 3.817   -20.337 -2.153  1.00 27.77 ? 155 GLU A CB  1 
ATOM   1135 C CG  . GLU A 1 150 ? 3.092   -19.468 -1.134  1.00 27.28 ? 155 GLU A CG  1 
ATOM   1136 C CD  . GLU A 1 150 ? 2.747   -20.233 0.132   1.00 66.84 ? 155 GLU A CD  1 
ATOM   1137 O OE1 . GLU A 1 150 ? 3.146   -21.412 0.239   1.00 50.47 ? 155 GLU A OE1 1 
ATOM   1138 O OE2 . GLU A 1 150 ? 2.078   -19.660 1.019   1.00 49.69 ? 155 GLU A OE2 1 
ATOM   1139 N N   . ASP A 1 151 ? 2.550   -17.921 -4.025  1.00 18.78 ? 156 ASP A N   1 
ATOM   1140 C CA  . ASP A 1 151 ? 1.320   -17.423 -4.618  1.00 22.63 ? 156 ASP A CA  1 
ATOM   1141 C C   . ASP A 1 151 ? 1.584   -16.771 -5.970  1.00 27.03 ? 156 ASP A C   1 
ATOM   1142 O O   . ASP A 1 151 ? 2.380   -15.839 -6.072  1.00 22.28 ? 156 ASP A O   1 
ATOM   1143 C CB  . ASP A 1 151 ? 0.640   -16.432 -3.669  1.00 21.19 ? 156 ASP A CB  1 
ATOM   1144 C CG  . ASP A 1 151 ? -0.713  -15.990 -4.168  1.00 22.47 ? 156 ASP A CG  1 
ATOM   1145 O OD1 . ASP A 1 151 ? -0.760  -15.229 -5.157  1.00 22.49 ? 156 ASP A OD1 1 
ATOM   1146 O OD2 . ASP A 1 151 ? -1.736  -16.400 -3.571  1.00 24.46 ? 156 ASP A OD2 1 
ATOM   1147 N N   . GLY A 1 152 ? 0.905   -17.260 -7.004  1.00 20.54 ? 157 GLY A N   1 
ATOM   1148 C CA  . GLY A 1 152 ? 1.112   -16.772 -8.359  1.00 22.03 ? 157 GLY A CA  1 
ATOM   1149 C C   . GLY A 1 152 ? 0.723   -15.323 -8.601  1.00 19.02 ? 157 GLY A C   1 
ATOM   1150 O O   . GLY A 1 152 ? 1.281   -14.675 -9.490  1.00 23.18 ? 157 GLY A O   1 
ATOM   1151 N N   . TRP A 1 153 ? -0.237  -14.812 -7.831  1.00 18.25 ? 158 TRP A N   1 
ATOM   1152 C CA  . TRP A 1 153 ? -0.607  -13.405 -7.936  1.00 18.92 ? 158 TRP A CA  1 
ATOM   1153 C C   . TRP A 1 153 ? 0.459   -12.523 -7.292  1.00 18.66 ? 158 TRP A C   1 
ATOM   1154 O O   . TRP A 1 153 ? 0.744   -11.428 -7.777  1.00 17.37 ? 158 TRP A O   1 
ATOM   1155 C CB  . TRP A 1 153 ? -1.965  -13.120 -7.284  1.00 18.83 ? 158 TRP A CB  1 
ATOM   1156 C CG  . TRP A 1 153 ? -3.137  -13.677 -8.022  1.00 24.43 ? 158 TRP A CG  1 
ATOM   1157 C CD1 . TRP A 1 153 ? -3.125  -14.293 -9.241  1.00 33.61 ? 158 TRP A CD1 1 
ATOM   1158 C CD2 . TRP A 1 153 ? -4.508  -13.641 -7.604  1.00 28.03 ? 158 TRP A CD2 1 
ATOM   1159 N NE1 . TRP A 1 153 ? -4.403  -14.663 -9.598  1.00 38.09 ? 158 TRP A NE1 1 
ATOM   1160 C CE2 . TRP A 1 153 ? -5.270  -14.269 -8.612  1.00 41.15 ? 158 TRP A CE2 1 
ATOM   1161 C CE3 . TRP A 1 153 ? -5.164  -13.145 -6.472  1.00 32.01 ? 158 TRP A CE3 1 
ATOM   1162 C CZ2 . TRP A 1 153 ? -6.653  -14.416 -8.521  1.00 35.65 ? 158 TRP A CZ2 1 
ATOM   1163 C CZ3 . TRP A 1 153 ? -6.537  -13.290 -6.383  1.00 34.44 ? 158 TRP A CZ3 1 
ATOM   1164 C CH2 . TRP A 1 153 ? -7.268  -13.918 -7.403  1.00 33.98 ? 158 TRP A CH2 1 
ATOM   1165 N N   . VAL A 1 154 ? 1.024   -12.985 -6.181  1.00 17.19 ? 159 VAL A N   1 
ATOM   1166 C CA  . VAL A 1 154 ? 2.106   -12.246 -5.548  1.00 17.40 ? 159 VAL A CA  1 
ATOM   1167 C C   . VAL A 1 154 ? 3.274   -12.167 -6.520  1.00 16.78 ? 159 VAL A C   1 
ATOM   1168 O O   . VAL A 1 154 ? 3.880   -11.111 -6.693  1.00 18.03 ? 159 VAL A O   1 
ATOM   1169 C CB  . VAL A 1 154 ? 2.581   -12.892 -4.239  1.00 19.36 ? 159 VAL A CB  1 
ATOM   1170 C CG1 . VAL A 1 154 ? 3.835   -12.171 -3.723  1.00 17.18 ? 159 VAL A CG1 1 
ATOM   1171 C CG2 . VAL A 1 154 ? 1.475   -12.861 -3.192  1.00 20.40 ? 159 VAL A CG2 1 
ATOM   1172 N N   . ARG A 1 155 ? 3.591   -13.292 -7.154  1.00 16.35 ? 160 ARG A N   1 
ATOM   1173 C CA  . ARG A 1 155 ? 4.646   -13.303 -8.164  1.00 17.02 ? 160 ARG A CA  1 
ATOM   1174 C C   . ARG A 1 155 ? 4.400   -12.242 -9.230  1.00 17.18 ? 160 ARG A C   1 
ATOM   1175 O O   . ARG A 1 155 ? 5.302   -11.484 -9.583  1.00 18.37 ? 160 ARG A O   1 
ATOM   1176 C CB  . ARG A 1 155 ? 4.724   -14.668 -8.847  1.00 19.33 ? 160 ARG A CB  1 
ATOM   1177 C CG  . ARG A 1 155 ? 5.195   -15.782 -7.956  1.00 24.72 ? 160 ARG A CG  1 
ATOM   1178 C CD  . ARG A 1 155 ? 5.341   -17.074 -8.749  1.00 19.53 ? 160 ARG A CD  1 
ATOM   1179 N NE  . ARG A 1 155 ? 5.973   -18.103 -7.940  1.00 32.41 ? 160 ARG A NE  1 
ATOM   1180 C CZ  . ARG A 1 155 ? 6.478   -19.227 -8.433  1.00 48.39 ? 160 ARG A CZ  1 
ATOM   1181 N NH1 . ARG A 1 155 ? 6.418   -19.459 -9.736  1.00 31.19 ? 160 ARG A NH1 1 
ATOM   1182 N NH2 . ARG A 1 155 ? 7.045   -20.113 -7.623  1.00 33.31 ? 160 ARG A NH2 1 
ATOM   1183 N N   . GLN A 1 156 ? 3.180   -12.211 -9.756  1.00 15.89 ? 161 GLN A N   1 
ATOM   1184 C CA  . GLN A 1 156 ? 2.838   -11.305 -10.847 1.00 20.05 ? 161 GLN A CA  1 
ATOM   1185 C C   . GLN A 1 156 ? 2.951   -9.853  -10.405 1.00 21.19 ? 161 GLN A C   1 
ATOM   1186 O O   . GLN A 1 156 ? 3.413   -8.997  -11.160 1.00 18.14 ? 161 GLN A O   1 
ATOM   1187 C CB  . GLN A 1 156 ? 1.418   -11.584 -11.350 1.00 21.37 ? 161 GLN A CB  1 
ATOM   1188 C CG  . GLN A 1 156 ? 1.083   -10.908 -12.666 1.00 30.04 ? 161 GLN A CG  1 
ATOM   1189 C CD  . GLN A 1 156 ? 2.052   -11.294 -13.777 1.00 52.90 ? 161 GLN A CD  1 
ATOM   1190 O OE1 . GLN A 1 156 ? 2.979   -10.549 -14.086 1.00 54.22 ? 161 GLN A OE1 1 
ATOM   1191 N NE2 . GLN A 1 156 ? 1.849   -12.471 -14.370 1.00 42.13 ? 161 GLN A NE2 1 
ATOM   1192 N N   . SER A 1 157 ? 2.518   -9.581  -9.180  1.00 18.31 ? 162 SER A N   1 
ATOM   1193 C CA  . SER A 1 157 ? 2.559   -8.220  -8.649  1.00 14.49 ? 162 SER A CA  1 
ATOM   1194 C C   . SER A 1 157 ? 4.000   -7.764  -8.444  1.00 15.09 ? 162 SER A C   1 
ATOM   1195 O O   . SER A 1 157 ? 4.333   -6.595  -8.654  1.00 17.19 ? 162 SER A O   1 
ATOM   1196 C CB  . SER A 1 157 ? 1.794   -8.127  -7.334  1.00 21.34 ? 162 SER A CB  1 
ATOM   1197 O OG  . SER A 1 157 ? 2.470   -8.828  -6.307  1.00 36.39 ? 162 SER A OG  1 
ATOM   1198 N N   . ALA A 1 158 ? 4.854   -8.684  -8.019  1.00 14.73 ? 163 ALA A N   1 
ATOM   1199 C CA  . ALA A 1 158 ? 6.270   -8.355  -7.867  1.00 15.62 ? 163 ALA A CA  1 
ATOM   1200 C C   . ALA A 1 158 ? 6.902   -8.055  -9.223  1.00 19.00 ? 163 ALA A C   1 
ATOM   1201 O O   . ALA A 1 158 ? 7.692   -7.119  -9.356  1.00 16.92 ? 163 ALA A O   1 
ATOM   1202 C CB  . ALA A 1 158 ? 7.008   -9.477  -7.153  1.00 16.32 ? 163 ALA A CB  1 
ATOM   1203 N N   . ALA A 1 159 ? 6.551   -8.844  -10.232 1.00 17.15 ? 164 ALA A N   1 
ATOM   1204 C CA  . ALA A 1 159 ? 7.061   -8.619  -11.583 1.00 18.53 ? 164 ALA A CA  1 
ATOM   1205 C C   . ALA A 1 159 ? 6.651   -7.237  -12.090 1.00 17.27 ? 164 ALA A C   1 
ATOM   1206 O O   . ALA A 1 159 ? 7.462   -6.497  -12.642 1.00 18.51 ? 164 ALA A O   1 
ATOM   1207 C CB  . ALA A 1 159 ? 6.556   -9.703  -12.529 1.00 18.75 ? 164 ALA A CB  1 
ATOM   1208 N N   . ASP A 1 160 ? 5.383   -6.888  -11.898 1.00 13.58 ? 165 ASP A N   1 
ATOM   1209 C CA  . ASP A 1 160 ? 4.902   -5.576  -12.291 1.00 16.22 ? 165 ASP A CA  1 
ATOM   1210 C C   . ASP A 1 160 ? 5.617   -4.463  -11.519 1.00 22.16 ? 165 ASP A C   1 
ATOM   1211 O O   . ASP A 1 160 ? 5.965   -3.429  -12.085 1.00 19.63 ? 165 ASP A O   1 
ATOM   1212 C CB  . ASP A 1 160 ? 3.386   -5.477  -12.082 1.00 17.20 ? 165 ASP A CB  1 
ATOM   1213 C CG  . ASP A 1 160 ? 2.605   -6.364  -13.038 1.00 42.63 ? 165 ASP A CG  1 
ATOM   1214 O OD1 . ASP A 1 160 ? 3.184   -6.838  -14.043 1.00 28.14 ? 165 ASP A OD1 1 
ATOM   1215 O OD2 . ASP A 1 160 ? 1.403   -6.585  -12.781 1.00 25.63 ? 165 ASP A OD2 1 
ATOM   1216 N N   . ALA A 1 161 ? 5.839   -4.679  -10.226 1.00 17.12 ? 166 ALA A N   1 
ATOM   1217 C CA  . ALA A 1 161 ? 6.504   -3.677  -9.395  1.00 15.21 ? 166 ALA A CA  1 
ATOM   1218 C C   . ALA A 1 161 ? 7.937   -3.403  -9.849  1.00 17.69 ? 166 ALA A C   1 
ATOM   1219 O O   . ALA A 1 161 ? 8.380   -2.257  -9.870  1.00 17.67 ? 166 ALA A O   1 
ATOM   1220 C CB  . ALA A 1 161 ? 6.478   -4.092  -7.936  1.00 17.97 ? 166 ALA A CB  1 
ATOM   1221 N N   . LEU A 1 162 ? 8.666   -4.460  -10.196 1.00 15.36 ? 167 LEU A N   1 
ATOM   1222 C CA  . LEU A 1 162 ? 10.007  -4.305  -10.749 1.00 16.63 ? 167 LEU A CA  1 
ATOM   1223 C C   . LEU A 1 162 ? 9.997   -3.442  -12.010 1.00 23.60 ? 167 LEU A C   1 
ATOM   1224 O O   . LEU A 1 162 ? 10.842  -2.562  -12.170 1.00 18.63 ? 167 LEU A O   1 
ATOM   1225 C CB  . LEU A 1 162 ? 10.635  -5.674  -11.017 1.00 17.36 ? 167 LEU A CB  1 
ATOM   1226 C CG  . LEU A 1 162 ? 11.049  -6.415  -9.745  1.00 15.65 ? 167 LEU A CG  1 
ATOM   1227 C CD1 . LEU A 1 162 ? 11.146  -7.908  -9.985  1.00 19.41 ? 167 LEU A CD1 1 
ATOM   1228 C CD2 . LEU A 1 162 ? 12.369  -5.873  -9.192  1.00 14.02 ? 167 LEU A CD2 1 
ATOM   1229 N N   . GLY A 1 163 ? 9.025   -3.680  -12.888 1.00 23.25 ? 168 GLY A N   1 
ATOM   1230 C CA  . GLY A 1 163 ? 8.866   -2.876  -14.090 1.00 19.98 ? 168 GLY A CA  1 
ATOM   1231 C C   . GLY A 1 163 ? 8.559   -1.416  -13.797 1.00 20.98 ? 168 GLY A C   1 
ATOM   1232 O O   . GLY A 1 163 ? 9.036   -0.520  -14.492 1.00 24.69 ? 168 GLY A O   1 
ATOM   1233 N N   . GLU A 1 164 ? 7.747   -1.165  -12.776 1.00 17.97 ? 169 GLU A N   1 
ATOM   1234 C CA  . GLU A 1 164 ? 7.428   0.208   -12.392 1.00 21.40 ? 169 GLU A CA  1 
ATOM   1235 C C   . GLU A 1 164 ? 8.656   0.951   -11.869 1.00 27.22 ? 169 GLU A C   1 
ATOM   1236 O O   . GLU A 1 164 ? 8.809   2.144   -12.100 1.00 24.51 ? 169 GLU A O   1 
ATOM   1237 C CB  . GLU A 1 164 ? 6.315   0.237   -11.347 1.00 28.22 ? 169 GLU A CB  1 
ATOM   1238 C CG  . GLU A 1 164 ? 4.966   -0.202  -11.879 1.00 35.49 ? 169 GLU A CG  1 
ATOM   1239 C CD  . GLU A 1 164 ? 4.381   0.788   -12.871 1.00 54.08 ? 169 GLU A CD  1 
ATOM   1240 O OE1 . GLU A 1 164 ? 4.023   1.912   -12.455 1.00 57.21 ? 169 GLU A OE1 1 
ATOM   1241 O OE2 . GLU A 1 164 ? 4.274   0.440   -14.066 1.00 44.81 ? 169 GLU A OE2 1 
ATOM   1242 N N   . ILE A 1 165 ? 9.529   0.242   -11.164 1.00 19.65 ? 170 ILE A N   1 
ATOM   1243 C CA  . ILE A 1 165 ? 10.716  0.864   -10.582 1.00 14.72 ? 170 ILE A CA  1 
ATOM   1244 C C   . ILE A 1 165 ? 11.745  1.130   -11.677 1.00 24.19 ? 170 ILE A C   1 
ATOM   1245 O O   . ILE A 1 165 ? 12.293  2.231   -11.777 1.00 24.83 ? 170 ILE A O   1 
ATOM   1246 C CB  . ILE A 1 165 ? 11.337  -0.041  -9.494  1.00 22.86 ? 170 ILE A CB  1 
ATOM   1247 C CG1 . ILE A 1 165 ? 10.404  -0.121  -8.280  1.00 20.80 ? 170 ILE A CG1 1 
ATOM   1248 C CG2 . ILE A 1 165 ? 12.707  0.470   -9.084  1.00 23.65 ? 170 ILE A CG2 1 
ATOM   1249 C CD1 . ILE A 1 165 ? 10.807  -1.175  -7.255  1.00 21.75 ? 170 ILE A CD1 1 
ATOM   1250 N N   . GLY A 1 166 ? 11.990  0.115   -12.502 1.00 26.46 ? 171 GLY A N   1 
ATOM   1251 C CA  . GLY A 1 166 ? 12.917  0.227   -13.617 1.00 19.82 ? 171 GLY A CA  1 
ATOM   1252 C C   . GLY A 1 166 ? 14.278  0.702   -13.158 1.00 21.46 ? 171 GLY A C   1 
ATOM   1253 O O   . GLY A 1 166 ? 14.612  0.588   -11.985 1.00 24.98 ? 171 GLY A O   1 
ATOM   1254 N N   . GLY A 1 167 ? 15.069  1.237   -14.082 1.00 26.33 ? 172 GLY A N   1 
ATOM   1255 C CA  . GLY A 1 167 ? 16.394  1.722   -13.737 1.00 28.53 ? 172 GLY A CA  1 
ATOM   1256 C C   . GLY A 1 167 ? 17.495  0.687   -13.886 1.00 31.74 ? 172 GLY A C   1 
ATOM   1257 O O   . GLY A 1 167 ? 17.235  -0.487  -14.150 1.00 23.05 ? 172 GLY A O   1 
ATOM   1258 N N   . GLU A 1 168 ? 18.733  1.128   -13.703 1.00 26.19 ? 173 GLU A N   1 
ATOM   1259 C CA  . GLU A 1 168 ? 19.905  0.280   -13.919 1.00 26.79 ? 173 GLU A CA  1 
ATOM   1260 C C   . GLU A 1 168 ? 19.968  -0.915  -12.975 1.00 24.53 ? 173 GLU A C   1 
ATOM   1261 O O   . GLU A 1 168 ? 20.412  -1.999  -13.356 1.00 26.72 ? 173 GLU A O   1 
ATOM   1262 C CB  . GLU A 1 168 ? 21.182  1.118   -13.790 1.00 32.68 ? 173 GLU A CB  1 
ATOM   1263 C CG  . GLU A 1 168 ? 22.469  0.330   -13.968 1.00 68.55 ? 173 GLU A CG  1 
ATOM   1264 C CD  . GLU A 1 168 ? 23.707  1.212   -13.960 1.00 80.89 ? 173 GLU A CD  1 
ATOM   1265 O OE1 . GLU A 1 168 ? 23.889  1.984   -12.993 1.00 68.82 ? 173 GLU A OE1 1 
ATOM   1266 O OE2 . GLU A 1 168 ? 24.499  1.127   -14.923 1.00 66.52 ? 173 GLU A OE2 1 
ATOM   1267 N N   . ARG A 1 169 ? 19.529  -0.728  -11.739 1.00 24.07 ? 174 ARG A N   1 
ATOM   1268 C CA  . ARG A 1 169 ? 19.626  -1.801  -10.763 1.00 18.34 ? 174 ARG A CA  1 
ATOM   1269 C C   . ARG A 1 169 ? 18.661  -2.942  -11.084 1.00 21.03 ? 174 ARG A C   1 
ATOM   1270 O O   . ARG A 1 169 ? 18.998  -4.113  -10.922 1.00 22.31 ? 174 ARG A O   1 
ATOM   1271 C CB  . ARG A 1 169 ? 19.401  -1.269  -9.346  1.00 28.14 ? 174 ARG A CB  1 
ATOM   1272 C CG  . ARG A 1 169 ? 19.680  -2.283  -8.255  1.00 35.20 ? 174 ARG A CG  1 
ATOM   1273 C CD  . ARG A 1 169 ? 20.161  -1.592  -6.985  1.00 61.30 ? 174 ARG A CD  1 
ATOM   1274 N NE  . ARG A 1 169 ? 20.008  -2.427  -5.796  1.00 44.84 ? 174 ARG A NE  1 
ATOM   1275 C CZ  . ARG A 1 169 ? 20.980  -3.153  -5.254  1.00 52.85 ? 174 ARG A CZ  1 
ATOM   1276 N NH1 . ARG A 1 169 ? 22.192  -3.159  -5.795  1.00 62.87 ? 174 ARG A NH1 1 
ATOM   1277 N NH2 . ARG A 1 169 ? 20.739  -3.878  -4.170  1.00 38.21 ? 174 ARG A NH2 1 
ATOM   1278 N N   . VAL A 1 170 ? 17.453  -2.600  -11.518 1.00 23.08 ? 175 VAL A N   1 
ATOM   1279 C CA  . VAL A 1 170 ? 16.507  -3.614  -11.963 1.00 19.01 ? 175 VAL A CA  1 
ATOM   1280 C C   . VAL A 1 170 ? 17.067  -4.347  -13.172 1.00 17.11 ? 175 VAL A C   1 
ATOM   1281 O O   . VAL A 1 170 ? 17.005  -5.572  -13.256 1.00 22.03 ? 175 VAL A O   1 
ATOM   1282 C CB  . VAL A 1 170 ? 15.155  -2.997  -12.351 1.00 18.66 ? 175 VAL A CB  1 
ATOM   1283 C CG1 . VAL A 1 170 ? 14.277  -4.033  -13.041 1.00 22.78 ? 175 VAL A CG1 1 
ATOM   1284 C CG2 . VAL A 1 170 ? 14.460  -2.436  -11.112 1.00 19.21 ? 175 VAL A CG2 1 
ATOM   1285 N N   . ARG A 1 171 ? 17.627  -3.585  -14.105 1.00 23.06 ? 176 ARG A N   1 
ATOM   1286 C CA  . ARG A 1 171 ? 18.167  -4.183  -15.326 1.00 22.17 ? 176 ARG A CA  1 
ATOM   1287 C C   . ARG A 1 171 ? 19.284  -5.165  -14.991 1.00 25.56 ? 176 ARG A C   1 
ATOM   1288 O O   . ARG A 1 171 ? 19.339  -6.259  -15.544 1.00 23.00 ? 176 ARG A O   1 
ATOM   1289 C CB  . ARG A 1 171 ? 18.646  -3.106  -16.307 1.00 21.05 ? 176 ARG A CB  1 
ATOM   1290 C CG  . ARG A 1 171 ? 18.782  -3.631  -17.737 1.00 34.04 ? 176 ARG A CG  1 
ATOM   1291 C CD  . ARG A 1 171 ? 18.789  -2.516  -18.777 1.00 59.87 ? 176 ARG A CD  1 
ATOM   1292 N NE  . ARG A 1 171 ? 18.184  -2.954  -20.036 1.00 48.37 ? 176 ARG A NE  1 
ATOM   1293 C CZ  . ARG A 1 171 ? 18.690  -3.907  -20.813 1.00 35.98 ? 176 ARG A CZ  1 
ATOM   1294 N NH1 . ARG A 1 171 ? 19.808  -4.524  -20.458 1.00 43.99 ? 176 ARG A NH1 1 
ATOM   1295 N NH2 . ARG A 1 171 ? 18.077  -4.251  -21.943 1.00 33.17 ? 176 ARG A NH2 1 
ATOM   1296 N N   . ALA A 1 172 ? 20.158  -4.783  -14.064 1.00 23.49 ? 177 ALA A N   1 
ATOM   1297 C CA  . ALA A 1 172 ? 21.251  -5.653  -13.651 1.00 20.74 ? 177 ALA A CA  1 
ATOM   1298 C C   . ALA A 1 172 ? 20.736  -6.933  -13.011 1.00 27.71 ? 177 ALA A C   1 
ATOM   1299 O O   . ALA A 1 172 ? 21.271  -8.015  -13.261 1.00 22.22 ? 177 ALA A O   1 
ATOM   1300 C CB  . ALA A 1 172 ? 22.201  -4.923  -12.705 1.00 25.12 ? 177 ALA A CB  1 
ATOM   1301 N N   . ALA A 1 173 ? 19.698  -6.811  -12.185 1.00 20.79 ? 178 ALA A N   1 
ATOM   1302 C CA  . ALA A 1 173 ? 19.075  -7.971  -11.563 1.00 21.39 ? 178 ALA A CA  1 
ATOM   1303 C C   . ALA A 1 173 ? 18.394  -8.872  -12.593 1.00 19.46 ? 178 ALA A C   1 
ATOM   1304 O O   . ALA A 1 173 ? 18.448  -10.095 -12.484 1.00 20.14 ? 178 ALA A O   1 
ATOM   1305 C CB  . ALA A 1 173 ? 18.065  -7.529  -10.495 1.00 19.20 ? 178 ALA A CB  1 
ATOM   1306 N N   . MET A 1 174 ? 17.729  -8.266  -13.573 1.00 20.10 ? 179 MET A N   1 
ATOM   1307 C CA  . MET A 1 174 ? 17.066  -9.044  -14.619 1.00 18.84 ? 179 MET A CA  1 
ATOM   1308 C C   . MET A 1 174 ? 18.099  -9.801  -15.456 1.00 14.46 ? 179 MET A C   1 
ATOM   1309 O O   . MET A 1 174 ? 17.858  -10.931 -15.872 1.00 21.39 ? 179 MET A O   1 
ATOM   1310 C CB  . MET A 1 174 ? 16.167  -8.157  -15.495 1.00 18.89 ? 179 MET A CB  1 
ATOM   1311 C CG  . MET A 1 174 ? 15.002  -7.517  -14.738 1.00 15.60 ? 179 MET A CG  1 
ATOM   1312 S SD  . MET A 1 174 ? 13.952  -8.765  -13.965 1.00 21.76 ? 179 MET A SD  1 
ATOM   1313 C CE  . MET A 1 174 ? 12.562  -7.770  -13.404 1.00 26.11 ? 179 MET A CE  1 
ATOM   1314 N N   . GLU A 1 175 ? 19.258  -9.195  -15.686 1.00 23.11 ? 180 GLU A N   1 
ATOM   1315 C CA  . GLU A 1 175 ? 20.298  -9.888  -16.449 1.00 25.78 ? 180 GLU A CA  1 
ATOM   1316 C C   . GLU A 1 175 ? 20.774  -11.139 -15.723 1.00 24.23 ? 180 GLU A C   1 
ATOM   1317 O O   . GLU A 1 175 ? 20.956  -12.186 -16.341 1.00 23.05 ? 180 GLU A O   1 
ATOM   1318 C CB  . GLU A 1 175 ? 21.471  -8.963  -16.782 1.00 17.08 ? 180 GLU A CB  1 
ATOM   1319 C CG  . GLU A 1 175 ? 21.094  -7.881  -17.785 1.00 23.08 ? 180 GLU A CG  1 
ATOM   1320 C CD  . GLU A 1 175 ? 22.205  -6.888  -18.042 1.00 46.09 ? 180 GLU A CD  1 
ATOM   1321 O OE1 . GLU A 1 175 ? 23.137  -6.805  -17.214 1.00 48.17 ? 180 GLU A OE1 1 
ATOM   1322 O OE2 . GLU A 1 175 ? 22.140  -6.183  -19.073 1.00 42.04 ? 180 GLU A OE2 1 
ATOM   1323 N N   . LYS A 1 176 ? 20.962  -11.044 -14.411 1.00 24.23 ? 181 LYS A N   1 
ATOM   1324 C CA  . LYS A 1 176 ? 21.349  -12.224 -13.639 1.00 25.31 ? 181 LYS A CA  1 
ATOM   1325 C C   . LYS A 1 176 ? 20.316  -13.338 -13.785 1.00 30.18 ? 181 LYS A C   1 
ATOM   1326 O O   . LYS A 1 176 ? 20.669  -14.495 -14.004 1.00 29.97 ? 181 LYS A O   1 
ATOM   1327 C CB  . LYS A 1 176 ? 21.548  -11.882 -12.159 1.00 32.02 ? 181 LYS A CB  1 
ATOM   1328 C CG  . LYS A 1 176 ? 22.970  -11.490 -11.787 1.00 49.07 ? 181 LYS A CG  1 
ATOM   1329 C CD  . LYS A 1 176 ? 23.253  -10.019 -12.053 1.00 53.13 ? 181 LYS A CD  1 
ATOM   1330 C CE  . LYS A 1 176 ? 23.626  -9.761  -13.503 1.00 44.23 ? 181 LYS A CE  1 
ATOM   1331 N NZ  . LYS A 1 176 ? 23.833  -8.309  -13.773 1.00 29.70 ? 181 LYS A NZ  1 
ATOM   1332 N N   . LEU A 1 177 ? 19.039  -12.989 -13.656 1.00 19.06 ? 182 LEU A N   1 
ATOM   1333 C CA  . LEU A 1 177 ? 17.968  -13.966 -13.830 1.00 20.63 ? 182 LEU A CA  1 
ATOM   1334 C C   . LEU A 1 177 ? 17.941  -14.522 -15.250 1.00 15.69 ? 182 LEU A C   1 
ATOM   1335 O O   . LEU A 1 177 ? 17.658  -15.700 -15.463 1.00 21.85 ? 182 LEU A O   1 
ATOM   1336 C CB  . LEU A 1 177 ? 16.604  -13.349 -13.504 1.00 19.24 ? 182 LEU A CB  1 
ATOM   1337 C CG  . LEU A 1 177 ? 16.226  -13.194 -12.026 1.00 22.15 ? 182 LEU A CG  1 
ATOM   1338 C CD1 . LEU A 1 177 ? 14.893  -12.478 -11.891 1.00 21.51 ? 182 LEU A CD1 1 
ATOM   1339 C CD2 . LEU A 1 177 ? 16.169  -14.560 -11.350 1.00 24.77 ? 182 LEU A CD2 1 
ATOM   1340 N N   . ALA A 1 178 ? 18.197  -13.665 -16.228 1.00 18.48 ? 183 ALA A N   1 
ATOM   1341 C CA  . ALA A 1 178 ? 18.199  -14.122 -17.613 1.00 20.78 ? 183 ALA A CA  1 
ATOM   1342 C C   . ALA A 1 178 ? 19.278  -15.178 -17.799 1.00 24.58 ? 183 ALA A C   1 
ATOM   1343 O O   . ALA A 1 178 ? 19.101  -16.136 -18.551 1.00 26.87 ? 183 ALA A O   1 
ATOM   1344 C CB  . ALA A 1 178 ? 18.432  -12.954 -18.559 1.00 23.86 ? 183 ALA A CB  1 
ATOM   1345 N N   . GLU A 1 179 ? 20.393  -15.000 -17.100 1.00 26.36 ? 184 GLU A N   1 
ATOM   1346 C CA  . GLU A 1 179 ? 21.531  -15.906 -17.234 1.00 31.41 ? 184 GLU A CA  1 
ATOM   1347 C C   . GLU A 1 179 ? 21.296  -17.238 -16.524 1.00 38.38 ? 184 GLU A C   1 
ATOM   1348 O O   . GLU A 1 179 ? 21.501  -18.304 -17.107 1.00 33.15 ? 184 GLU A O   1 
ATOM   1349 C CB  . GLU A 1 179 ? 22.812  -15.249 -16.708 1.00 29.44 ? 184 GLU A CB  1 
ATOM   1350 C CG  . GLU A 1 179 ? 23.155  -13.925 -17.377 1.00 31.41 ? 184 GLU A CG  1 
ATOM   1351 C CD  . GLU A 1 179 ? 24.106  -13.067 -16.554 1.00 50.95 ? 184 GLU A CD  1 
ATOM   1352 O OE1 . GLU A 1 179 ? 24.550  -13.521 -15.477 1.00 37.38 ? 184 GLU A OE1 1 
ATOM   1353 O OE2 . GLU A 1 179 ? 24.411  -11.932 -16.982 1.00 34.09 ? 184 GLU A OE2 1 
ATOM   1354 N N   . THR A 1 180 ? 20.855  -17.179 -15.272 1.00 24.69 ? 185 THR A N   1 
ATOM   1355 C CA  . THR A 1 180 ? 20.809  -18.379 -14.445 1.00 27.54 ? 185 THR A CA  1 
ATOM   1356 C C   . THR A 1 180 ? 19.478  -18.651 -13.755 1.00 26.68 ? 185 THR A C   1 
ATOM   1357 O O   . THR A 1 180 ? 19.345  -19.648 -13.052 1.00 24.81 ? 185 THR A O   1 
ATOM   1358 C CB  . THR A 1 180 ? 21.898  -18.353 -13.359 1.00 34.68 ? 185 THR A CB  1 
ATOM   1359 O OG1 . THR A 1 180 ? 21.814  -17.119 -12.637 1.00 36.92 ? 185 THR A OG1 1 
ATOM   1360 C CG2 . THR A 1 180 ? 23.285  -18.495 -13.982 1.00 38.00 ? 185 THR A CG2 1 
ATOM   1361 N N   . GLY A 1 181 ? 18.499  -17.775 -13.944 1.00 24.18 ? 186 GLY A N   1 
ATOM   1362 C CA  . GLY A 1 181 ? 17.189  -17.983 -13.346 1.00 25.59 ? 186 GLY A CA  1 
ATOM   1363 C C   . GLY A 1 181 ? 16.415  -19.116 -13.998 1.00 25.26 ? 186 GLY A C   1 
ATOM   1364 O O   . GLY A 1 181 ? 16.810  -19.637 -15.037 1.00 33.93 ? 186 GLY A O   1 
ATOM   1365 N N   . THR A 1 182 ? 15.305  -19.507 -13.380 1.00 22.84 ? 187 THR A N   1 
ATOM   1366 C CA  . THR A 1 182 ? 14.453  -20.549 -13.942 1.00 24.67 ? 187 THR A CA  1 
ATOM   1367 C C   . THR A 1 182 ? 12.988  -20.205 -13.733 1.00 27.06 ? 187 THR A C   1 
ATOM   1368 O O   . THR A 1 182 ? 12.656  -19.328 -12.934 1.00 24.70 ? 187 THR A O   1 
ATOM   1369 C CB  . THR A 1 182 ? 14.725  -21.922 -13.286 1.00 38.06 ? 187 THR A CB  1 
ATOM   1370 O OG1 . THR A 1 182 ? 14.322  -21.888 -11.908 1.00 29.78 ? 187 THR A OG1 1 
ATOM   1371 C CG2 . THR A 1 182 ? 16.201  -22.275 -13.373 1.00 40.99 ? 187 THR A CG2 1 
ATOM   1372 N N   . GLY A 1 183 ? 12.111  -20.903 -14.449 1.00 19.99 ? 188 GLY A N   1 
ATOM   1373 C CA  . GLY A 1 183 ? 10.681  -20.749 -14.253 1.00 26.76 ? 188 GLY A CA  1 
ATOM   1374 C C   . GLY A 1 183 ? 10.167  -19.343 -14.482 1.00 25.32 ? 188 GLY A C   1 
ATOM   1375 O O   . GLY A 1 183 ? 10.610  -18.643 -15.395 1.00 21.11 ? 188 GLY A O   1 
ATOM   1376 N N   . PHE A 1 184 ? 9.220   -18.932 -13.646 1.00 22.19 ? 189 PHE A N   1 
ATOM   1377 C CA  . PHE A 1 184 ? 8.565   -17.638 -13.794 1.00 25.31 ? 189 PHE A CA  1 
ATOM   1378 C C   . PHE A 1 184 ? 9.570   -16.489 -13.791 1.00 17.87 ? 189 PHE A C   1 
ATOM   1379 O O   . PHE A 1 184 ? 9.490   -15.589 -14.634 1.00 20.47 ? 189 PHE A O   1 
ATOM   1380 C CB  . PHE A 1 184 ? 7.509   -17.448 -12.693 1.00 20.41 ? 189 PHE A CB  1 
ATOM   1381 C CG  . PHE A 1 184 ? 6.741   -16.164 -12.800 1.00 19.32 ? 189 PHE A CG  1 
ATOM   1382 C CD1 . PHE A 1 184 ? 5.740   -16.017 -13.747 1.00 21.43 ? 189 PHE A CD1 1 
ATOM   1383 C CD2 . PHE A 1 184 ? 7.004   -15.106 -11.940 1.00 20.81 ? 189 PHE A CD2 1 
ATOM   1384 C CE1 . PHE A 1 184 ? 5.026   -14.836 -13.846 1.00 29.88 ? 189 PHE A CE1 1 
ATOM   1385 C CE2 . PHE A 1 184 ? 6.294   -13.920 -12.040 1.00 16.32 ? 189 PHE A CE2 1 
ATOM   1386 C CZ  . PHE A 1 184 ? 5.303   -13.789 -12.993 1.00 27.56 ? 189 PHE A CZ  1 
ATOM   1387 N N   . ALA A 1 185 ? 10.527  -16.533 -12.865 1.00 18.31 ? 190 ALA A N   1 
ATOM   1388 C CA  . ALA A 1 185 ? 11.511  -15.460 -12.732 1.00 19.63 ? 190 ALA A CA  1 
ATOM   1389 C C   . ALA A 1 185 ? 12.308  -15.252 -14.015 1.00 23.77 ? 190 ALA A C   1 
ATOM   1390 O O   . ALA A 1 185 ? 12.597  -14.121 -14.401 1.00 18.76 ? 190 ALA A O   1 
ATOM   1391 C CB  . ALA A 1 185 ? 12.458  -15.737 -11.568 1.00 21.87 ? 190 ALA A CB  1 
ATOM   1392 N N   . ARG A 1 186 ? 12.687  -16.345 -14.662 1.00 16.14 ? 191 ARG A N   1 
ATOM   1393 C CA  . ARG A 1 186 ? 13.360  -16.243 -15.958 1.00 16.21 ? 191 ARG A CA  1 
ATOM   1394 C C   . ARG A 1 186 ? 12.477  -15.553 -17.001 1.00 18.80 ? 191 ARG A C   1 
ATOM   1395 O O   . ARG A 1 186 ? 12.940  -14.655 -17.710 1.00 17.27 ? 191 ARG A O   1 
ATOM   1396 C CB  . ARG A 1 186 ? 13.804  -17.622 -16.454 1.00 21.21 ? 191 ARG A CB  1 
ATOM   1397 C CG  . ARG A 1 186 ? 14.467  -17.591 -17.829 1.00 18.92 ? 191 ARG A CG  1 
ATOM   1398 C CD  . ARG A 1 186 ? 14.877  -18.991 -18.276 1.00 23.72 ? 191 ARG A CD  1 
ATOM   1399 N NE  . ARG A 1 186 ? 15.383  -18.995 -19.652 1.00 21.03 ? 191 ARG A NE  1 
ATOM   1400 C CZ  . ARG A 1 186 ? 15.561  -20.095 -20.371 1.00 27.38 ? 191 ARG A CZ  1 
ATOM   1401 N NH1 . ARG A 1 186 ? 15.278  -21.277 -19.838 1.00 27.80 ? 191 ARG A NH1 1 
ATOM   1402 N NH2 . ARG A 1 186 ? 16.022  -20.018 -21.618 1.00 20.03 ? 191 ARG A NH2 1 
ATOM   1403 N N   . LYS A 1 187 ? 11.210  -15.955 -17.085 1.00 19.09 ? 192 LYS A N   1 
ATOM   1404 C CA  . LYS A 1 187 ? 10.289  -15.368 -18.063 1.00 25.26 ? 192 LYS A CA  1 
ATOM   1405 C C   . LYS A 1 187 ? 10.145  -13.870 -17.828 1.00 20.80 ? 192 LYS A C   1 
ATOM   1406 O O   . LYS A 1 187 ? 10.113  -13.071 -18.770 1.00 17.46 ? 192 LYS A O   1 
ATOM   1407 C CB  . LYS A 1 187 ? 8.908   -16.023 -17.987 1.00 19.84 ? 192 LYS A CB  1 
ATOM   1408 C CG  . LYS A 1 187 ? 8.870   -17.492 -18.395 1.00 26.93 ? 192 LYS A CG  1 
ATOM   1409 C CD  . LYS A 1 187 ? 7.457   -18.049 -18.250 1.00 25.63 ? 192 LYS A CD  1 
ATOM   1410 C CE  . LYS A 1 187 ? 7.400   -19.528 -18.584 1.00 30.66 ? 192 LYS A CE  1 
ATOM   1411 N NZ  . LYS A 1 187 ? 6.022   -20.067 -18.442 1.00 39.22 ? 192 LYS A NZ  1 
ATOM   1412 N N   . VAL A 1 188 ? 10.038  -13.498 -16.561 1.00 16.18 ? 193 VAL A N   1 
ATOM   1413 C CA  . VAL A 1 188 ? 9.947   -12.095 -16.183 1.00 14.81 ? 193 VAL A CA  1 
ATOM   1414 C C   . VAL A 1 188 ? 11.174  -11.320 -16.653 1.00 15.80 ? 193 VAL A C   1 
ATOM   1415 O O   . VAL A 1 188 ? 11.050  -10.250 -17.241 1.00 19.56 ? 193 VAL A O   1 
ATOM   1416 C CB  . VAL A 1 188 ? 9.816   -11.951 -14.654 1.00 18.62 ? 193 VAL A CB  1 
ATOM   1417 C CG1 . VAL A 1 188 ? 9.987   -10.494 -14.236 1.00 19.68 ? 193 VAL A CG1 1 
ATOM   1418 C CG2 . VAL A 1 188 ? 8.468   -12.512 -14.191 1.00 19.35 ? 193 VAL A CG2 1 
ATOM   1419 N N   . ALA A 1 189 ? 12.355  -11.878 -16.399 1.00 15.34 ? 194 ALA A N   1 
ATOM   1420 C CA  . ALA A 1 189 ? 13.617  -11.211 -16.703 1.00 17.31 ? 194 ALA A CA  1 
ATOM   1421 C C   . ALA A 1 189 ? 13.833  -11.071 -18.206 1.00 14.69 ? 194 ALA A C   1 
ATOM   1422 O O   . ALA A 1 189 ? 14.211  -10.008 -18.698 1.00 17.18 ? 194 ALA A O   1 
ATOM   1423 C CB  . ALA A 1 189 ? 14.770  -11.971 -16.082 1.00 16.98 ? 194 ALA A CB  1 
ATOM   1424 N N   . VAL A 1 190 ? 13.585  -12.146 -18.935 1.00 17.18 ? 195 VAL A N   1 
ATOM   1425 C CA  . VAL A 1 190 ? 13.804  -12.108 -20.375 1.00 16.93 ? 195 VAL A CA  1 
ATOM   1426 C C   . VAL A 1 190 ? 12.840  -11.127 -21.032 1.00 18.12 ? 195 VAL A C   1 
ATOM   1427 O O   . VAL A 1 190 ? 13.247  -10.294 -21.845 1.00 20.15 ? 195 VAL A O   1 
ATOM   1428 C CB  . VAL A 1 190 ? 13.701  -13.496 -20.999 1.00 15.35 ? 195 VAL A CB  1 
ATOM   1429 C CG1 . VAL A 1 190 ? 13.764  -13.399 -22.518 1.00 20.74 ? 195 VAL A CG1 1 
ATOM   1430 C CG2 . VAL A 1 190 ? 14.835  -14.380 -20.478 1.00 19.78 ? 195 VAL A CG2 1 
ATOM   1431 N N   . ASN A 1 191 ? 11.563  -11.200 -20.663 1.00 16.14 ? 196 ASN A N   1 
ATOM   1432 C CA  . ASN A 1 191 ? 10.606  -10.244 -21.205 1.00 17.56 ? 196 ASN A CA  1 
ATOM   1433 C C   . ASN A 1 191 ? 11.009  -8.809  -20.891 1.00 19.15 ? 196 ASN A C   1 
ATOM   1434 O O   . ASN A 1 191 ? 10.957  -7.939  -21.761 1.00 18.98 ? 196 ASN A O   1 
ATOM   1435 C CB  . ASN A 1 191 ? 9.193   -10.507 -20.696 1.00 13.30 ? 196 ASN A CB  1 
ATOM   1436 C CG  . ASN A 1 191 ? 8.215   -9.446  -21.154 1.00 21.00 ? 196 ASN A CG  1 
ATOM   1437 O OD1 . ASN A 1 191 ? 7.829   -8.565  -20.384 1.00 23.86 ? 196 ASN A OD1 1 
ATOM   1438 N ND2 . ASN A 1 191 ? 7.824   -9.512  -22.421 1.00 16.47 ? 196 ASN A ND2 1 
ATOM   1439 N N   . TYR A 1 192 ? 11.439  -8.567  -19.654 1.00 15.96 ? 197 TYR A N   1 
ATOM   1440 C CA  . TYR A 1 192 ? 11.863  -7.229  -19.258 1.00 16.61 ? 197 TYR A CA  1 
ATOM   1441 C C   . TYR A 1 192 ? 12.975  -6.704  -20.158 1.00 15.03 ? 197 TYR A C   1 
ATOM   1442 O O   . TYR A 1 192 ? 12.914  -5.582  -20.662 1.00 18.78 ? 197 TYR A O   1 
ATOM   1443 C CB  . TYR A 1 192 ? 12.346  -7.197  -17.809 1.00 21.39 ? 197 TYR A CB  1 
ATOM   1444 C CG  . TYR A 1 192 ? 12.665  -5.787  -17.358 1.00 21.23 ? 197 TYR A CG  1 
ATOM   1445 C CD1 . TYR A 1 192 ? 11.689  -4.987  -16.788 1.00 26.06 ? 197 TYR A CD1 1 
ATOM   1446 C CD2 . TYR A 1 192 ? 13.933  -5.246  -17.541 1.00 20.30 ? 197 TYR A CD2 1 
ATOM   1447 C CE1 . TYR A 1 192 ? 11.970  -3.693  -16.387 1.00 23.81 ? 197 TYR A CE1 1 
ATOM   1448 C CE2 . TYR A 1 192 ? 14.222  -3.947  -17.141 1.00 19.48 ? 197 TYR A CE2 1 
ATOM   1449 C CZ  . TYR A 1 192 ? 13.233  -3.178  -16.565 1.00 27.90 ? 197 TYR A CZ  1 
ATOM   1450 O OH  . TYR A 1 192 ? 13.503  -1.883  -16.170 1.00 25.78 ? 197 TYR A OH  1 
ATOM   1451 N N   . LEU A 1 193 ? 14.004  -7.515  -20.342 1.00 15.69 ? 198 LEU A N   1 
ATOM   1452 C CA  . LEU A 1 193 ? 15.158  -7.089  -21.119 1.00 20.59 ? 198 LEU A CA  1 
ATOM   1453 C C   . LEU A 1 193 ? 14.804  -6.885  -22.587 1.00 22.01 ? 198 LEU A C   1 
ATOM   1454 O O   . LEU A 1 193 ? 15.321  -5.985  -23.242 1.00 21.00 ? 198 LEU A O   1 
ATOM   1455 C CB  . LEU A 1 193 ? 16.298  -8.091  -20.956 1.00 19.51 ? 198 LEU A CB  1 
ATOM   1456 C CG  . LEU A 1 193 ? 16.809  -8.205  -19.520 1.00 19.47 ? 198 LEU A CG  1 
ATOM   1457 C CD1 . LEU A 1 193 ? 17.626  -9.479  -19.315 1.00 22.22 ? 198 LEU A CD1 1 
ATOM   1458 C CD2 . LEU A 1 193 ? 17.615  -6.971  -19.147 1.00 21.11 ? 198 LEU A CD2 1 
ATOM   1459 N N   . GLU A 1 194 ? 13.903  -7.708  -23.104 1.00 20.86 ? 199 GLU A N   1 
ATOM   1460 C CA  . GLU A 1 194 ? 13.491  -7.557  -24.489 1.00 22.91 ? 199 GLU A CA  1 
ATOM   1461 C C   . GLU A 1 194 ? 12.697  -6.274  -24.713 1.00 28.76 ? 199 GLU A C   1 
ATOM   1462 O O   . GLU A 1 194 ? 12.729  -5.705  -25.804 1.00 29.02 ? 199 GLU A O   1 
ATOM   1463 C CB  . GLU A 1 194 ? 12.676  -8.764  -24.940 1.00 26.64 ? 199 GLU A CB  1 
ATOM   1464 C CG  . GLU A 1 194 ? 13.509  -10.017 -25.076 1.00 29.31 ? 199 GLU A CG  1 
ATOM   1465 C CD  . GLU A 1 194 ? 12.805  -11.098 -25.874 1.00 41.93 ? 199 GLU A CD  1 
ATOM   1466 O OE1 . GLU A 1 194 ? 11.894  -10.763 -26.659 1.00 47.41 ? 199 GLU A OE1 1 
ATOM   1467 O OE2 . GLU A 1 194 ? 13.168  -12.280 -25.714 1.00 32.54 ? 199 GLU A OE2 1 
ATOM   1468 N N   . THR A 1 195 ? 12.007  -5.811  -23.674 1.00 18.57 ? 200 THR A N   1 
ATOM   1469 C CA  . THR A 1 195 ? 11.089  -4.682  -23.818 1.00 14.78 ? 200 THR A CA  1 
ATOM   1470 C C   . THR A 1 195 ? 11.644  -3.358  -23.303 1.00 20.55 ? 200 THR A C   1 
ATOM   1471 O O   . THR A 1 195 ? 10.993  -2.325  -23.449 1.00 22.60 ? 200 THR A O   1 
ATOM   1472 C CB  . THR A 1 195 ? 9.725   -4.964  -23.135 1.00 22.63 ? 200 THR A CB  1 
ATOM   1473 O OG1 . THR A 1 195 ? 9.935   -5.282  -21.756 1.00 18.25 ? 200 THR A OG1 1 
ATOM   1474 C CG2 . THR A 1 195 ? 9.015   -6.129  -23.809 1.00 20.92 ? 200 THR A CG2 1 
ATOM   1475 N N   . HIS A 1 196 ? 12.837  -3.386  -22.711 1.00 22.73 ? 201 HIS A N   1 
ATOM   1476 C CA  . HIS A 1 196 ? 13.400  -2.195  -22.083 1.00 22.70 ? 201 HIS A CA  1 
ATOM   1477 C C   . HIS A 1 196 ? 14.783  -1.816  -22.596 1.00 35.54 ? 201 HIS A C   1 
ATOM   1478 O O   . HIS A 1 196 ? 15.685  -2.646  -22.636 1.00 34.61 ? 201 HIS A O   1 
ATOM   1479 C CB  . HIS A 1 196 ? 13.449  -2.363  -20.560 1.00 25.70 ? 201 HIS A CB  1 
ATOM   1480 C CG  . HIS A 1 196 ? 12.110  -2.278  -19.903 1.00 28.67 ? 201 HIS A CG  1 
ATOM   1481 N ND1 . HIS A 1 196 ? 11.262  -3.366  -19.790 1.00 25.32 ? 201 HIS A ND1 1 
ATOM   1482 C CD2 . HIS A 1 196 ? 11.461  -1.241  -19.325 1.00 26.71 ? 201 HIS A CD2 1 
ATOM   1483 C CE1 . HIS A 1 196 ? 10.157  -2.997  -19.175 1.00 28.81 ? 201 HIS A CE1 1 
ATOM   1484 N NE2 . HIS A 1 196 ? 10.247  -1.709  -18.884 1.00 32.33 ? 201 HIS A NE2 1 
ATOM   1485 N N   . LYS A 1 197 ? 14.941  -0.540  -22.944 1.00 54.00 ? 202 LYS A N   1 
ATOM   1486 C CA  . LYS A 1 197 ? 16.220  0.011   -23.395 1.00 53.95 ? 202 LYS A CA  1 
ATOM   1487 C C   . LYS A 1 197 ? 16.976  -0.932  -24.319 1.00 52.46 ? 202 LYS A C   1 
ATOM   1488 O O   . LYS A 1 197 ? 16.623  -1.069  -25.489 1.00 68.45 ? 202 LYS A O   1 
ATOM   1489 C CB  . LYS A 1 197 ? 17.093  0.359   -22.189 1.00 20.00 ? 202 LYS A CB  1 
ATOM   1490 C CG  . LYS A 1 197 ? 16.549  1.493   -21.333 1.00 20.00 ? 202 LYS A CG  1 
ATOM   1491 C CD  . LYS A 1 197 ? 17.452  1.770   -20.143 1.00 20.00 ? 202 LYS A CD  1 
ATOM   1492 C CE  . LYS A 1 197 ? 16.920  2.918   -19.301 1.00 20.00 ? 202 LYS A CE  1 
ATOM   1493 N NZ  . LYS A 1 197 ? 17.782  3.184   -18.117 1.00 20.00 ? 202 LYS A NZ  1 
HETATM 1494 O O   . HOH B 2 .   ? -5.788  1.460   1.161   1.00 20.54 ? 1   HOH A O   1 
HETATM 1495 O O   . HOH B 2 .   ? 16.978  0.220   -10.790 1.00 25.70 ? 2   HOH A O   1 
HETATM 1496 O O   . HOH B 2 .   ? -3.374  11.068  4.764   1.00 19.50 ? 3   HOH A O   1 
HETATM 1497 O O   . HOH B 2 .   ? 7.001   -5.503  -20.048 1.00 24.01 ? 4   HOH A O   1 
HETATM 1498 O O   . HOH B 2 .   ? -20.124 7.135   3.385   1.00 21.91 ? 207 HOH A O   1 
HETATM 1499 O O   . HOH B 2 .   ? 4.339   6.217   2.034   1.00 21.29 ? 208 HOH A O   1 
HETATM 1500 O O   . HOH B 2 .   ? 5.463   -8.099  -23.483 1.00 17.86 ? 209 HOH A O   1 
HETATM 1501 O O   . HOH B 2 .   ? -5.879  3.936   0.307   1.00 23.36 ? 210 HOH A O   1 
HETATM 1502 O O   . HOH B 2 .   ? -11.733 9.616   15.418  1.00 19.02 ? 211 HOH A O   1 
HETATM 1503 O O   . HOH B 2 .   ? -12.401 4.162   3.319   1.00 19.48 ? 212 HOH A O   1 
HETATM 1504 O O   . HOH B 2 .   ? -11.742 14.663  4.227   1.00 23.03 ? 213 HOH A O   1 
HETATM 1505 O O   . HOH B 2 .   ? 10.078  1.093   -3.565  1.00 21.50 ? 214 HOH A O   1 
HETATM 1506 O O   . HOH B 2 .   ? -6.095  16.769  10.703  1.00 24.61 ? 215 HOH A O   1 
HETATM 1507 O O   . HOH B 2 .   ? -21.643 -1.250  16.177  1.00 27.58 ? 216 HOH A O   1 
HETATM 1508 O O   . HOH B 2 .   ? -25.218 4.707   4.394   1.00 17.25 ? 217 HOH A O   1 
HETATM 1509 O O   . HOH B 2 .   ? 15.890  -6.585  1.729   1.00 23.11 ? 218 HOH A O   1 
HETATM 1510 O O   . HOH B 2 .   ? 17.379  -17.128 -20.301 0.50 25.86 ? 219 HOH A O   1 
HETATM 1511 O O   . HOH B 2 .   ? 9.294   -10.165 -24.553 1.00 25.09 ? 220 HOH A O   1 
HETATM 1512 O O   . HOH B 2 .   ? 5.887   -4.051  8.231   1.00 20.19 ? 221 HOH A O   1 
HETATM 1513 O O   . HOH B 2 .   ? -1.641  3.065   13.755  1.00 22.40 ? 222 HOH A O   1 
HETATM 1514 O O   . HOH B 2 .   ? 15.200  -18.349 -10.614 1.00 30.10 ? 223 HOH A O   1 
HETATM 1515 O O   . HOH B 2 .   ? 2.489   -15.947 -11.673 1.00 31.73 ? 224 HOH A O   1 
HETATM 1516 O O   . HOH B 2 .   ? -12.253 5.112   16.898  1.00 28.12 ? 225 HOH A O   1 
HETATM 1517 O O   . HOH B 2 .   ? -4.949  11.611  15.860  1.00 22.09 ? 226 HOH A O   1 
HETATM 1518 O O   . HOH B 2 .   ? 10.987  -10.663 -0.373  1.00 24.82 ? 227 HOH A O   1 
HETATM 1519 O O   . HOH B 2 .   ? -16.675 17.389  14.074  1.00 24.53 ? 228 HOH A O   1 
HETATM 1520 O O   . HOH B 2 .   ? -20.875 10.888  17.729  1.00 31.87 ? 229 HOH A O   1 
HETATM 1521 O O   . HOH B 2 .   ? 3.936   -8.350  7.668   1.00 30.90 ? 230 HOH A O   1 
HETATM 1522 O O   . HOH B 2 .   ? -13.060 -6.337  14.658  1.00 25.83 ? 231 HOH A O   1 
HETATM 1523 O O   . HOH B 2 .   ? -4.023  -6.867  -2.114  1.00 24.80 ? 232 HOH A O   1 
HETATM 1524 O O   . HOH B 2 .   ? -15.064 12.398  16.271  1.00 26.33 ? 233 HOH A O   1 
HETATM 1525 O O   . HOH B 2 .   ? 12.146  3.104   4.571   1.00 21.03 ? 234 HOH A O   1 
HETATM 1526 O O   . HOH B 2 .   ? 16.893  -11.313 -4.478  1.00 34.56 ? 235 HOH A O   1 
HETATM 1527 O O   . HOH B 2 .   ? -6.005  -17.373 -10.693 1.00 27.87 ? 236 HOH A O   1 
HETATM 1528 O O   . HOH B 2 .   ? -12.907 1.853   19.453  1.00 27.14 ? 237 HOH A O   1 
HETATM 1529 O O   . HOH B 2 .   ? 9.688   -14.009 -21.359 1.00 26.45 ? 238 HOH A O   1 
HETATM 1530 O O   . HOH B 2 .   ? -25.986 1.946   12.203  1.00 25.88 ? 239 HOH A O   1 
HETATM 1531 O O   . HOH B 2 .   ? 13.499  -22.185 -17.068 1.00 30.30 ? 240 HOH A O   1 
HETATM 1532 O O   . HOH B 2 .   ? 16.375  2.398   4.237   1.00 25.06 ? 241 HOH A O   1 
HETATM 1533 O O   . HOH B 2 .   ? 12.974  -4.091  5.656   1.00 25.34 ? 242 HOH A O   1 
HETATM 1534 O O   . HOH B 2 .   ? 2.512   -4.533  -8.540  1.00 20.30 ? 243 HOH A O   1 
HETATM 1535 O O   . HOH B 2 .   ? 8.580   -20.845 -11.486 1.00 38.40 ? 244 HOH A O   1 
HETATM 1536 O O   . HOH B 2 .   ? -1.475  -16.617 2.698   1.00 28.82 ? 245 HOH A O   1 
HETATM 1537 O O   . HOH B 2 .   ? -17.508 18.446  0.957   1.00 25.83 ? 246 HOH A O   1 
HETATM 1538 O O   . HOH B 2 .   ? -14.093 -1.828  5.931   1.00 21.18 ? 247 HOH A O   1 
HETATM 1539 O O   . HOH B 2 .   ? 9.797   -15.836 -1.975  1.00 26.09 ? 248 HOH A O   1 
HETATM 1540 O O   . HOH B 2 .   ? -20.450 -3.559  7.095   1.00 45.17 ? 249 HOH A O   1 
HETATM 1541 O O   . HOH B 2 .   ? -8.652  -9.917  8.250   1.00 41.19 ? 250 HOH A O   1 
HETATM 1542 O O   . HOH B 2 .   ? -10.074 -6.074  15.678  1.00 32.89 ? 251 HOH A O   1 
HETATM 1543 O O   . HOH B 2 .   ? 8.628   -6.130  -17.668 1.00 26.64 ? 252 HOH A O   1 
HETATM 1544 O O   . HOH B 2 .   ? 2.339   -11.877 8.894   1.00 41.02 ? 253 HOH A O   1 
HETATM 1545 O O   . HOH B 2 .   ? -12.251 11.997  19.307  1.00 34.33 ? 254 HOH A O   1 
HETATM 1546 O O   . HOH B 2 .   ? -17.212 22.851  -5.236  1.00 32.75 ? 255 HOH A O   1 
HETATM 1547 O O   . HOH B 2 .   ? -17.839 -3.162  16.451  1.00 29.49 ? 256 HOH A O   1 
HETATM 1548 O O   . HOH B 2 .   ? 21.014  -5.348  -9.361  1.00 31.30 ? 257 HOH A O   1 
HETATM 1549 O O   . HOH B 2 .   ? -23.657 21.045  4.409   1.00 46.42 ? 258 HOH A O   1 
HETATM 1550 O O   . HOH B 2 .   ? 18.749  -11.276 -9.831  1.00 26.71 ? 259 HOH A O   1 
HETATM 1551 O O   . HOH B 2 .   ? 5.509   4.165   12.882  1.00 30.91 ? 260 HOH A O   1 
HETATM 1552 O O   . HOH B 2 .   ? 4.946   -6.028  -16.126 1.00 36.07 ? 261 HOH A O   1 
HETATM 1553 O O   . HOH B 2 .   ? 6.435   -18.137 -0.483  1.00 33.23 ? 262 HOH A O   1 
HETATM 1554 O O   . HOH B 2 .   ? -11.241 22.919  -0.534  1.00 30.32 ? 263 HOH A O   1 
HETATM 1555 O O   . HOH B 2 .   ? 5.469   -3.147  -14.753 1.00 33.05 ? 264 HOH A O   1 
HETATM 1556 O O   . HOH B 2 .   ? 12.309  1.072   8.985   1.00 23.44 ? 265 HOH A O   1 
HETATM 1557 O O   . HOH B 2 .   ? -21.091 -4.127  16.158  1.00 27.61 ? 266 HOH A O   1 
HETATM 1558 O O   . HOH B 2 .   ? 4.147   10.422  9.693   1.00 28.52 ? 267 HOH A O   1 
HETATM 1559 O O   . HOH B 2 .   ? -5.616  -7.815  -4.138  1.00 43.10 ? 268 HOH A O   1 
HETATM 1560 O O   . HOH B 2 .   ? 19.150  1.196   -3.314  1.00 27.34 ? 269 HOH A O   1 
HETATM 1561 O O   . HOH B 2 .   ? 13.956  -8.572  2.801   1.00 39.22 ? 270 HOH A O   1 
HETATM 1562 O O   . HOH B 2 .   ? 10.486  4.496   8.151   1.00 26.62 ? 271 HOH A O   1 
HETATM 1563 O O   . HOH B 2 .   ? -18.831 -0.565  17.606  1.00 34.38 ? 272 HOH A O   1 
HETATM 1564 O O   . HOH B 2 .   ? -23.794 7.077   18.832  1.00 27.86 ? 273 HOH A O   1 
HETATM 1565 O O   . HOH B 2 .   ? -14.624 21.460  9.089   1.00 40.15 ? 274 HOH A O   1 
HETATM 1566 O O   . HOH B 2 .   ? 17.361  3.590   -3.183  1.00 32.43 ? 275 HOH A O   1 
HETATM 1567 O O   . HOH B 2 .   ? 10.337  -12.764 -23.735 1.00 33.38 ? 276 HOH A O   1 
HETATM 1568 O O   . HOH B 2 .   ? 14.138  -14.862 -7.784  1.00 36.17 ? 277 HOH A O   1 
HETATM 1569 O O   . HOH B 2 .   ? 20.158  -10.552 -2.396  1.00 38.45 ? 278 HOH A O   1 
HETATM 1570 O O   . HOH B 2 .   ? -13.867 -4.606  5.398   1.00 34.52 ? 279 HOH A O   1 
HETATM 1571 O O   . HOH B 2 .   ? 5.617   -1.840  10.134  1.00 33.64 ? 280 HOH A O   1 
HETATM 1572 O O   . HOH B 2 .   ? -2.650  14.561  17.364  1.00 26.39 ? 281 HOH A O   1 
HETATM 1573 O O   . HOH B 2 .   ? 0.065   -17.825 0.534   1.00 37.38 ? 282 HOH A O   1 
HETATM 1574 O O   . HOH B 2 .   ? 3.227   -0.909  -8.669  1.00 34.54 ? 283 HOH A O   1 
HETATM 1575 O O   . HOH B 2 .   ? 12.887  3.187   7.311   1.00 27.84 ? 284 HOH A O   1 
HETATM 1576 O O   . HOH B 2 .   ? 20.333  -9.557  -8.333  1.00 38.83 ? 285 HOH A O   1 
HETATM 1577 O O   . HOH B 2 .   ? 11.173  -20.066 -17.752 1.00 26.20 ? 286 HOH A O   1 
HETATM 1578 O O   . HOH B 2 .   ? -18.139 24.737  -0.220  1.00 34.83 ? 287 HOH A O   1 
HETATM 1579 O O   . HOH B 2 .   ? -10.613 25.302  0.640   1.00 39.16 ? 288 HOH A O   1 
HETATM 1580 O O   . HOH B 2 .   ? -9.842  4.645   17.944  1.00 28.56 ? 289 HOH A O   1 
HETATM 1581 O O   . HOH B 2 .   ? -1.517  17.439  12.890  1.00 32.35 ? 290 HOH A O   1 
HETATM 1582 O O   . HOH B 2 .   ? -2.269  15.277  0.892   1.00 48.01 ? 291 HOH A O   1 
HETATM 1583 O O   . HOH B 2 .   ? -23.030 13.346  2.671   1.00 38.28 ? 292 HOH A O   1 
HETATM 1584 O O   . HOH B 2 .   ? 15.425  -3.396  6.833   1.00 32.86 ? 293 HOH A O   1 
HETATM 1585 O O   . HOH B 2 .   ? -1.722  -18.307 -1.540  1.00 31.46 ? 294 HOH A O   1 
HETATM 1586 O O   . HOH B 2 .   ? 20.163  -5.422  -6.939  1.00 42.78 ? 295 HOH A O   1 
HETATM 1587 O O   . HOH B 2 .   ? -24.194 -4.994  10.140  1.00 40.14 ? 296 HOH A O   1 
HETATM 1588 O O   . HOH B 2 .   ? 8.296   -1.153  10.827  1.00 41.11 ? 297 HOH A O   1 
HETATM 1589 O O   . HOH B 2 .   ? -6.713  18.629  12.598  1.00 30.21 ? 298 HOH A O   1 
HETATM 1590 O O   . HOH B 2 .   ? 15.284  4.937   -6.077  1.00 45.14 ? 299 HOH A O   1 
HETATM 1591 O O   . HOH B 2 .   ? -21.677 19.717  10.696  1.00 31.37 ? 300 HOH A O   1 
HETATM 1592 O O   . HOH B 2 .   ? -24.949 11.870  10.735  1.00 38.20 ? 301 HOH A O   1 
HETATM 1593 O O   . HOH B 2 .   ? -12.970 7.623   16.491  1.00 27.28 ? 302 HOH A O   1 
HETATM 1594 O O   . HOH B 2 .   ? -27.450 0.771   14.347  1.00 37.49 ? 303 HOH A O   1 
HETATM 1595 O O   . HOH B 2 .   ? -6.489  19.113  2.274   1.00 47.87 ? 304 HOH A O   1 
HETATM 1596 O O   . HOH B 2 .   ? -9.829  18.213  12.321  1.00 33.11 ? 305 HOH A O   1 
HETATM 1597 O O   . HOH B 2 .   ? 22.480  -1.968  -15.690 1.00 46.81 ? 306 HOH A O   1 
HETATM 1598 O O   . HOH B 2 .   ? 5.309   11.553  -0.893  1.00 42.60 ? 307 HOH A O   1 
HETATM 1599 O O   . HOH B 2 .   ? -3.723  -12.444 9.435   1.00 38.61 ? 308 HOH A O   1 
HETATM 1600 O O   . HOH B 2 .   ? 9.615   10.050  -0.400  1.00 39.95 ? 309 HOH A O   1 
HETATM 1601 O O   . HOH B 2 .   ? -1.220  1.843   -3.296  1.00 34.83 ? 310 HOH A O   1 
HETATM 1602 O O   . HOH B 2 .   ? -21.337 18.266  13.160  1.00 33.80 ? 311 HOH A O   1 
HETATM 1603 O O   . HOH B 2 .   ? 11.578  4.557   -9.910  1.00 34.26 ? 312 HOH A O   1 
HETATM 1604 O O   . HOH B 2 .   ? -3.530  -5.090  16.307  1.00 28.44 ? 313 HOH A O   1 
HETATM 1605 O O   . HOH B 2 .   ? 18.752  3.866   -12.909 1.00 40.68 ? 314 HOH A O   1 
HETATM 1606 O O   . HOH B 2 .   ? -22.795 13.908  12.855  1.00 32.36 ? 315 HOH A O   1 
HETATM 1607 O O   . HOH B 2 .   ? 2.471   6.963   -5.036  1.00 32.93 ? 316 HOH A O   1 
HETATM 1608 O O   . HOH B 2 .   ? 4.130   -5.927  8.482   1.00 36.97 ? 317 HOH A O   1 
HETATM 1609 O O   . HOH B 2 .   ? 14.481  -2.746  -26.779 1.00 51.20 ? 318 HOH A O   1 
HETATM 1610 O O   . HOH B 2 .   ? 7.778   -14.382 -1.643  1.00 39.30 ? 319 HOH A O   1 
HETATM 1611 O O   . HOH B 2 .   ? 16.748  -15.222 -7.767  1.00 39.53 ? 320 HOH A O   1 
HETATM 1612 O O   . HOH B 2 .   ? 1.302   11.395  12.658  1.00 32.00 ? 321 HOH A O   1 
HETATM 1613 O O   . HOH B 2 .   ? 10.743  -0.003  -16.516 1.00 38.07 ? 322 HOH A O   1 
HETATM 1614 O O   . HOH B 2 .   ? 3.248   -21.916 -18.927 1.00 41.90 ? 323 HOH A O   1 
HETATM 1615 O O   . HOH B 2 .   ? -25.933 5.016   15.528  1.00 42.43 ? 324 HOH A O   1 
HETATM 1616 O O   . HOH B 2 .   ? 9.300   -3.573  11.536  1.00 52.71 ? 325 HOH A O   1 
HETATM 1617 O O   . HOH B 2 .   ? 9.163   -12.762 -0.279  1.00 44.54 ? 326 HOH A O   1 
HETATM 1618 O O   . HOH B 2 .   ? 27.087  -11.703 -17.621 1.00 37.42 ? 327 HOH A O   1 
HETATM 1619 O O   . HOH B 2 .   ? -12.901 -0.535  3.825   1.00 37.74 ? 328 HOH A O   1 
HETATM 1620 O O   . HOH B 2 .   ? -2.113  20.670  9.786   1.00 53.36 ? 329 HOH A O   1 
HETATM 1621 O O   . HOH B 2 .   ? -10.263 11.924  -2.232  1.00 38.69 ? 330 HOH A O   1 
HETATM 1622 O O   . HOH B 2 .   ? 19.592  -15.905 -11.252 1.00 36.93 ? 331 HOH A O   1 
HETATM 1623 O O   . HOH B 2 .   ? -13.160 24.294  2.797   1.00 32.95 ? 332 HOH A O   1 
HETATM 1624 O O   . HOH B 2 .   ? -0.624  -1.968  14.815  1.00 31.30 ? 333 HOH A O   1 
HETATM 1625 O O   . HOH B 2 .   ? -12.584 6.355   1.272   1.00 25.35 ? 334 HOH A O   1 
HETATM 1626 O O   . HOH B 2 .   ? -23.354 16.461  12.793  1.00 26.11 ? 335 HOH A O   1 
HETATM 1627 O O   . HOH B 2 .   ? 15.848  -1.050  -16.761 1.00 41.29 ? 336 HOH A O   1 
HETATM 1628 O O   . HOH B 2 .   ? 4.844   -18.919 -20.748 1.00 38.48 ? 337 HOH A O   1 
HETATM 1629 O O   . HOH B 2 .   ? 7.241   8.350   -4.430  1.00 49.30 ? 338 HOH A O   1 
HETATM 1630 O O   . HOH B 2 .   ? 9.945   2.501   9.959   1.00 45.04 ? 339 HOH A O   1 
HETATM 1631 O O   . HOH B 2 .   ? 16.715  -13.902 -4.913  1.00 41.96 ? 340 HOH A O   1 
HETATM 1632 O O   . HOH B 2 .   ? 6.781   4.181   -9.613  1.00 37.32 ? 341 HOH A O   1 
HETATM 1633 O O   . HOH B 2 .   ? 13.585  -6.706  5.703   1.00 40.36 ? 342 HOH A O   1 
# 
loop_
_pdbx_poly_seq_scheme.asym_id 
_pdbx_poly_seq_scheme.entity_id 
_pdbx_poly_seq_scheme.seq_id 
_pdbx_poly_seq_scheme.mon_id 
_pdbx_poly_seq_scheme.ndb_seq_num 
_pdbx_poly_seq_scheme.pdb_seq_num 
_pdbx_poly_seq_scheme.auth_seq_num 
_pdbx_poly_seq_scheme.pdb_mon_id 
_pdbx_poly_seq_scheme.auth_mon_id 
_pdbx_poly_seq_scheme.pdb_strand_id 
_pdbx_poly_seq_scheme.pdb_ins_code 
_pdbx_poly_seq_scheme.hetero 
A 1 1   MET 1   6   ?   ?   ?   A . n 
A 1 2   ARG 2   7   ?   ?   ?   A . n 
A 1 3   GLY 3   8   ?   ?   ?   A . n 
A 1 4   SER 4   9   ?   ?   ?   A . n 
A 1 5   HIS 5   10  ?   ?   ?   A . n 
A 1 6   HIS 6   11  ?   ?   ?   A . n 
A 1 7   HIS 7   12  12  HIS HIS A . n 
A 1 8   HIS 8   13  13  HIS HIS A . n 
A 1 9   HIS 9   14  14  HIS HIS A . n 
A 1 10  HIS 10  15  15  HIS HIS A . n 
A 1 11  THR 11  16  16  THR THR A . n 
A 1 12  ASP 12  17  17  ASP ASP A . n 
A 1 13  PRO 13  18  18  PRO PRO A . n 
A 1 14  GLU 14  19  19  GLU GLU A . n 
A 1 15  LYS 15  20  20  LYS LYS A . n 
A 1 16  VAL 16  21  21  VAL VAL A . n 
A 1 17  GLU 17  22  22  GLU GLU A . n 
A 1 18  MET 18  23  23  MET MET A . n 
A 1 19  TYR 19  24  24  TYR TYR A . n 
A 1 20  ILE 20  25  25  ILE ILE A . n 
A 1 21  LYS 21  26  26  LYS LYS A . n 
A 1 22  ASN 22  27  27  ASN ASN A . n 
A 1 23  LEU 23  28  28  LEU LEU A . n 
A 1 24  GLN 24  29  29  GLN GLN A . n 
A 1 25  ASP 25  30  30  ASP ASP A . n 
A 1 26  ASP 26  31  31  ASP ASP A . n 
A 1 27  SER 27  32  32  SER SER A . n 
A 1 28  TYR 28  33  33  TYR TYR A . n 
A 1 29  TYR 29  34  34  TYR TYR A . n 
A 1 30  VAL 30  35  35  VAL VAL A . n 
A 1 31  ARG 31  36  36  ARG ARG A . n 
A 1 32  ARG 32  37  37  ARG ARG A . n 
A 1 33  ALA 33  38  38  ALA ALA A . n 
A 1 34  ALA 34  39  39  ALA ALA A . n 
A 1 35  ALA 35  40  40  ALA ALA A . n 
A 1 36  TYR 36  41  41  TYR TYR A . n 
A 1 37  ALA 37  42  42  ALA ALA A . n 
A 1 38  LEU 38  43  43  LEU LEU A . n 
A 1 39  GLY 39  44  44  GLY GLY A . n 
A 1 40  LYS 40  45  45  LYS LYS A . n 
A 1 41  ILE 41  46  46  ILE ILE A . n 
A 1 42  GLY 42  47  47  GLY GLY A . n 
A 1 43  ASP 43  48  48  ASP ASP A . n 
A 1 44  GLU 44  49  49  GLU GLU A . n 
A 1 45  ARG 45  50  50  ARG ARG A . n 
A 1 46  ALA 46  51  51  ALA ALA A . n 
A 1 47  VAL 47  52  52  VAL VAL A . n 
A 1 48  GLU 48  53  53  GLU GLU A . n 
A 1 49  PRO 49  54  54  PRO PRO A . n 
A 1 50  LEU 50  55  55  LEU LEU A . n 
A 1 51  ILE 51  56  56  ILE ILE A . n 
A 1 52  LYS 52  57  57  LYS LYS A . n 
A 1 53  ALA 53  58  58  ALA ALA A . n 
A 1 54  LEU 54  59  59  LEU LEU A . n 
A 1 55  LYS 55  60  60  LYS LYS A . n 
A 1 56  ASP 56  61  61  ASP ASP A . n 
A 1 57  GLU 57  62  62  GLU GLU A . n 
A 1 58  ASP 58  63  63  ASP ASP A . n 
A 1 59  ALA 59  64  64  ALA ALA A . n 
A 1 60  TRP 60  65  65  TRP TRP A . n 
A 1 61  VAL 61  66  66  VAL VAL A . n 
A 1 62  ARG 62  67  67  ARG ARG A . n 
A 1 63  ARG 63  68  68  ARG ARG A . n 
A 1 64  ALA 64  69  69  ALA ALA A . n 
A 1 65  ALA 65  70  70  ALA ALA A . n 
A 1 66  ALA 66  71  71  ALA ALA A . n 
A 1 67  ASP 67  72  72  ASP ASP A . n 
A 1 68  ALA 68  73  73  ALA ALA A . n 
A 1 69  LEU 69  74  74  LEU LEU A . n 
A 1 70  GLY 70  75  75  GLY GLY A . n 
A 1 71  GLN 71  76  76  GLN GLN A . n 
A 1 72  ILE 72  77  77  ILE ILE A . n 
A 1 73  GLY 73  78  78  GLY GLY A . n 
A 1 74  ASP 74  79  79  ASP ASP A . n 
A 1 75  GLU 75  80  80  GLU GLU A . n 
A 1 76  ARG 76  81  81  ARG ARG A . n 
A 1 77  ALA 77  82  82  ALA ALA A . n 
A 1 78  VAL 78  83  83  VAL VAL A . n 
A 1 79  GLU 79  84  84  GLU GLU A . n 
A 1 80  PRO 80  85  85  PRO PRO A . n 
A 1 81  LEU 81  86  86  LEU LEU A . n 
A 1 82  ILE 82  87  87  ILE ILE A . n 
A 1 83  LYS 83  88  88  LYS LYS A . n 
A 1 84  ALA 84  89  89  ALA ALA A . n 
A 1 85  LEU 85  90  90  LEU LEU A . n 
A 1 86  LYS 86  91  91  LYS LYS A . n 
A 1 87  ASP 87  92  92  ASP ASP A . n 
A 1 88  GLU 88  93  93  GLU GLU A . n 
A 1 89  ASP 89  94  94  ASP ASP A . n 
A 1 90  GLY 90  95  95  GLY GLY A . n 
A 1 91  TRP 91  96  96  TRP TRP A . n 
A 1 92  VAL 92  97  97  VAL VAL A . n 
A 1 93  ARG 93  98  98  ARG ARG A . n 
A 1 94  GLN 94  99  99  GLN GLN A . n 
A 1 95  SER 95  100 100 SER SER A . n 
A 1 96  ALA 96  101 101 ALA ALA A . n 
A 1 97  ALA 97  102 102 ALA ALA A . n 
A 1 98  VAL 98  103 103 VAL VAL A . n 
A 1 99  ALA 99  104 104 ALA ALA A . n 
A 1 100 LEU 100 105 105 LEU LEU A . n 
A 1 101 GLY 101 106 106 GLY GLY A . n 
A 1 102 GLN 102 107 107 GLN GLN A . n 
A 1 103 ILE 103 108 108 ILE ILE A . n 
A 1 104 GLY 104 109 109 GLY GLY A . n 
A 1 105 ASP 105 110 110 ASP ASP A . n 
A 1 106 GLU 106 111 111 GLU GLU A . n 
A 1 107 ARG 107 112 112 ARG ARG A . n 
A 1 108 ALA 108 113 113 ALA ALA A . n 
A 1 109 VAL 109 114 114 VAL VAL A . n 
A 1 110 GLU 110 115 115 GLU GLU A . n 
A 1 111 PRO 111 116 116 PRO PRO A . n 
A 1 112 LEU 112 117 117 LEU LEU A . n 
A 1 113 ILE 113 118 118 ILE ILE A . n 
A 1 114 LYS 114 119 119 LYS LYS A . n 
A 1 115 ALA 115 120 120 ALA ALA A . n 
A 1 116 LEU 116 121 121 LEU LEU A . n 
A 1 117 LYS 117 122 122 LYS LYS A . n 
A 1 118 ASP 118 123 123 ASP ASP A . n 
A 1 119 GLU 119 124 124 GLU GLU A . n 
A 1 120 ASP 120 125 125 ASP ASP A . n 
A 1 121 TRP 121 126 126 TRP TRP A . n 
A 1 122 PHE 122 127 127 PHE PHE A . n 
A 1 123 VAL 123 128 128 VAL VAL A . n 
A 1 124 ARG 124 129 129 ARG ARG A . n 
A 1 125 ILE 125 130 130 ILE ILE A . n 
A 1 126 ALA 126 131 131 ALA ALA A . n 
A 1 127 ALA 127 132 132 ALA ALA A . n 
A 1 128 ALA 128 133 133 ALA ALA A . n 
A 1 129 PHE 129 134 134 PHE PHE A . n 
A 1 130 ALA 130 135 135 ALA ALA A . n 
A 1 131 LEU 131 136 136 LEU LEU A . n 
A 1 132 GLY 132 137 137 GLY GLY A . n 
A 1 133 GLU 133 138 138 GLU GLU A . n 
A 1 134 ILE 134 139 139 ILE ILE A . n 
A 1 135 GLY 135 140 140 GLY GLY A . n 
A 1 136 ASP 136 141 141 ASP ASP A . n 
A 1 137 GLU 137 142 142 GLU GLU A . n 
A 1 138 ARG 138 143 143 ARG ARG A . n 
A 1 139 ALA 139 144 144 ALA ALA A . n 
A 1 140 VAL 140 145 145 VAL VAL A . n 
A 1 141 GLU 141 146 146 GLU GLU A . n 
A 1 142 PRO 142 147 147 PRO PRO A . n 
A 1 143 LEU 143 148 148 LEU LEU A . n 
A 1 144 ILE 144 149 149 ILE ILE A . n 
A 1 145 LYS 145 150 150 LYS LYS A . n 
A 1 146 ALA 146 151 151 ALA ALA A . n 
A 1 147 LEU 147 152 152 LEU LEU A . n 
A 1 148 LYS 148 153 153 LYS LYS A . n 
A 1 149 ASP 149 154 154 ASP ASP A . n 
A 1 150 GLU 150 155 155 GLU GLU A . n 
A 1 151 ASP 151 156 156 ASP ASP A . n 
A 1 152 GLY 152 157 157 GLY GLY A . n 
A 1 153 TRP 153 158 158 TRP TRP A . n 
A 1 154 VAL 154 159 159 VAL VAL A . n 
A 1 155 ARG 155 160 160 ARG ARG A . n 
A 1 156 GLN 156 161 161 GLN GLN A . n 
A 1 157 SER 157 162 162 SER SER A . n 
A 1 158 ALA 158 163 163 ALA ALA A . n 
A 1 159 ALA 159 164 164 ALA ALA A . n 
A 1 160 ASP 160 165 165 ASP ASP A . n 
A 1 161 ALA 161 166 166 ALA ALA A . n 
A 1 162 LEU 162 167 167 LEU LEU A . n 
A 1 163 GLY 163 168 168 GLY GLY A . n 
A 1 164 GLU 164 169 169 GLU GLU A . n 
A 1 165 ILE 165 170 170 ILE ILE A . n 
A 1 166 GLY 166 171 171 GLY GLY A . n 
A 1 167 GLY 167 172 172 GLY GLY A . n 
A 1 168 GLU 168 173 173 GLU GLU A . n 
A 1 169 ARG 169 174 174 ARG ARG A . n 
A 1 170 VAL 170 175 175 VAL VAL A . n 
A 1 171 ARG 171 176 176 ARG ARG A . n 
A 1 172 ALA 172 177 177 ALA ALA A . n 
A 1 173 ALA 173 178 178 ALA ALA A . n 
A 1 174 MET 174 179 179 MET MET A . n 
A 1 175 GLU 175 180 180 GLU GLU A . n 
A 1 176 LYS 176 181 181 LYS LYS A . n 
A 1 177 LEU 177 182 182 LEU LEU A . n 
A 1 178 ALA 178 183 183 ALA ALA A . n 
A 1 179 GLU 179 184 184 GLU GLU A . n 
A 1 180 THR 180 185 185 THR THR A . n 
A 1 181 GLY 181 186 186 GLY GLY A . n 
A 1 182 THR 182 187 187 THR THR A . n 
A 1 183 GLY 183 188 188 GLY GLY A . n 
A 1 184 PHE 184 189 189 PHE PHE A . n 
A 1 185 ALA 185 190 190 ALA ALA A . n 
A 1 186 ARG 186 191 191 ARG ARG A . n 
A 1 187 LYS 187 192 192 LYS LYS A . n 
A 1 188 VAL 188 193 193 VAL VAL A . n 
A 1 189 ALA 189 194 194 ALA ALA A . n 
A 1 190 VAL 190 195 195 VAL VAL A . n 
A 1 191 ASN 191 196 196 ASN ASN A . n 
A 1 192 TYR 192 197 197 TYR TYR A . n 
A 1 193 LEU 193 198 198 LEU LEU A . n 
A 1 194 GLU 194 199 199 GLU GLU A . n 
A 1 195 THR 195 200 200 THR THR A . n 
A 1 196 HIS 196 201 201 HIS HIS A . n 
A 1 197 LYS 197 202 202 LYS LYS A . n 
A 1 198 SER 198 203 ?   ?   ?   A . n 
A 1 199 LEU 199 204 ?   ?   ?   A . n 
A 1 200 ILE 200 205 ?   ?   ?   A . n 
A 1 201 SER 201 206 ?   ?   ?   A . n 
# 
loop_
_pdbx_nonpoly_scheme.asym_id 
_pdbx_nonpoly_scheme.entity_id 
_pdbx_nonpoly_scheme.mon_id 
_pdbx_nonpoly_scheme.ndb_seq_num 
_pdbx_nonpoly_scheme.pdb_seq_num 
_pdbx_nonpoly_scheme.auth_seq_num 
_pdbx_nonpoly_scheme.pdb_mon_id 
_pdbx_nonpoly_scheme.auth_mon_id 
_pdbx_nonpoly_scheme.pdb_strand_id 
_pdbx_nonpoly_scheme.pdb_ins_code 
B 2 HOH 1   1   1   HOH HOH A . 
B 2 HOH 2   2   2   HOH HOH A . 
B 2 HOH 3   3   3   HOH HOH A . 
B 2 HOH 4   4   4   HOH HOH A . 
B 2 HOH 5   207 6   HOH HOH A . 
B 2 HOH 6   208 7   HOH HOH A . 
B 2 HOH 7   209 8   HOH HOH A . 
B 2 HOH 8   210 9   HOH HOH A . 
B 2 HOH 9   211 10  HOH HOH A . 
B 2 HOH 10  212 11  HOH HOH A . 
B 2 HOH 11  213 13  HOH HOH A . 
B 2 HOH 12  214 14  HOH HOH A . 
B 2 HOH 13  215 15  HOH HOH A . 
B 2 HOH 14  216 16  HOH HOH A . 
B 2 HOH 15  217 17  HOH HOH A . 
B 2 HOH 16  218 18  HOH HOH A . 
B 2 HOH 17  219 19  HOH HOH A . 
B 2 HOH 18  220 20  HOH HOH A . 
B 2 HOH 19  221 22  HOH HOH A . 
B 2 HOH 20  222 24  HOH HOH A . 
B 2 HOH 21  223 26  HOH HOH A . 
B 2 HOH 22  224 27  HOH HOH A . 
B 2 HOH 23  225 28  HOH HOH A . 
B 2 HOH 24  226 29  HOH HOH A . 
B 2 HOH 25  227 30  HOH HOH A . 
B 2 HOH 26  228 31  HOH HOH A . 
B 2 HOH 27  229 32  HOH HOH A . 
B 2 HOH 28  230 33  HOH HOH A . 
B 2 HOH 29  231 34  HOH HOH A . 
B 2 HOH 30  232 35  HOH HOH A . 
B 2 HOH 31  233 36  HOH HOH A . 
B 2 HOH 32  234 37  HOH HOH A . 
B 2 HOH 33  235 38  HOH HOH A . 
B 2 HOH 34  236 39  HOH HOH A . 
B 2 HOH 35  237 40  HOH HOH A . 
B 2 HOH 36  238 41  HOH HOH A . 
B 2 HOH 37  239 43  HOH HOH A . 
B 2 HOH 38  240 44  HOH HOH A . 
B 2 HOH 39  241 45  HOH HOH A . 
B 2 HOH 40  242 46  HOH HOH A . 
B 2 HOH 41  243 47  HOH HOH A . 
B 2 HOH 42  244 48  HOH HOH A . 
B 2 HOH 43  245 49  HOH HOH A . 
B 2 HOH 44  246 50  HOH HOH A . 
B 2 HOH 45  247 51  HOH HOH A . 
B 2 HOH 46  248 52  HOH HOH A . 
B 2 HOH 47  249 54  HOH HOH A . 
B 2 HOH 48  250 55  HOH HOH A . 
B 2 HOH 49  251 56  HOH HOH A . 
B 2 HOH 50  252 58  HOH HOH A . 
B 2 HOH 51  253 59  HOH HOH A . 
B 2 HOH 52  254 61  HOH HOH A . 
B 2 HOH 53  255 62  HOH HOH A . 
B 2 HOH 54  256 63  HOH HOH A . 
B 2 HOH 55  257 64  HOH HOH A . 
B 2 HOH 56  258 65  HOH HOH A . 
B 2 HOH 57  259 66  HOH HOH A . 
B 2 HOH 58  260 69  HOH HOH A . 
B 2 HOH 59  261 70  HOH HOH A . 
B 2 HOH 60  262 71  HOH HOH A . 
B 2 HOH 61  263 72  HOH HOH A . 
B 2 HOH 62  264 73  HOH HOH A . 
B 2 HOH 63  265 74  HOH HOH A . 
B 2 HOH 64  266 75  HOH HOH A . 
B 2 HOH 65  267 76  HOH HOH A . 
B 2 HOH 66  268 77  HOH HOH A . 
B 2 HOH 67  269 78  HOH HOH A . 
B 2 HOH 68  270 79  HOH HOH A . 
B 2 HOH 69  271 80  HOH HOH A . 
B 2 HOH 70  272 82  HOH HOH A . 
B 2 HOH 71  273 83  HOH HOH A . 
B 2 HOH 72  274 84  HOH HOH A . 
B 2 HOH 73  275 85  HOH HOH A . 
B 2 HOH 74  276 86  HOH HOH A . 
B 2 HOH 75  277 87  HOH HOH A . 
B 2 HOH 76  278 88  HOH HOH A . 
B 2 HOH 77  279 89  HOH HOH A . 
B 2 HOH 78  280 90  HOH HOH A . 
B 2 HOH 79  281 91  HOH HOH A . 
B 2 HOH 80  282 92  HOH HOH A . 
B 2 HOH 81  283 93  HOH HOH A . 
B 2 HOH 82  284 94  HOH HOH A . 
B 2 HOH 83  285 95  HOH HOH A . 
B 2 HOH 84  286 96  HOH HOH A . 
B 2 HOH 85  287 97  HOH HOH A . 
B 2 HOH 86  288 98  HOH HOH A . 
B 2 HOH 87  289 99  HOH HOH A . 
B 2 HOH 88  290 100 HOH HOH A . 
B 2 HOH 89  291 101 HOH HOH A . 
B 2 HOH 90  292 102 HOH HOH A . 
B 2 HOH 91  293 103 HOH HOH A . 
B 2 HOH 92  294 104 HOH HOH A . 
B 2 HOH 93  295 105 HOH HOH A . 
B 2 HOH 94  296 106 HOH HOH A . 
B 2 HOH 95  297 107 HOH HOH A . 
B 2 HOH 96  298 108 HOH HOH A . 
B 2 HOH 97  299 109 HOH HOH A . 
B 2 HOH 98  300 110 HOH HOH A . 
B 2 HOH 99  301 111 HOH HOH A . 
B 2 HOH 100 302 112 HOH HOH A . 
B 2 HOH 101 303 113 HOH HOH A . 
B 2 HOH 102 304 114 HOH HOH A . 
B 2 HOH 103 305 115 HOH HOH A . 
B 2 HOH 104 306 116 HOH HOH A . 
B 2 HOH 105 307 117 HOH HOH A . 
B 2 HOH 106 308 118 HOH HOH A . 
B 2 HOH 107 309 119 HOH HOH A . 
B 2 HOH 108 310 120 HOH HOH A . 
B 2 HOH 109 311 121 HOH HOH A . 
B 2 HOH 110 312 123 HOH HOH A . 
B 2 HOH 111 313 124 HOH HOH A . 
B 2 HOH 112 314 126 HOH HOH A . 
B 2 HOH 113 315 127 HOH HOH A . 
B 2 HOH 114 316 128 HOH HOH A . 
B 2 HOH 115 317 129 HOH HOH A . 
B 2 HOH 116 318 130 HOH HOH A . 
B 2 HOH 117 319 132 HOH HOH A . 
B 2 HOH 118 320 133 HOH HOH A . 
B 2 HOH 119 321 134 HOH HOH A . 
B 2 HOH 120 322 135 HOH HOH A . 
B 2 HOH 121 323 136 HOH HOH A . 
B 2 HOH 122 324 137 HOH HOH A . 
B 2 HOH 123 325 138 HOH HOH A . 
B 2 HOH 124 326 139 HOH HOH A . 
B 2 HOH 125 327 141 HOH HOH A . 
B 2 HOH 126 328 143 HOH HOH A . 
B 2 HOH 127 329 145 HOH HOH A . 
B 2 HOH 128 330 146 HOH HOH A . 
B 2 HOH 129 331 147 HOH HOH A . 
B 2 HOH 130 332 148 HOH HOH A . 
B 2 HOH 131 333 149 HOH HOH A . 
B 2 HOH 132 334 151 HOH HOH A . 
B 2 HOH 133 335 152 HOH HOH A . 
B 2 HOH 134 336 154 HOH HOH A . 
B 2 HOH 135 337 156 HOH HOH A . 
B 2 HOH 136 338 157 HOH HOH A . 
B 2 HOH 137 339 158 HOH HOH A . 
B 2 HOH 138 340 161 HOH HOH A . 
B 2 HOH 139 341 164 HOH HOH A . 
B 2 HOH 140 342 165 HOH HOH A . 
# 
loop_
_pdbx_struct_assembly.id 
_pdbx_struct_assembly.details 
_pdbx_struct_assembly.method_details 
_pdbx_struct_assembly.oligomeric_details 
_pdbx_struct_assembly.oligomeric_count 
1 author_defined_assembly   ?    monomeric 1 
2 software_defined_assembly PISA dimeric   2 
# 
loop_
_pdbx_struct_assembly_gen.assembly_id 
_pdbx_struct_assembly_gen.oper_expression 
_pdbx_struct_assembly_gen.asym_id_list 
1 1   A,B 
2 1,2 A,B 
# 
loop_
_pdbx_struct_assembly_prop.biol_id 
_pdbx_struct_assembly_prop.type 
_pdbx_struct_assembly_prop.value 
_pdbx_struct_assembly_prop.details 
2 'ABSA (A^2)' 2190  ? 
2 MORE         -9    ? 
2 'SSA (A^2)'  18250 ? 
# 
loop_
_pdbx_struct_oper_list.id 
_pdbx_struct_oper_list.type 
_pdbx_struct_oper_list.name 
_pdbx_struct_oper_list.symmetry_operation 
_pdbx_struct_oper_list.matrix[1][1] 
_pdbx_struct_oper_list.matrix[1][2] 
_pdbx_struct_oper_list.matrix[1][3] 
_pdbx_struct_oper_list.vector[1] 
_pdbx_struct_oper_list.matrix[2][1] 
_pdbx_struct_oper_list.matrix[2][2] 
_pdbx_struct_oper_list.matrix[2][3] 
_pdbx_struct_oper_list.vector[2] 
_pdbx_struct_oper_list.matrix[3][1] 
_pdbx_struct_oper_list.matrix[3][2] 
_pdbx_struct_oper_list.matrix[3][3] 
_pdbx_struct_oper_list.vector[3] 
1 'identity operation'         1_555 x,y,z     1.0000000000  0.0000000000 0.0000000000  0.0000000000   0.0000000000 1.0000000000 0.0000000000  0.0000000000  0.0000000000  0.0000000000  1.0000000000  0.0000000000   
2 'crystal symmetry operation' 2_655 -x+1,-y,z -0.9625219396 0.2526776183 -0.0985166843 -16.3403054277 0.2526776183 0.7035561083 -0.6642008911 -2.8666715311 -0.0985166843 -0.6642008911 -0.7410341687 -13.5687340619 
# 
_pdbx_struct_special_symmetry.id              1 
_pdbx_struct_special_symmetry.PDB_model_num   1 
_pdbx_struct_special_symmetry.auth_asym_id    A 
_pdbx_struct_special_symmetry.auth_comp_id    HOH 
_pdbx_struct_special_symmetry.auth_seq_id     219 
_pdbx_struct_special_symmetry.PDB_ins_code    ? 
_pdbx_struct_special_symmetry.label_asym_id   B 
_pdbx_struct_special_symmetry.label_comp_id   HOH 
_pdbx_struct_special_symmetry.label_seq_id    . 
# 
loop_
_pdbx_audit_revision_history.ordinal 
_pdbx_audit_revision_history.data_content_type 
_pdbx_audit_revision_history.major_revision 
_pdbx_audit_revision_history.minor_revision 
_pdbx_audit_revision_history.revision_date 
1 'Structure model' 1 0 2010-10-13 
2 'Structure model' 1 1 2011-07-13 
3 'Structure model' 1 2 2014-02-12 
4 'Structure model' 1 3 2023-11-01 
# 
_pdbx_audit_revision_details.ordinal             1 
_pdbx_audit_revision_details.revision_ordinal    1 
_pdbx_audit_revision_details.data_content_type   'Structure model' 
_pdbx_audit_revision_details.provider            repository 
_pdbx_audit_revision_details.type                'Initial release' 
_pdbx_audit_revision_details.description         ? 
_pdbx_audit_revision_details.details             ? 
# 
loop_
_pdbx_audit_revision_group.ordinal 
_pdbx_audit_revision_group.revision_ordinal 
_pdbx_audit_revision_group.data_content_type 
_pdbx_audit_revision_group.group 
1 2 'Structure model' 'Version format compliance' 
2 3 'Structure model' 'Database references'       
3 4 'Structure model' 'Data collection'           
4 4 'Structure model' 'Database references'       
5 4 'Structure model' 'Refinement description'    
# 
loop_
_pdbx_audit_revision_category.ordinal 
_pdbx_audit_revision_category.revision_ordinal 
_pdbx_audit_revision_category.data_content_type 
_pdbx_audit_revision_category.category 
1 4 'Structure model' chem_comp_atom                
2 4 'Structure model' chem_comp_bond                
3 4 'Structure model' database_2                    
4 4 'Structure model' pdbx_initial_refinement_model 
# 
loop_
_pdbx_audit_revision_item.ordinal 
_pdbx_audit_revision_item.revision_ordinal 
_pdbx_audit_revision_item.data_content_type 
_pdbx_audit_revision_item.item 
1 4 'Structure model' '_database_2.pdbx_DOI'                
2 4 'Structure model' '_database_2.pdbx_database_accession' 
# 
loop_
_software.name 
_software.classification 
_software.version 
_software.citation_id 
_software.pdbx_ordinal 
ADSC   'data collection' Quantum           ? 1 
MOLREP phasing           .                 ? 2 
PHENIX refinement        '(phenix.refine)' ? 3 
XDS    'data reduction'  .                 ? 4 
XSCALE 'data scaling'    .                 ? 5 
# 
_pdbx_validate_close_contact.id               1 
_pdbx_validate_close_contact.PDB_model_num    1 
_pdbx_validate_close_contact.auth_atom_id_1   OE1 
_pdbx_validate_close_contact.auth_asym_id_1   A 
_pdbx_validate_close_contact.auth_comp_id_1   GLN 
_pdbx_validate_close_contact.auth_seq_id_1    107 
_pdbx_validate_close_contact.PDB_ins_code_1   ? 
_pdbx_validate_close_contact.label_alt_id_1   B 
_pdbx_validate_close_contact.auth_atom_id_2   O 
_pdbx_validate_close_contact.auth_asym_id_2   A 
_pdbx_validate_close_contact.auth_comp_id_2   HOH 
_pdbx_validate_close_contact.auth_seq_id_2    210 
_pdbx_validate_close_contact.PDB_ins_code_2   ? 
_pdbx_validate_close_contact.label_alt_id_2   ? 
_pdbx_validate_close_contact.dist             2.16 
# 
loop_
_pdbx_unobs_or_zero_occ_residues.id 
_pdbx_unobs_or_zero_occ_residues.PDB_model_num 
_pdbx_unobs_or_zero_occ_residues.polymer_flag 
_pdbx_unobs_or_zero_occ_residues.occupancy_flag 
_pdbx_unobs_or_zero_occ_residues.auth_asym_id 
_pdbx_unobs_or_zero_occ_residues.auth_comp_id 
_pdbx_unobs_or_zero_occ_residues.auth_seq_id 
_pdbx_unobs_or_zero_occ_residues.PDB_ins_code 
_pdbx_unobs_or_zero_occ_residues.label_asym_id 
_pdbx_unobs_or_zero_occ_residues.label_comp_id 
_pdbx_unobs_or_zero_occ_residues.label_seq_id 
1  1 Y 1 A MET 6   ? A MET 1   
2  1 Y 1 A ARG 7   ? A ARG 2   
3  1 Y 1 A GLY 8   ? A GLY 3   
4  1 Y 1 A SER 9   ? A SER 4   
5  1 Y 1 A HIS 10  ? A HIS 5   
6  1 Y 1 A HIS 11  ? A HIS 6   
7  1 Y 1 A SER 203 ? A SER 198 
8  1 Y 1 A LEU 204 ? A LEU 199 
9  1 Y 1 A ILE 205 ? A ILE 200 
10 1 Y 1 A SER 206 ? A SER 201 
# 
loop_
_chem_comp_atom.comp_id 
_chem_comp_atom.atom_id 
_chem_comp_atom.type_symbol 
_chem_comp_atom.pdbx_aromatic_flag 
_chem_comp_atom.pdbx_stereo_config 
_chem_comp_atom.pdbx_ordinal 
ALA N    N N N 1   
ALA CA   C N S 2   
ALA C    C N N 3   
ALA O    O N N 4   
ALA CB   C N N 5   
ALA OXT  O N N 6   
ALA H    H N N 7   
ALA H2   H N N 8   
ALA HA   H N N 9   
ALA HB1  H N N 10  
ALA HB2  H N N 11  
ALA HB3  H N N 12  
ALA HXT  H N N 13  
ARG N    N N N 14  
ARG CA   C N S 15  
ARG C    C N N 16  
ARG O    O N N 17  
ARG CB   C N N 18  
ARG CG   C N N 19  
ARG CD   C N N 20  
ARG NE   N N N 21  
ARG CZ   C N N 22  
ARG NH1  N N N 23  
ARG NH2  N N N 24  
ARG OXT  O N N 25  
ARG H    H N N 26  
ARG H2   H N N 27  
ARG HA   H N N 28  
ARG HB2  H N N 29  
ARG HB3  H N N 30  
ARG HG2  H N N 31  
ARG HG3  H N N 32  
ARG HD2  H N N 33  
ARG HD3  H N N 34  
ARG HE   H N N 35  
ARG HH11 H N N 36  
ARG HH12 H N N 37  
ARG HH21 H N N 38  
ARG HH22 H N N 39  
ARG HXT  H N N 40  
ASN N    N N N 41  
ASN CA   C N S 42  
ASN C    C N N 43  
ASN O    O N N 44  
ASN CB   C N N 45  
ASN CG   C N N 46  
ASN OD1  O N N 47  
ASN ND2  N N N 48  
ASN OXT  O N N 49  
ASN H    H N N 50  
ASN H2   H N N 51  
ASN HA   H N N 52  
ASN HB2  H N N 53  
ASN HB3  H N N 54  
ASN HD21 H N N 55  
ASN HD22 H N N 56  
ASN HXT  H N N 57  
ASP N    N N N 58  
ASP CA   C N S 59  
ASP C    C N N 60  
ASP O    O N N 61  
ASP CB   C N N 62  
ASP CG   C N N 63  
ASP OD1  O N N 64  
ASP OD2  O N N 65  
ASP OXT  O N N 66  
ASP H    H N N 67  
ASP H2   H N N 68  
ASP HA   H N N 69  
ASP HB2  H N N 70  
ASP HB3  H N N 71  
ASP HD2  H N N 72  
ASP HXT  H N N 73  
GLN N    N N N 74  
GLN CA   C N S 75  
GLN C    C N N 76  
GLN O    O N N 77  
GLN CB   C N N 78  
GLN CG   C N N 79  
GLN CD   C N N 80  
GLN OE1  O N N 81  
GLN NE2  N N N 82  
GLN OXT  O N N 83  
GLN H    H N N 84  
GLN H2   H N N 85  
GLN HA   H N N 86  
GLN HB2  H N N 87  
GLN HB3  H N N 88  
GLN HG2  H N N 89  
GLN HG3  H N N 90  
GLN HE21 H N N 91  
GLN HE22 H N N 92  
GLN HXT  H N N 93  
GLU N    N N N 94  
GLU CA   C N S 95  
GLU C    C N N 96  
GLU O    O N N 97  
GLU CB   C N N 98  
GLU CG   C N N 99  
GLU CD   C N N 100 
GLU OE1  O N N 101 
GLU OE2  O N N 102 
GLU OXT  O N N 103 
GLU H    H N N 104 
GLU H2   H N N 105 
GLU HA   H N N 106 
GLU HB2  H N N 107 
GLU HB3  H N N 108 
GLU HG2  H N N 109 
GLU HG3  H N N 110 
GLU HE2  H N N 111 
GLU HXT  H N N 112 
GLY N    N N N 113 
GLY CA   C N N 114 
GLY C    C N N 115 
GLY O    O N N 116 
GLY OXT  O N N 117 
GLY H    H N N 118 
GLY H2   H N N 119 
GLY HA2  H N N 120 
GLY HA3  H N N 121 
GLY HXT  H N N 122 
HIS N    N N N 123 
HIS CA   C N S 124 
HIS C    C N N 125 
HIS O    O N N 126 
HIS CB   C N N 127 
HIS CG   C Y N 128 
HIS ND1  N Y N 129 
HIS CD2  C Y N 130 
HIS CE1  C Y N 131 
HIS NE2  N Y N 132 
HIS OXT  O N N 133 
HIS H    H N N 134 
HIS H2   H N N 135 
HIS HA   H N N 136 
HIS HB2  H N N 137 
HIS HB3  H N N 138 
HIS HD1  H N N 139 
HIS HD2  H N N 140 
HIS HE1  H N N 141 
HIS HE2  H N N 142 
HIS HXT  H N N 143 
HOH O    O N N 144 
HOH H1   H N N 145 
HOH H2   H N N 146 
ILE N    N N N 147 
ILE CA   C N S 148 
ILE C    C N N 149 
ILE O    O N N 150 
ILE CB   C N S 151 
ILE CG1  C N N 152 
ILE CG2  C N N 153 
ILE CD1  C N N 154 
ILE OXT  O N N 155 
ILE H    H N N 156 
ILE H2   H N N 157 
ILE HA   H N N 158 
ILE HB   H N N 159 
ILE HG12 H N N 160 
ILE HG13 H N N 161 
ILE HG21 H N N 162 
ILE HG22 H N N 163 
ILE HG23 H N N 164 
ILE HD11 H N N 165 
ILE HD12 H N N 166 
ILE HD13 H N N 167 
ILE HXT  H N N 168 
LEU N    N N N 169 
LEU CA   C N S 170 
LEU C    C N N 171 
LEU O    O N N 172 
LEU CB   C N N 173 
LEU CG   C N N 174 
LEU CD1  C N N 175 
LEU CD2  C N N 176 
LEU OXT  O N N 177 
LEU H    H N N 178 
LEU H2   H N N 179 
LEU HA   H N N 180 
LEU HB2  H N N 181 
LEU HB3  H N N 182 
LEU HG   H N N 183 
LEU HD11 H N N 184 
LEU HD12 H N N 185 
LEU HD13 H N N 186 
LEU HD21 H N N 187 
LEU HD22 H N N 188 
LEU HD23 H N N 189 
LEU HXT  H N N 190 
LYS N    N N N 191 
LYS CA   C N S 192 
LYS C    C N N 193 
LYS O    O N N 194 
LYS CB   C N N 195 
LYS CG   C N N 196 
LYS CD   C N N 197 
LYS CE   C N N 198 
LYS NZ   N N N 199 
LYS OXT  O N N 200 
LYS H    H N N 201 
LYS H2   H N N 202 
LYS HA   H N N 203 
LYS HB2  H N N 204 
LYS HB3  H N N 205 
LYS HG2  H N N 206 
LYS HG3  H N N 207 
LYS HD2  H N N 208 
LYS HD3  H N N 209 
LYS HE2  H N N 210 
LYS HE3  H N N 211 
LYS HZ1  H N N 212 
LYS HZ2  H N N 213 
LYS HZ3  H N N 214 
LYS HXT  H N N 215 
MET N    N N N 216 
MET CA   C N S 217 
MET C    C N N 218 
MET O    O N N 219 
MET CB   C N N 220 
MET CG   C N N 221 
MET SD   S N N 222 
MET CE   C N N 223 
MET OXT  O N N 224 
MET H    H N N 225 
MET H2   H N N 226 
MET HA   H N N 227 
MET HB2  H N N 228 
MET HB3  H N N 229 
MET HG2  H N N 230 
MET HG3  H N N 231 
MET HE1  H N N 232 
MET HE2  H N N 233 
MET HE3  H N N 234 
MET HXT  H N N 235 
PHE N    N N N 236 
PHE CA   C N S 237 
PHE C    C N N 238 
PHE O    O N N 239 
PHE CB   C N N 240 
PHE CG   C Y N 241 
PHE CD1  C Y N 242 
PHE CD2  C Y N 243 
PHE CE1  C Y N 244 
PHE CE2  C Y N 245 
PHE CZ   C Y N 246 
PHE OXT  O N N 247 
PHE H    H N N 248 
PHE H2   H N N 249 
PHE HA   H N N 250 
PHE HB2  H N N 251 
PHE HB3  H N N 252 
PHE HD1  H N N 253 
PHE HD2  H N N 254 
PHE HE1  H N N 255 
PHE HE2  H N N 256 
PHE HZ   H N N 257 
PHE HXT  H N N 258 
PRO N    N N N 259 
PRO CA   C N S 260 
PRO C    C N N 261 
PRO O    O N N 262 
PRO CB   C N N 263 
PRO CG   C N N 264 
PRO CD   C N N 265 
PRO OXT  O N N 266 
PRO H    H N N 267 
PRO HA   H N N 268 
PRO HB2  H N N 269 
PRO HB3  H N N 270 
PRO HG2  H N N 271 
PRO HG3  H N N 272 
PRO HD2  H N N 273 
PRO HD3  H N N 274 
PRO HXT  H N N 275 
SER N    N N N 276 
SER CA   C N S 277 
SER C    C N N 278 
SER O    O N N 279 
SER CB   C N N 280 
SER OG   O N N 281 
SER OXT  O N N 282 
SER H    H N N 283 
SER H2   H N N 284 
SER HA   H N N 285 
SER HB2  H N N 286 
SER HB3  H N N 287 
SER HG   H N N 288 
SER HXT  H N N 289 
THR N    N N N 290 
THR CA   C N S 291 
THR C    C N N 292 
THR O    O N N 293 
THR CB   C N R 294 
THR OG1  O N N 295 
THR CG2  C N N 296 
THR OXT  O N N 297 
THR H    H N N 298 
THR H2   H N N 299 
THR HA   H N N 300 
THR HB   H N N 301 
THR HG1  H N N 302 
THR HG21 H N N 303 
THR HG22 H N N 304 
THR HG23 H N N 305 
THR HXT  H N N 306 
TRP N    N N N 307 
TRP CA   C N S 308 
TRP C    C N N 309 
TRP O    O N N 310 
TRP CB   C N N 311 
TRP CG   C Y N 312 
TRP CD1  C Y N 313 
TRP CD2  C Y N 314 
TRP NE1  N Y N 315 
TRP CE2  C Y N 316 
TRP CE3  C Y N 317 
TRP CZ2  C Y N 318 
TRP CZ3  C Y N 319 
TRP CH2  C Y N 320 
TRP OXT  O N N 321 
TRP H    H N N 322 
TRP H2   H N N 323 
TRP HA   H N N 324 
TRP HB2  H N N 325 
TRP HB3  H N N 326 
TRP HD1  H N N 327 
TRP HE1  H N N 328 
TRP HE3  H N N 329 
TRP HZ2  H N N 330 
TRP HZ3  H N N 331 
TRP HH2  H N N 332 
TRP HXT  H N N 333 
TYR N    N N N 334 
TYR CA   C N S 335 
TYR C    C N N 336 
TYR O    O N N 337 
TYR CB   C N N 338 
TYR CG   C Y N 339 
TYR CD1  C Y N 340 
TYR CD2  C Y N 341 
TYR CE1  C Y N 342 
TYR CE2  C Y N 343 
TYR CZ   C Y N 344 
TYR OH   O N N 345 
TYR OXT  O N N 346 
TYR H    H N N 347 
TYR H2   H N N 348 
TYR HA   H N N 349 
TYR HB2  H N N 350 
TYR HB3  H N N 351 
TYR HD1  H N N 352 
TYR HD2  H N N 353 
TYR HE1  H N N 354 
TYR HE2  H N N 355 
TYR HH   H N N 356 
TYR HXT  H N N 357 
VAL N    N N N 358 
VAL CA   C N S 359 
VAL C    C N N 360 
VAL O    O N N 361 
VAL CB   C N N 362 
VAL CG1  C N N 363 
VAL CG2  C N N 364 
VAL OXT  O N N 365 
VAL H    H N N 366 
VAL H2   H N N 367 
VAL HA   H N N 368 
VAL HB   H N N 369 
VAL HG11 H N N 370 
VAL HG12 H N N 371 
VAL HG13 H N N 372 
VAL HG21 H N N 373 
VAL HG22 H N N 374 
VAL HG23 H N N 375 
VAL HXT  H N N 376 
# 
loop_
_chem_comp_bond.comp_id 
_chem_comp_bond.atom_id_1 
_chem_comp_bond.atom_id_2 
_chem_comp_bond.value_order 
_chem_comp_bond.pdbx_aromatic_flag 
_chem_comp_bond.pdbx_stereo_config 
_chem_comp_bond.pdbx_ordinal 
ALA N   CA   sing N N 1   
ALA N   H    sing N N 2   
ALA N   H2   sing N N 3   
ALA CA  C    sing N N 4   
ALA CA  CB   sing N N 5   
ALA CA  HA   sing N N 6   
ALA C   O    doub N N 7   
ALA C   OXT  sing N N 8   
ALA CB  HB1  sing N N 9   
ALA CB  HB2  sing N N 10  
ALA CB  HB3  sing N N 11  
ALA OXT HXT  sing N N 12  
ARG N   CA   sing N N 13  
ARG N   H    sing N N 14  
ARG N   H2   sing N N 15  
ARG CA  C    sing N N 16  
ARG CA  CB   sing N N 17  
ARG CA  HA   sing N N 18  
ARG C   O    doub N N 19  
ARG C   OXT  sing N N 20  
ARG CB  CG   sing N N 21  
ARG CB  HB2  sing N N 22  
ARG CB  HB3  sing N N 23  
ARG CG  CD   sing N N 24  
ARG CG  HG2  sing N N 25  
ARG CG  HG3  sing N N 26  
ARG CD  NE   sing N N 27  
ARG CD  HD2  sing N N 28  
ARG CD  HD3  sing N N 29  
ARG NE  CZ   sing N N 30  
ARG NE  HE   sing N N 31  
ARG CZ  NH1  sing N N 32  
ARG CZ  NH2  doub N N 33  
ARG NH1 HH11 sing N N 34  
ARG NH1 HH12 sing N N 35  
ARG NH2 HH21 sing N N 36  
ARG NH2 HH22 sing N N 37  
ARG OXT HXT  sing N N 38  
ASN N   CA   sing N N 39  
ASN N   H    sing N N 40  
ASN N   H2   sing N N 41  
ASN CA  C    sing N N 42  
ASN CA  CB   sing N N 43  
ASN CA  HA   sing N N 44  
ASN C   O    doub N N 45  
ASN C   OXT  sing N N 46  
ASN CB  CG   sing N N 47  
ASN CB  HB2  sing N N 48  
ASN CB  HB3  sing N N 49  
ASN CG  OD1  doub N N 50  
ASN CG  ND2  sing N N 51  
ASN ND2 HD21 sing N N 52  
ASN ND2 HD22 sing N N 53  
ASN OXT HXT  sing N N 54  
ASP N   CA   sing N N 55  
ASP N   H    sing N N 56  
ASP N   H2   sing N N 57  
ASP CA  C    sing N N 58  
ASP CA  CB   sing N N 59  
ASP CA  HA   sing N N 60  
ASP C   O    doub N N 61  
ASP C   OXT  sing N N 62  
ASP CB  CG   sing N N 63  
ASP CB  HB2  sing N N 64  
ASP CB  HB3  sing N N 65  
ASP CG  OD1  doub N N 66  
ASP CG  OD2  sing N N 67  
ASP OD2 HD2  sing N N 68  
ASP OXT HXT  sing N N 69  
GLN N   CA   sing N N 70  
GLN N   H    sing N N 71  
GLN N   H2   sing N N 72  
GLN CA  C    sing N N 73  
GLN CA  CB   sing N N 74  
GLN CA  HA   sing N N 75  
GLN C   O    doub N N 76  
GLN C   OXT  sing N N 77  
GLN CB  CG   sing N N 78  
GLN CB  HB2  sing N N 79  
GLN CB  HB3  sing N N 80  
GLN CG  CD   sing N N 81  
GLN CG  HG2  sing N N 82  
GLN CG  HG3  sing N N 83  
GLN CD  OE1  doub N N 84  
GLN CD  NE2  sing N N 85  
GLN NE2 HE21 sing N N 86  
GLN NE2 HE22 sing N N 87  
GLN OXT HXT  sing N N 88  
GLU N   CA   sing N N 89  
GLU N   H    sing N N 90  
GLU N   H2   sing N N 91  
GLU CA  C    sing N N 92  
GLU CA  CB   sing N N 93  
GLU CA  HA   sing N N 94  
GLU C   O    doub N N 95  
GLU C   OXT  sing N N 96  
GLU CB  CG   sing N N 97  
GLU CB  HB2  sing N N 98  
GLU CB  HB3  sing N N 99  
GLU CG  CD   sing N N 100 
GLU CG  HG2  sing N N 101 
GLU CG  HG3  sing N N 102 
GLU CD  OE1  doub N N 103 
GLU CD  OE2  sing N N 104 
GLU OE2 HE2  sing N N 105 
GLU OXT HXT  sing N N 106 
GLY N   CA   sing N N 107 
GLY N   H    sing N N 108 
GLY N   H2   sing N N 109 
GLY CA  C    sing N N 110 
GLY CA  HA2  sing N N 111 
GLY CA  HA3  sing N N 112 
GLY C   O    doub N N 113 
GLY C   OXT  sing N N 114 
GLY OXT HXT  sing N N 115 
HIS N   CA   sing N N 116 
HIS N   H    sing N N 117 
HIS N   H2   sing N N 118 
HIS CA  C    sing N N 119 
HIS CA  CB   sing N N 120 
HIS CA  HA   sing N N 121 
HIS C   O    doub N N 122 
HIS C   OXT  sing N N 123 
HIS CB  CG   sing N N 124 
HIS CB  HB2  sing N N 125 
HIS CB  HB3  sing N N 126 
HIS CG  ND1  sing Y N 127 
HIS CG  CD2  doub Y N 128 
HIS ND1 CE1  doub Y N 129 
HIS ND1 HD1  sing N N 130 
HIS CD2 NE2  sing Y N 131 
HIS CD2 HD2  sing N N 132 
HIS CE1 NE2  sing Y N 133 
HIS CE1 HE1  sing N N 134 
HIS NE2 HE2  sing N N 135 
HIS OXT HXT  sing N N 136 
HOH O   H1   sing N N 137 
HOH O   H2   sing N N 138 
ILE N   CA   sing N N 139 
ILE N   H    sing N N 140 
ILE N   H2   sing N N 141 
ILE CA  C    sing N N 142 
ILE CA  CB   sing N N 143 
ILE CA  HA   sing N N 144 
ILE C   O    doub N N 145 
ILE C   OXT  sing N N 146 
ILE CB  CG1  sing N N 147 
ILE CB  CG2  sing N N 148 
ILE CB  HB   sing N N 149 
ILE CG1 CD1  sing N N 150 
ILE CG1 HG12 sing N N 151 
ILE CG1 HG13 sing N N 152 
ILE CG2 HG21 sing N N 153 
ILE CG2 HG22 sing N N 154 
ILE CG2 HG23 sing N N 155 
ILE CD1 HD11 sing N N 156 
ILE CD1 HD12 sing N N 157 
ILE CD1 HD13 sing N N 158 
ILE OXT HXT  sing N N 159 
LEU N   CA   sing N N 160 
LEU N   H    sing N N 161 
LEU N   H2   sing N N 162 
LEU CA  C    sing N N 163 
LEU CA  CB   sing N N 164 
LEU CA  HA   sing N N 165 
LEU C   O    doub N N 166 
LEU C   OXT  sing N N 167 
LEU CB  CG   sing N N 168 
LEU CB  HB2  sing N N 169 
LEU CB  HB3  sing N N 170 
LEU CG  CD1  sing N N 171 
LEU CG  CD2  sing N N 172 
LEU CG  HG   sing N N 173 
LEU CD1 HD11 sing N N 174 
LEU CD1 HD12 sing N N 175 
LEU CD1 HD13 sing N N 176 
LEU CD2 HD21 sing N N 177 
LEU CD2 HD22 sing N N 178 
LEU CD2 HD23 sing N N 179 
LEU OXT HXT  sing N N 180 
LYS N   CA   sing N N 181 
LYS N   H    sing N N 182 
LYS N   H2   sing N N 183 
LYS CA  C    sing N N 184 
LYS CA  CB   sing N N 185 
LYS CA  HA   sing N N 186 
LYS C   O    doub N N 187 
LYS C   OXT  sing N N 188 
LYS CB  CG   sing N N 189 
LYS CB  HB2  sing N N 190 
LYS CB  HB3  sing N N 191 
LYS CG  CD   sing N N 192 
LYS CG  HG2  sing N N 193 
LYS CG  HG3  sing N N 194 
LYS CD  CE   sing N N 195 
LYS CD  HD2  sing N N 196 
LYS CD  HD3  sing N N 197 
LYS CE  NZ   sing N N 198 
LYS CE  HE2  sing N N 199 
LYS CE  HE3  sing N N 200 
LYS NZ  HZ1  sing N N 201 
LYS NZ  HZ2  sing N N 202 
LYS NZ  HZ3  sing N N 203 
LYS OXT HXT  sing N N 204 
MET N   CA   sing N N 205 
MET N   H    sing N N 206 
MET N   H2   sing N N 207 
MET CA  C    sing N N 208 
MET CA  CB   sing N N 209 
MET CA  HA   sing N N 210 
MET C   O    doub N N 211 
MET C   OXT  sing N N 212 
MET CB  CG   sing N N 213 
MET CB  HB2  sing N N 214 
MET CB  HB3  sing N N 215 
MET CG  SD   sing N N 216 
MET CG  HG2  sing N N 217 
MET CG  HG3  sing N N 218 
MET SD  CE   sing N N 219 
MET CE  HE1  sing N N 220 
MET CE  HE2  sing N N 221 
MET CE  HE3  sing N N 222 
MET OXT HXT  sing N N 223 
PHE N   CA   sing N N 224 
PHE N   H    sing N N 225 
PHE N   H2   sing N N 226 
PHE CA  C    sing N N 227 
PHE CA  CB   sing N N 228 
PHE CA  HA   sing N N 229 
PHE C   O    doub N N 230 
PHE C   OXT  sing N N 231 
PHE CB  CG   sing N N 232 
PHE CB  HB2  sing N N 233 
PHE CB  HB3  sing N N 234 
PHE CG  CD1  doub Y N 235 
PHE CG  CD2  sing Y N 236 
PHE CD1 CE1  sing Y N 237 
PHE CD1 HD1  sing N N 238 
PHE CD2 CE2  doub Y N 239 
PHE CD2 HD2  sing N N 240 
PHE CE1 CZ   doub Y N 241 
PHE CE1 HE1  sing N N 242 
PHE CE2 CZ   sing Y N 243 
PHE CE2 HE2  sing N N 244 
PHE CZ  HZ   sing N N 245 
PHE OXT HXT  sing N N 246 
PRO N   CA   sing N N 247 
PRO N   CD   sing N N 248 
PRO N   H    sing N N 249 
PRO CA  C    sing N N 250 
PRO CA  CB   sing N N 251 
PRO CA  HA   sing N N 252 
PRO C   O    doub N N 253 
PRO C   OXT  sing N N 254 
PRO CB  CG   sing N N 255 
PRO CB  HB2  sing N N 256 
PRO CB  HB3  sing N N 257 
PRO CG  CD   sing N N 258 
PRO CG  HG2  sing N N 259 
PRO CG  HG3  sing N N 260 
PRO CD  HD2  sing N N 261 
PRO CD  HD3  sing N N 262 
PRO OXT HXT  sing N N 263 
SER N   CA   sing N N 264 
SER N   H    sing N N 265 
SER N   H2   sing N N 266 
SER CA  C    sing N N 267 
SER CA  CB   sing N N 268 
SER CA  HA   sing N N 269 
SER C   O    doub N N 270 
SER C   OXT  sing N N 271 
SER CB  OG   sing N N 272 
SER CB  HB2  sing N N 273 
SER CB  HB3  sing N N 274 
SER OG  HG   sing N N 275 
SER OXT HXT  sing N N 276 
THR N   CA   sing N N 277 
THR N   H    sing N N 278 
THR N   H2   sing N N 279 
THR CA  C    sing N N 280 
THR CA  CB   sing N N 281 
THR CA  HA   sing N N 282 
THR C   O    doub N N 283 
THR C   OXT  sing N N 284 
THR CB  OG1  sing N N 285 
THR CB  CG2  sing N N 286 
THR CB  HB   sing N N 287 
THR OG1 HG1  sing N N 288 
THR CG2 HG21 sing N N 289 
THR CG2 HG22 sing N N 290 
THR CG2 HG23 sing N N 291 
THR OXT HXT  sing N N 292 
TRP N   CA   sing N N 293 
TRP N   H    sing N N 294 
TRP N   H2   sing N N 295 
TRP CA  C    sing N N 296 
TRP CA  CB   sing N N 297 
TRP CA  HA   sing N N 298 
TRP C   O    doub N N 299 
TRP C   OXT  sing N N 300 
TRP CB  CG   sing N N 301 
TRP CB  HB2  sing N N 302 
TRP CB  HB3  sing N N 303 
TRP CG  CD1  doub Y N 304 
TRP CG  CD2  sing Y N 305 
TRP CD1 NE1  sing Y N 306 
TRP CD1 HD1  sing N N 307 
TRP CD2 CE2  doub Y N 308 
TRP CD2 CE3  sing Y N 309 
TRP NE1 CE2  sing Y N 310 
TRP NE1 HE1  sing N N 311 
TRP CE2 CZ2  sing Y N 312 
TRP CE3 CZ3  doub Y N 313 
TRP CE3 HE3  sing N N 314 
TRP CZ2 CH2  doub Y N 315 
TRP CZ2 HZ2  sing N N 316 
TRP CZ3 CH2  sing Y N 317 
TRP CZ3 HZ3  sing N N 318 
TRP CH2 HH2  sing N N 319 
TRP OXT HXT  sing N N 320 
TYR N   CA   sing N N 321 
TYR N   H    sing N N 322 
TYR N   H2   sing N N 323 
TYR CA  C    sing N N 324 
TYR CA  CB   sing N N 325 
TYR CA  HA   sing N N 326 
TYR C   O    doub N N 327 
TYR C   OXT  sing N N 328 
TYR CB  CG   sing N N 329 
TYR CB  HB2  sing N N 330 
TYR CB  HB3  sing N N 331 
TYR CG  CD1  doub Y N 332 
TYR CG  CD2  sing Y N 333 
TYR CD1 CE1  sing Y N 334 
TYR CD1 HD1  sing N N 335 
TYR CD2 CE2  doub Y N 336 
TYR CD2 HD2  sing N N 337 
TYR CE1 CZ   doub Y N 338 
TYR CE1 HE1  sing N N 339 
TYR CE2 CZ   sing Y N 340 
TYR CE2 HE2  sing N N 341 
TYR CZ  OH   sing N N 342 
TYR OH  HH   sing N N 343 
TYR OXT HXT  sing N N 344 
VAL N   CA   sing N N 345 
VAL N   H    sing N N 346 
VAL N   H2   sing N N 347 
VAL CA  C    sing N N 348 
VAL CA  CB   sing N N 349 
VAL CA  HA   sing N N 350 
VAL C   O    doub N N 351 
VAL C   OXT  sing N N 352 
VAL CB  CG1  sing N N 353 
VAL CB  CG2  sing N N 354 
VAL CB  HB   sing N N 355 
VAL CG1 HG11 sing N N 356 
VAL CG1 HG12 sing N N 357 
VAL CG1 HG13 sing N N 358 
VAL CG2 HG21 sing N N 359 
VAL CG2 HG22 sing N N 360 
VAL CG2 HG23 sing N N 361 
VAL OXT HXT  sing N N 362 
# 
_pdbx_entity_nonpoly.entity_id   2 
_pdbx_entity_nonpoly.name        water 
_pdbx_entity_nonpoly.comp_id     HOH 
# 
_pdbx_initial_refinement_model.id               1 
_pdbx_initial_refinement_model.entity_id_list   ? 
_pdbx_initial_refinement_model.type             'experimental model' 
_pdbx_initial_refinement_model.source_name      PDB 
_pdbx_initial_refinement_model.accession_code   3LTM 
_pdbx_initial_refinement_model.details          'PDB ENTRY 3LTM' 
# 
